data_8A6I
#
_entry.id   8A6I
#
_entity_poly.entity_id   1
_entity_poly.type   'polypeptide(L)'
_entity_poly.pdbx_seq_one_letter_code
;GG(MHO)NFGAFSINPA(MHO)(MHO)AAAQAALQSSWG(MHO)(MHO)G(MHO)LASQQNQSGPS
;
_entity_poly.pdbx_strand_id   A
#
# COMPACT_ATOMS: atom_id res chain seq x y z
N GLY A 1 8.54 3.61 1.99
CA GLY A 1 7.85 2.70 1.09
C GLY A 1 6.60 2.12 1.71
N GLY A 2 5.44 2.57 1.24
CA GLY A 2 4.17 2.09 1.75
C GLY A 2 3.85 0.69 1.26
N MHO A 3 3.03 0.61 0.03
CA MHO A 3 3.71 -0.35 -0.84
CB MHO A 3 3.21 -1.78 -0.54
CG MHO A 3 4.14 -2.92 -1.01
SD MHO A 3 3.42 -4.51 -0.59
CE MHO A 3 3.54 -4.41 1.20
C MHO A 3 3.49 0.02 -2.29
O MHO A 3 2.54 -0.51 -2.88
OD1 MHO A 3 1.76 -4.64 -1.13
H MHO A 3 2.83 1.63 -0.26
HA MHO A 3 4.79 -0.28 -0.66
HB2 MHO A 3 2.23 -1.93 -1.01
HB3 MHO A 3 3.02 -1.90 0.55
HG2 MHO A 3 5.13 -2.83 -0.52
HG3 MHO A 3 4.32 -2.88 -2.09
HE1 MHO A 3 2.56 -4.19 1.65
HE2 MHO A 3 3.90 -5.37 1.61
HE3 MHO A 3 4.25 -3.62 1.50
N ASN A 4 4.32 0.87 -2.88
CA ASN A 4 4.15 1.26 -4.28
C ASN A 4 5.35 2.06 -4.76
N PHE A 5 6.05 1.53 -5.78
CA PHE A 5 7.21 2.19 -6.33
C PHE A 5 6.93 2.68 -7.75
N GLY A 6 7.87 3.46 -8.29
CA GLY A 6 7.71 3.99 -9.63
C GLY A 6 6.59 5.03 -9.72
N ALA A 7 6.93 6.22 -10.18
CA ALA A 7 5.95 7.29 -10.30
C ALA A 7 4.99 7.03 -11.46
N PHE A 8 3.76 6.65 -11.12
CA PHE A 8 2.75 6.36 -12.13
C PHE A 8 1.68 7.45 -12.16
N SER A 9 1.25 7.83 -13.36
CA SER A 9 0.24 8.86 -13.53
C SER A 9 -1.16 8.25 -13.51
N ILE A 10 -2.03 8.79 -12.65
CA ILE A 10 -3.40 8.30 -12.55
C ILE A 10 -4.36 9.44 -12.21
N ASN A 11 -5.60 9.31 -12.69
CA ASN A 11 -6.62 10.33 -12.44
C ASN A 11 -7.94 9.69 -12.01
N PRO A 12 -8.00 9.25 -10.75
CA PRO A 12 -9.19 8.60 -10.19
C PRO A 12 -10.35 9.59 -10.01
N ALA A 13 -11.24 9.63 -11.00
CA ALA A 13 -12.39 10.53 -10.94
C ALA A 13 -13.51 9.93 -10.12
N MHO A 14 -13.99 8.60 -10.53
CA MHO A 14 -14.03 7.78 -9.31
CB MHO A 14 -14.69 6.42 -9.61
CG MHO A 14 -16.18 6.48 -10.02
SD MHO A 14 -16.33 6.66 -11.80
CE MHO A 14 -16.74 4.97 -12.23
C MHO A 14 -12.64 7.59 -8.74
O MHO A 14 -11.72 7.21 -9.44
OD1 MHO A 14 -17.59 7.78 -12.25
H MHO A 14 -13.38 8.32 -11.38
HA MHO A 14 -14.62 8.32 -8.55
HB2 MHO A 14 -14.62 5.76 -8.73
HB3 MHO A 14 -14.13 5.88 -10.40
HG2 MHO A 14 -16.69 7.33 -9.53
HG3 MHO A 14 -16.72 5.56 -9.71
HE1 MHO A 14 -16.29 4.68 -13.19
HE2 MHO A 14 -16.37 4.28 -11.45
HE3 MHO A 14 -17.84 4.83 -12.31
N MHO A 15 -12.41 7.87 -7.31
CA MHO A 15 -11.69 6.71 -6.78
CB MHO A 15 -11.26 6.99 -5.31
CG MHO A 15 -10.04 7.90 -5.14
SD MHO A 15 -9.36 7.71 -3.49
CE MHO A 15 -9.25 9.43 -3.02
C MHO A 15 -12.54 5.47 -6.87
O MHO A 15 -13.23 5.16 -5.91
OD1 MHO A 15 -10.43 6.81 -2.44
H MHO A 15 -13.37 8.18 -6.91
HA MHO A 15 -10.80 6.54 -7.41
HB2 MHO A 15 -11.04 6.03 -4.82
HB3 MHO A 15 -12.11 7.42 -4.75
HG2 MHO A 15 -10.32 8.96 -5.29
HG3 MHO A 15 -9.25 7.69 -5.88
HE1 MHO A 15 -10.09 9.72 -2.38
HE2 MHO A 15 -8.31 9.62 -2.47
HE3 MHO A 15 -9.26 10.09 -3.92
N ALA A 16 -12.50 4.74 -7.98
CA ALA A 16 -13.29 3.52 -8.13
C ALA A 16 -12.53 2.31 -7.62
N ALA A 17 -11.29 2.15 -8.09
CA ALA A 17 -10.45 1.03 -7.67
C ALA A 17 -10.31 0.98 -6.16
N ALA A 18 -10.15 2.14 -5.54
CA ALA A 18 -10.00 2.23 -4.10
C ALA A 18 -11.15 1.52 -3.38
N GLN A 19 -12.34 1.63 -3.95
CA GLN A 19 -13.52 1.00 -3.36
C GLN A 19 -13.33 -0.51 -3.27
N ALA A 20 -13.03 -1.14 -4.40
CA ALA A 20 -12.83 -2.58 -4.45
C ALA A 20 -11.62 -2.99 -3.62
N ALA A 21 -10.53 -2.23 -3.74
CA ALA A 21 -9.31 -2.51 -3.01
C ALA A 21 -9.57 -2.54 -1.51
N LEU A 22 -10.38 -1.61 -1.04
CA LEU A 22 -10.71 -1.53 0.38
C LEU A 22 -11.22 -2.86 0.90
N GLN A 23 -11.99 -3.56 0.07
CA GLN A 23 -12.55 -4.85 0.45
C GLN A 23 -11.55 -5.97 0.14
N SER A 24 -10.86 -5.85 -0.99
CA SER A 24 -9.89 -6.86 -1.40
C SER A 24 -8.77 -6.99 -0.37
N SER A 25 -8.40 -5.86 0.24
CA SER A 25 -7.34 -5.84 1.24
C SER A 25 -7.61 -6.88 2.33
N TRP A 26 -6.57 -7.22 3.08
CA TRP A 26 -6.69 -8.20 4.16
C TRP A 26 -5.71 -7.90 5.28
N GLY A 27 -6.15 -8.08 6.53
CA GLY A 27 -5.28 -7.83 7.66
C GLY A 27 -4.79 -9.10 8.31
N MHO A 28 -3.67 -8.97 9.27
CA MHO A 28 -4.07 -9.72 10.47
CB MHO A 28 -3.45 -11.14 10.41
CG MHO A 28 -4.44 -12.30 10.18
SD MHO A 28 -5.64 -12.36 11.52
CE MHO A 28 -6.63 -13.74 10.94
C MHO A 28 -3.65 -8.99 11.72
O MHO A 28 -4.44 -8.76 12.59
OD1 MHO A 28 -4.88 -12.70 13.06
H MHO A 28 -3.45 -7.91 9.31
HA MHO A 28 -5.17 -9.79 10.49
HB2 MHO A 28 -2.92 -11.34 11.37
HB3 MHO A 28 -2.66 -11.18 9.63
HG2 MHO A 28 -3.89 -13.27 10.13
HG3 MHO A 28 -4.97 -12.19 9.21
HE1 MHO A 28 -7.69 -13.45 10.84
HE2 MHO A 28 -6.28 -14.07 9.93
HE3 MHO A 28 -6.56 -14.60 11.62
N MHO A 29 -2.25 -8.55 11.86
CA MHO A 29 -2.30 -7.15 12.28
CB MHO A 29 -2.18 -7.05 13.82
CG MHO A 29 -3.45 -6.62 14.57
SD MHO A 29 -3.95 -4.98 14.04
CE MHO A 29 -5.48 -4.84 14.95
C MHO A 29 -1.22 -6.34 11.60
O MHO A 29 -1.50 -5.22 11.20
OD1 MHO A 29 -2.78 -3.76 14.52
H MHO A 29 -1.75 -8.87 10.95
HA MHO A 29 -3.27 -6.72 11.96
HB2 MHO A 29 -1.38 -6.35 14.08
HB3 MHO A 29 -1.84 -8.04 14.23
HG2 MHO A 29 -3.26 -6.61 15.66
HG3 MHO A 29 -4.29 -7.33 14.40
HE1 MHO A 29 -5.42 -4.06 15.73
HE2 MHO A 29 -6.31 -4.57 14.26
HE3 MHO A 29 -5.74 -5.80 15.44
N GLY A 30 -0.01 -6.88 11.46
CA GLY A 30 1.06 -6.14 10.83
C GLY A 30 1.93 -7.01 9.94
N MHO A 31 2.80 -6.33 8.98
CA MHO A 31 4.12 -6.92 9.13
CB MHO A 31 4.29 -8.10 8.13
CG MHO A 31 3.66 -7.90 6.74
SD MHO A 31 4.00 -9.32 5.71
CE MHO A 31 3.47 -8.65 4.13
C MHO A 31 5.21 -5.89 8.93
O MHO A 31 5.21 -5.25 7.88
OD1 MHO A 31 5.70 -9.75 5.70
H MHO A 31 2.63 -5.27 9.13
HA MHO A 31 4.23 -7.30 10.17
HB2 MHO A 31 3.85 -9.01 8.57
HB3 MHO A 31 5.37 -8.33 8.01
HG2 MHO A 31 4.09 -6.99 6.26
HG3 MHO A 31 2.58 -7.73 6.81
HE1 MHO A 31 2.89 -9.39 3.56
HE2 MHO A 31 2.84 -7.75 4.28
HE3 MHO A 31 4.34 -8.35 3.52
N LEU A 32 6.12 -5.71 9.88
CA LEU A 32 7.19 -4.73 9.75
C LEU A 32 8.40 -5.11 10.60
N ALA A 33 9.55 -4.54 10.28
CA ALA A 33 10.77 -4.82 11.01
C ALA A 33 10.88 -3.94 12.26
N SER A 34 10.94 -4.59 13.43
CA SER A 34 11.04 -3.87 14.69
C SER A 34 12.29 -2.98 14.72
N GLN A 35 13.41 -3.55 14.28
CA GLN A 35 14.67 -2.80 14.26
C GLN A 35 15.05 -2.42 12.83
N GLN A 36 15.39 -1.16 12.63
CA GLN A 36 15.78 -0.67 11.31
C GLN A 36 17.30 -0.67 11.15
N ASN A 37 17.76 -1.08 9.98
CA ASN A 37 19.19 -1.13 9.70
C ASN A 37 19.63 0.08 8.89
N GLN A 38 20.93 0.35 8.90
CA GLN A 38 21.49 1.48 8.16
C GLN A 38 22.42 1.01 7.05
N SER A 39 23.30 0.07 7.38
CA SER A 39 24.25 -0.46 6.42
C SER A 39 23.55 -1.36 5.40
N GLY A 40 24.25 -1.66 4.31
CA GLY A 40 23.68 -2.51 3.27
C GLY A 40 24.52 -2.52 2.01
N GLY A 1 -5.64 11.23 -12.75
CA GLY A 1 -4.54 12.01 -13.31
C GLY A 1 -3.72 11.22 -14.30
N GLY A 2 -3.22 11.90 -15.33
CA GLY A 2 -2.42 11.23 -16.35
C GLY A 2 -1.25 12.09 -16.80
N MHO A 3 -0.44 12.71 -15.74
CA MHO A 3 0.95 12.42 -16.05
CB MHO A 3 1.58 13.60 -16.83
CG MHO A 3 1.67 14.94 -16.07
SD MHO A 3 2.53 16.16 -17.07
CE MHO A 3 3.87 16.55 -15.94
C MHO A 3 1.75 12.12 -14.80
O MHO A 3 2.91 12.53 -14.74
OD1 MHO A 3 3.11 15.48 -18.58
H MHO A 3 -0.88 12.41 -14.80
HA MHO A 3 0.99 11.50 -16.68
HB2 MHO A 3 0.99 13.78 -17.76
HB3 MHO A 3 2.59 13.32 -17.20
HG2 MHO A 3 2.23 14.79 -15.12
HG3 MHO A 3 0.67 15.33 -15.80
HE1 MHO A 3 4.06 15.70 -15.25
HE2 MHO A 3 4.80 16.74 -16.51
HE3 MHO A 3 3.64 17.44 -15.35
N ASN A 4 1.17 11.42 -13.82
CA ASN A 4 1.89 11.10 -12.59
C ASN A 4 2.34 9.65 -12.59
N PHE A 5 2.95 9.22 -13.69
CA PHE A 5 3.43 7.85 -13.82
C PHE A 5 4.78 7.69 -13.11
N GLY A 6 5.06 6.48 -12.65
CA GLY A 6 6.31 6.20 -11.97
C GLY A 6 6.41 4.77 -11.49
N ALA A 7 5.70 4.46 -10.40
CA ALA A 7 5.72 3.12 -9.84
C ALA A 7 4.68 2.23 -10.52
N PHE A 8 5.12 1.08 -11.02
CA PHE A 8 4.23 0.15 -11.69
C PHE A 8 3.58 -0.80 -10.69
N SER A 9 2.38 -0.45 -10.24
CA SER A 9 1.65 -1.27 -9.28
C SER A 9 0.15 -1.12 -9.46
N ILE A 10 -0.61 -1.83 -8.64
CA ILE A 10 -2.07 -1.78 -8.71
C ILE A 10 -2.68 -1.57 -7.33
N ASN A 11 -4.01 -1.47 -7.28
CA ASN A 11 -4.72 -1.26 -6.03
C ASN A 11 -5.92 -2.19 -5.92
N PRO A 12 -6.40 -2.40 -4.69
CA PRO A 12 -7.55 -3.27 -4.42
C PRO A 12 -8.86 -2.67 -4.94
N ALA A 13 -9.82 -3.54 -5.25
CA ALA A 13 -11.12 -3.10 -5.75
C ALA A 13 -11.97 -2.50 -4.64
N MHO A 14 -12.14 -3.33 -3.43
CA MHO A 14 -11.85 -2.46 -2.29
CB MHO A 14 -13.18 -1.91 -1.70
CG MHO A 14 -14.30 -2.93 -1.45
SD MHO A 14 -14.05 -3.72 0.14
CE MHO A 14 -15.29 -2.83 1.08
C MHO A 14 -11.07 -3.21 -1.24
O MHO A 14 -11.26 -4.38 -1.03
OD1 MHO A 14 -14.38 -5.44 0.08
H MHO A 14 -11.60 -4.24 -3.62
HA MHO A 14 -11.21 -1.63 -2.64
HB2 MHO A 14 -13.58 -1.13 -2.38
HB3 MHO A 14 -12.97 -1.36 -0.76
HG2 MHO A 14 -14.28 -3.71 -2.24
HG3 MHO A 14 -15.30 -2.47 -1.48
HE1 MHO A 14 -15.11 -1.73 1.04
HE2 MHO A 14 -16.30 -3.02 0.67
HE3 MHO A 14 -15.29 -3.15 2.14
N MHO A 15 -10.05 -2.48 -0.46
CA MHO A 15 -10.31 -2.81 0.95
CB MHO A 15 -9.36 -3.96 1.40
CG MHO A 15 -9.79 -4.73 2.66
SD MHO A 15 -10.89 -6.08 2.23
CE MHO A 15 -10.34 -7.29 3.43
C MHO A 15 -10.15 -1.60 1.83
O MHO A 15 -9.19 -0.86 1.62
OD1 MHO A 15 -12.57 -5.65 2.44
H MHO A 15 -10.07 -1.47 -0.81
HA MHO A 15 -11.36 -3.16 1.04
HB2 MHO A 15 -8.35 -3.55 1.58
HB3 MHO A 15 -9.22 -4.68 0.57
HG2 MHO A 15 -10.31 -4.04 3.36
HG3 MHO A 15 -8.92 -5.14 3.21
HE1 MHO A 15 -10.44 -8.31 3.02
HE2 MHO A 15 -9.28 -7.11 3.69
HE3 MHO A 15 -10.93 -7.21 4.35
N ALA A 16 -11.04 -1.38 2.78
CA ALA A 16 -10.94 -0.22 3.67
C ALA A 16 -9.62 -0.23 4.43
N ALA A 17 -9.24 -1.39 4.93
CA ALA A 17 -7.98 -1.54 5.67
C ALA A 17 -6.78 -1.26 4.77
N ALA A 18 -6.87 -1.68 3.52
CA ALA A 18 -5.79 -1.47 2.56
C ALA A 18 -5.50 0.01 2.36
N GLN A 19 -6.54 0.77 2.03
CA GLN A 19 -6.39 2.20 1.81
C GLN A 19 -6.06 2.93 3.12
N ALA A 20 -6.64 2.45 4.21
CA ALA A 20 -6.40 3.04 5.52
C ALA A 20 -4.91 3.16 5.80
N ALA A 21 -4.14 2.15 5.42
CA ALA A 21 -2.71 2.14 5.63
C ALA A 21 -1.98 2.83 4.48
N LEU A 22 -2.49 2.63 3.26
CA LEU A 22 -1.89 3.23 2.08
C LEU A 22 -1.72 4.74 2.26
N GLN A 23 -2.82 5.41 2.57
CA GLN A 23 -2.80 6.86 2.77
C GLN A 23 -1.74 7.25 3.79
N SER A 24 -1.58 6.42 4.82
CA SER A 24 -0.60 6.68 5.87
C SER A 24 0.81 6.56 5.33
N SER A 25 1.02 5.63 4.41
CA SER A 25 2.33 5.40 3.83
C SER A 25 2.21 5.04 2.35
N TRP A 26 2.65 5.93 1.48
CA TRP A 26 2.60 5.71 0.04
C TRP A 26 3.41 4.48 -0.35
N GLY A 27 4.60 4.35 0.22
CA GLY A 27 5.46 3.23 -0.08
C GLY A 27 5.16 2.02 0.80
N MHO A 28 5.27 0.70 0.15
CA MHO A 28 6.06 -0.13 1.05
CB MHO A 28 5.13 -0.95 1.98
CG MHO A 28 3.82 -1.43 1.36
SD MHO A 28 4.13 -2.73 0.17
CE MHO A 28 3.53 -4.13 1.12
C MHO A 28 6.98 -1.04 0.26
O MHO A 28 6.88 -1.14 -0.94
OD1 MHO A 28 3.23 -2.50 -1.31
H MHO A 28 5.56 0.89 -0.87
HA MHO A 28 6.71 0.53 1.65
HB2 MHO A 28 4.89 -0.34 2.87
HB3 MHO A 28 5.68 -1.82 2.38
HG2 MHO A 28 3.30 -0.59 0.85
HG3 MHO A 28 3.11 -1.81 2.13
HE1 MHO A 28 3.33 -4.99 0.45
HE2 MHO A 28 4.27 -4.43 1.87
HE3 MHO A 28 2.58 -3.87 1.64
N MHO A 29 8.00 -1.81 0.97
CA MHO A 29 7.89 -3.19 0.50
CB MHO A 29 8.92 -3.45 -0.64
CG MHO A 29 8.36 -3.40 -2.08
SD MHO A 29 9.49 -4.22 -3.20
CE MHO A 29 9.39 -3.08 -4.58
C MHO A 29 8.07 -4.17 1.62
O MHO A 29 8.62 -3.78 2.65
OD1 MHO A 29 11.11 -4.31 -2.55
H MHO A 29 7.89 -1.56 2.02
HA MHO A 29 6.86 -3.34 0.11
HB2 MHO A 29 9.38 -4.44 -0.49
HB3 MHO A 29 9.75 -2.72 -0.56
HG2 MHO A 29 8.22 -2.35 -2.39
HG3 MHO A 29 7.37 -3.88 -2.14
HE1 MHO A 29 10.13 -3.33 -5.35
HE2 MHO A 29 8.38 -3.13 -5.04
HE3 MHO A 29 9.55 -2.05 -4.25
N GLY A 30 7.63 -5.42 1.48
CA GLY A 30 7.80 -6.40 2.54
C GLY A 30 6.98 -7.65 2.31
N MHO A 31 7.51 -8.89 2.89
CA MHO A 31 6.40 -9.52 3.60
CB MHO A 31 6.78 -10.95 4.03
CG MHO A 31 7.31 -11.88 2.92
SD MHO A 31 7.08 -13.60 3.39
CE MHO A 31 8.79 -14.14 3.29
C MHO A 31 5.96 -8.69 4.78
O MHO A 31 6.82 -8.01 5.35
OD1 MHO A 31 6.44 -13.76 5.01
H MHO A 31 8.43 -8.62 3.40
HA MHO A 31 5.53 -9.57 2.91
HB2 MHO A 31 5.91 -11.45 4.50
HB3 MHO A 31 7.54 -10.91 4.84
HG2 MHO A 31 8.39 -11.69 2.75
HG3 MHO A 31 6.80 -11.70 1.97
HE1 MHO A 31 8.94 -15.09 3.84
HE2 MHO A 31 9.08 -14.29 2.24
HE3 MHO A 31 9.47 -13.39 3.73
N LEU A 32 4.69 -8.72 5.17
CA LEU A 32 4.21 -7.95 6.30
C LEU A 32 3.30 -8.80 7.20
N ALA A 33 2.88 -8.22 8.32
CA ALA A 33 2.01 -8.91 9.26
C ALA A 33 1.18 -7.92 10.06
N SER A 34 0.19 -8.44 10.78
CA SER A 34 -0.70 -7.61 11.59
C SER A 34 -0.15 -7.46 13.01
N GLN A 35 0.17 -8.60 13.63
CA GLN A 35 0.70 -8.60 14.99
C GLN A 35 2.01 -7.81 15.07
N GLN A 36 2.81 -7.89 14.00
CA GLN A 36 4.08 -7.20 13.96
C GLN A 36 4.05 -6.08 12.90
N ASN A 37 4.09 -4.84 13.37
CA ASN A 37 4.06 -3.70 12.47
C ASN A 37 5.36 -2.90 12.58
N GLN A 38 6.45 -3.50 12.12
CA GLN A 38 7.76 -2.85 12.16
C GLN A 38 8.13 -2.46 13.59
N SER A 39 8.10 -3.43 14.49
CA SER A 39 8.43 -3.19 15.89
C SER A 39 8.83 -4.49 16.59
N GLY A 40 9.10 -4.38 17.89
CA GLY A 40 9.49 -5.56 18.65
C GLY A 40 8.76 -5.65 19.98
N GLY A 1 -7.43 22.33 -19.93
CA GLY A 1 -8.41 22.00 -20.95
C GLY A 1 -9.31 20.84 -20.52
N GLY A 2 -10.41 20.66 -21.25
CA GLY A 2 -11.32 19.58 -20.94
C GLY A 2 -11.82 18.86 -22.17
N MHO A 3 -10.91 17.86 -22.75
CA MHO A 3 -11.70 16.65 -22.97
CB MHO A 3 -10.83 15.57 -23.66
CG MHO A 3 -10.02 16.04 -24.89
SD MHO A 3 -9.38 14.61 -25.78
CE MHO A 3 -10.23 14.84 -27.34
C MHO A 3 -12.28 16.14 -21.67
O MHO A 3 -11.52 16.08 -20.69
OD1 MHO A 3 -7.64 14.68 -25.96
H MHO A 3 -10.03 17.86 -22.13
HA MHO A 3 -12.55 16.91 -23.63
HB2 MHO A 3 -11.48 14.73 -23.98
HB3 MHO A 3 -10.13 15.12 -22.93
HG2 MHO A 3 -9.19 16.68 -24.58
HG3 MHO A 3 -10.65 16.63 -25.59
HE1 MHO A 3 -11.25 14.42 -27.30
HE2 MHO A 3 -10.32 15.92 -27.58
HE3 MHO A 3 -9.68 14.36 -28.16
N ASN A 4 -13.55 15.77 -21.64
CA ASN A 4 -14.16 15.27 -20.40
C ASN A 4 -14.68 13.85 -20.61
N PHE A 5 -13.92 13.03 -21.34
CA PHE A 5 -14.29 11.66 -21.60
C PHE A 5 -14.56 10.91 -20.30
N GLY A 6 -13.78 11.23 -19.27
CA GLY A 6 -13.94 10.57 -17.98
C GLY A 6 -14.57 11.49 -16.94
N ALA A 7 -15.37 10.91 -16.05
CA ALA A 7 -16.04 11.67 -15.01
C ALA A 7 -15.79 11.05 -13.64
N PHE A 8 -16.26 9.82 -13.46
CA PHE A 8 -16.09 9.12 -12.19
C PHE A 8 -14.71 8.46 -12.11
N SER A 9 -14.54 7.37 -12.84
CA SER A 9 -13.28 6.64 -12.85
C SER A 9 -12.19 7.45 -13.54
N ILE A 10 -10.95 7.28 -13.08
CA ILE A 10 -9.82 8.00 -13.65
C ILE A 10 -8.63 7.07 -13.86
N ASN A 11 -7.52 7.63 -14.34
CA ASN A 11 -6.32 6.86 -14.59
C ASN A 11 -5.56 6.62 -13.27
N PRO A 12 -4.67 5.61 -13.29
CA PRO A 12 -3.86 5.25 -12.12
C PRO A 12 -2.81 6.30 -11.80
N ALA A 13 -2.59 6.55 -10.52
CA ALA A 13 -1.60 7.53 -10.08
C ALA A 13 -0.18 6.96 -10.18
N MHO A 14 0.03 5.62 -9.59
CA MHO A 14 0.73 4.84 -10.61
CB MHO A 14 2.26 4.85 -10.29
CG MHO A 14 2.71 3.92 -9.14
SD MHO A 14 4.48 4.05 -8.92
CE MHO A 14 4.51 4.72 -7.25
C MHO A 14 0.20 3.44 -10.67
O MHO A 14 0.01 2.88 -11.73
OD1 MHO A 14 5.27 2.49 -9.01
H MHO A 14 -0.94 5.32 -9.20
HA MHO A 14 0.56 5.30 -11.59
HB2 MHO A 14 2.58 5.87 -10.05
HB3 MHO A 14 2.82 4.58 -11.21
HG2 MHO A 14 2.44 2.87 -9.37
HG3 MHO A 14 2.20 4.18 -8.19
HE1 MHO A 14 5.54 4.96 -6.94
HE2 MHO A 14 3.90 5.64 -7.20
HE3 MHO A 14 4.09 3.99 -6.54
N MHO A 15 -0.10 2.72 -9.42
CA MHO A 15 -1.44 2.16 -9.57
CB MHO A 15 -1.34 0.67 -10.00
CG MHO A 15 -1.46 0.39 -11.51
SD MHO A 15 -1.84 -1.34 -11.79
CE MHO A 15 -1.52 -1.42 -13.55
C MHO A 15 -2.24 2.31 -8.30
O MHO A 15 -1.67 2.08 -7.23
OD1 MHO A 15 -0.77 -2.40 -10.88
H MHO A 15 0.14 3.41 -8.62
HA MHO A 15 -1.97 2.73 -10.36
HB2 MHO A 15 -2.13 0.09 -9.49
HB3 MHO A 15 -0.39 0.24 -9.63
HG2 MHO A 15 -0.51 0.65 -12.02
HG3 MHO A 15 -2.26 1.01 -11.98
HE1 MHO A 15 -2.47 -1.45 -14.12
HE2 MHO A 15 -0.96 -0.53 -13.88
HE3 MHO A 15 -0.93 -2.32 -13.81
N ALA A 16 -3.52 2.67 -8.37
CA ALA A 16 -4.34 2.82 -7.18
C ALA A 16 -4.67 1.46 -6.56
N ALA A 17 -4.95 0.48 -7.42
CA ALA A 17 -5.28 -0.86 -6.95
C ALA A 17 -4.09 -1.50 -6.24
N ALA A 18 -2.89 -1.22 -6.73
CA ALA A 18 -1.67 -1.77 -6.14
C ALA A 18 -1.59 -1.43 -4.66
N GLN A 19 -1.91 -0.19 -4.32
CA GLN A 19 -1.87 0.27 -2.94
C GLN A 19 -2.90 -0.47 -2.09
N ALA A 20 -4.08 -0.71 -2.66
CA ALA A 20 -5.14 -1.40 -1.96
C ALA A 20 -4.73 -2.83 -1.60
N ALA A 21 -3.99 -3.46 -2.49
CA ALA A 21 -3.52 -4.83 -2.27
C ALA A 21 -2.79 -4.94 -0.94
N LEU A 22 -1.91 -3.99 -0.67
CA LEU A 22 -1.13 -3.99 0.57
C LEU A 22 -2.06 -4.08 1.78
N GLN A 23 -3.18 -3.38 1.72
CA GLN A 23 -4.15 -3.37 2.81
C GLN A 23 -4.53 -4.79 3.20
N SER A 24 -4.73 -5.64 2.19
CA SER A 24 -5.11 -7.03 2.43
C SER A 24 -4.03 -7.76 3.24
N SER A 25 -2.78 -7.40 2.99
CA SER A 25 -1.65 -8.01 3.69
C SER A 25 -1.69 -7.68 5.18
N TRP A 26 -1.35 -8.66 6.01
CA TRP A 26 -1.35 -8.46 7.46
C TRP A 26 0.08 -8.33 7.98
N GLY A 27 0.24 -7.62 9.09
CA GLY A 27 1.55 -7.44 9.68
C GLY A 27 2.11 -6.05 9.42
N MHO A 28 1.27 -4.92 9.86
CA MHO A 28 2.15 -4.04 10.62
CB MHO A 28 2.78 -2.97 9.67
CG MHO A 28 1.77 -2.13 8.85
SD MHO A 28 2.50 -0.55 8.41
CE MHO A 28 1.31 -0.02 7.19
C MHO A 28 1.40 -3.37 11.75
O MHO A 28 1.40 -2.16 11.88
OD1 MHO A 28 2.58 0.54 9.78
H MHO A 28 0.39 -5.35 10.30
HA MHO A 28 2.96 -4.63 11.08
HB2 MHO A 28 3.46 -3.48 8.96
HB3 MHO A 28 3.43 -2.29 10.25
HG2 MHO A 28 0.85 -1.96 9.44
HG3 MHO A 28 1.46 -2.66 7.92
HE1 MHO A 28 0.43 -0.69 7.18
HE2 MHO A 28 0.97 1.01 7.41
HE3 MHO A 28 1.76 -0.02 6.18
N MHO A 29 0.67 -4.21 12.72
CA MHO A 29 1.06 -3.74 14.04
CB MHO A 29 0.18 -4.42 15.12
CG MHO A 29 -0.05 -3.61 16.41
SD MHO A 29 -0.51 -4.71 17.76
CE MHO A 29 0.74 -4.23 18.96
C MHO A 29 2.53 -4.00 14.31
O MHO A 29 3.26 -3.03 14.51
OD1 MHO A 29 -2.13 -4.40 18.33
H MHO A 29 0.83 -5.22 12.40
HA MHO A 29 0.92 -2.64 14.09
HB2 MHO A 29 0.63 -5.39 15.40
HB3 MHO A 29 -0.81 -4.69 14.68
HG2 MHO A 29 -0.86 -2.87 16.27
HG3 MHO A 29 0.85 -3.05 16.70
HE1 MHO A 29 1.60 -3.75 18.46
HE2 MHO A 29 0.32 -3.51 19.67
HE3 MHO A 29 1.11 -5.11 19.52
N GLY A 30 2.97 -5.26 14.30
CA GLY A 30 4.37 -5.55 14.54
C GLY A 30 4.59 -6.98 15.02
N MHO A 31 5.95 -7.51 14.85
CA MHO A 31 6.30 -8.11 16.14
CB MHO A 31 6.01 -9.63 16.11
CG MHO A 31 5.88 -10.32 17.49
SD MHO A 31 5.07 -11.90 17.31
CE MHO A 31 4.89 -12.33 19.04
C MHO A 31 7.76 -7.85 16.47
O MHO A 31 8.46 -7.29 15.61
OD1 MHO A 31 3.52 -11.76 16.50
H MHO A 31 6.54 -6.72 14.40
HA MHO A 31 5.70 -7.64 16.93
HB2 MHO A 31 6.82 -10.15 15.55
HB3 MHO A 31 5.10 -9.83 15.52
HG2 MHO A 31 5.29 -9.68 18.17
HG3 MHO A 31 6.87 -10.47 17.97
HE1 MHO A 31 4.75 -13.41 19.17
HE2 MHO A 31 5.78 -12.02 19.60
HE3 MHO A 31 4.01 -11.82 19.48
N LEU A 32 8.22 -8.20 17.66
CA LEU A 32 9.61 -7.97 18.04
C LEU A 32 10.56 -8.65 17.07
N ALA A 33 11.58 -7.92 16.63
CA ALA A 33 12.57 -8.46 15.71
C ALA A 33 13.25 -9.70 16.29
N SER A 34 13.03 -10.85 15.64
CA SER A 34 13.63 -12.09 16.09
C SER A 34 15.14 -12.09 15.89
N GLN A 35 15.58 -11.51 14.78
CA GLN A 35 17.00 -11.43 14.47
C GLN A 35 17.73 -10.56 15.49
N GLN A 36 17.07 -9.52 15.97
CA GLN A 36 17.66 -8.62 16.95
C GLN A 36 17.65 -9.24 18.34
N ASN A 37 18.82 -9.72 18.77
CA ASN A 37 18.94 -10.35 20.08
C ASN A 37 19.78 -9.48 21.02
N GLN A 38 19.35 -8.22 21.18
CA GLN A 38 20.06 -7.29 22.05
C GLN A 38 20.14 -7.83 23.47
N SER A 39 21.34 -8.22 23.89
CA SER A 39 21.55 -8.75 25.23
C SER A 39 22.22 -7.72 26.12
N GLY A 40 22.25 -8.00 27.42
CA GLY A 40 22.86 -7.09 28.37
C GLY A 40 23.82 -7.79 29.33
N GLY A 1 2.36 3.06 -7.72
CA GLY A 1 1.75 2.32 -8.81
C GLY A 1 2.13 2.86 -10.17
N GLY A 2 2.49 1.96 -11.08
CA GLY A 2 2.87 2.37 -12.41
C GLY A 2 2.64 1.28 -13.45
N MHO A 3 1.27 0.77 -13.56
CA MHO A 3 0.94 0.78 -14.98
CB MHO A 3 1.18 -0.63 -15.59
CG MHO A 3 0.23 -1.76 -15.09
SD MHO A 3 0.10 -3.04 -16.34
CE MHO A 3 0.10 -4.47 -15.26
C MHO A 3 -0.49 1.21 -15.20
O MHO A 3 -1.13 0.66 -16.09
OD1 MHO A 3 -1.38 -2.91 -17.27
H MHO A 3 0.68 1.31 -12.83
HA MHO A 3 1.59 1.51 -15.49
HB2 MHO A 3 2.22 -0.96 -15.37
HB3 MHO A 3 1.13 -0.59 -16.69
HG2 MHO A 3 -0.78 -1.33 -14.89
HG3 MHO A 3 0.58 -2.20 -14.15
HE1 MHO A 3 1.05 -4.56 -14.72
HE2 MHO A 3 -0.71 -4.40 -14.52
HE3 MHO A 3 -0.06 -5.40 -15.84
N ASN A 4 -0.99 2.19 -14.44
CA ASN A 4 -2.35 2.66 -14.61
C ASN A 4 -2.46 3.61 -15.80
N PHE A 5 -2.62 3.05 -16.99
CA PHE A 5 -2.73 3.85 -18.20
C PHE A 5 -4.09 4.53 -18.28
N GLY A 6 -5.14 3.79 -17.95
CA GLY A 6 -6.49 4.33 -17.99
C GLY A 6 -7.28 3.83 -19.18
N ALA A 7 -8.02 2.74 -18.98
CA ALA A 7 -8.83 2.15 -20.04
C ALA A 7 -10.22 2.78 -20.07
N PHE A 8 -10.85 2.88 -18.91
CA PHE A 8 -12.19 3.46 -18.81
C PHE A 8 -12.12 4.97 -18.68
N SER A 9 -13.23 5.64 -18.99
CA SER A 9 -13.29 7.09 -18.92
C SER A 9 -13.51 7.56 -17.48
N ILE A 10 -12.46 7.49 -16.67
CA ILE A 10 -12.55 7.91 -15.28
C ILE A 10 -11.15 8.03 -14.66
N ASN A 11 -10.96 9.08 -13.88
CA ASN A 11 -9.67 9.32 -13.22
C ASN A 11 -9.83 9.39 -11.71
N PRO A 12 -10.00 8.23 -11.08
CA PRO A 12 -10.17 8.13 -9.62
C PRO A 12 -8.89 8.48 -8.87
N ALA A 13 -8.69 9.77 -8.62
CA ALA A 13 -7.51 10.24 -7.90
C ALA A 13 -7.56 9.81 -6.43
N MHO A 14 -8.79 10.15 -5.70
CA MHO A 14 -9.20 8.93 -5.01
CB MHO A 14 -8.85 9.02 -3.50
CG MHO A 14 -7.54 9.78 -3.16
SD MHO A 14 -7.38 9.96 -1.39
CE MHO A 14 -6.62 11.59 -1.34
C MHO A 14 -10.68 8.67 -5.21
O MHO A 14 -11.50 9.50 -4.91
OD1 MHO A 14 -8.94 9.94 -0.58
H MHO A 14 -9.43 10.65 -6.40
HA MHO A 14 -8.66 8.07 -5.46
HB2 MHO A 14 -8.77 8.01 -3.08
HB3 MHO A 14 -9.68 9.49 -2.95
HG2 MHO A 14 -7.56 10.78 -3.64
HG3 MHO A 14 -6.66 9.25 -3.56
HE1 MHO A 14 -5.86 11.69 -2.14
HE2 MHO A 14 -7.38 12.37 -1.48
HE3 MHO A 14 -6.12 11.74 -0.37
N MHO A 15 -11.10 7.38 -5.76
CA MHO A 15 -12.17 6.89 -4.88
CB MHO A 15 -13.55 7.29 -5.45
CG MHO A 15 -14.77 7.06 -4.52
SD MHO A 15 -14.86 8.37 -3.30
CE MHO A 15 -16.63 8.43 -3.08
C MHO A 15 -12.08 5.39 -4.70
O MHO A 15 -11.68 4.96 -3.62
OD1 MHO A 15 -14.01 7.96 -1.82
H MHO A 15 -10.21 6.81 -5.95
HA MHO A 15 -12.04 7.35 -3.89
HB2 MHO A 15 -13.74 6.73 -6.39
HB3 MHO A 15 -13.54 8.36 -5.77
HG2 MHO A 15 -14.66 6.09 -4.00
HG3 MHO A 15 -15.71 7.03 -5.09
HE1 MHO A 15 -17.10 7.48 -3.40
HE2 MHO A 15 -16.87 8.59 -2.01
HE3 MHO A 15 -17.08 9.25 -3.66
N ALA A 16 -12.42 4.60 -5.71
CA ALA A 16 -12.35 3.15 -5.61
C ALA A 16 -10.93 2.64 -5.84
N ALA A 17 -10.25 3.24 -6.82
CA ALA A 17 -8.88 2.85 -7.14
C ALA A 17 -7.99 2.93 -5.92
N ALA A 18 -8.02 4.08 -5.24
CA ALA A 18 -7.22 4.29 -4.05
C ALA A 18 -7.48 3.21 -3.00
N GLN A 19 -8.76 2.96 -2.74
CA GLN A 19 -9.14 1.95 -1.76
C GLN A 19 -8.51 0.60 -2.08
N ALA A 20 -8.50 0.24 -3.36
CA ALA A 20 -7.92 -1.02 -3.80
C ALA A 20 -6.41 -1.01 -3.65
N ALA A 21 -5.79 0.13 -3.95
CA ALA A 21 -4.35 0.28 -3.86
C ALA A 21 -3.85 -0.15 -2.47
N LEU A 22 -4.63 0.17 -1.45
CA LEU A 22 -4.27 -0.17 -0.08
C LEU A 22 -4.55 -1.65 0.21
N GLN A 23 -5.69 -2.13 -0.29
CA GLN A 23 -6.07 -3.52 -0.09
C GLN A 23 -5.02 -4.47 -0.65
N SER A 24 -4.45 -4.11 -1.80
CA SER A 24 -3.43 -4.94 -2.44
C SER A 24 -2.13 -4.89 -1.64
N SER A 25 -1.84 -3.74 -1.06
CA SER A 25 -0.62 -3.56 -0.26
C SER A 25 -0.96 -3.11 1.16
N TRP A 26 -1.29 -4.08 2.01
CA TRP A 26 -1.62 -3.77 3.40
C TRP A 26 -0.36 -3.57 4.23
N GLY A 27 0.68 -4.33 3.93
CA GLY A 27 1.93 -4.21 4.65
C GLY A 27 3.12 -4.04 3.73
N MHO A 28 3.67 -2.68 3.62
CA MHO A 28 5.12 -2.80 3.81
CB MHO A 28 5.84 -2.63 2.43
CG MHO A 28 5.74 -3.84 1.47
SD MHO A 28 6.59 -5.26 2.17
CE MHO A 28 7.26 -5.95 0.66
C MHO A 28 5.62 -1.80 4.82
O MHO A 28 6.56 -1.07 4.56
OD1 MHO A 28 7.84 -4.79 3.30
H MHO A 28 3.06 -2.05 4.25
HA MHO A 28 5.33 -3.81 4.21
HB2 MHO A 28 6.92 -2.43 2.62
HB3 MHO A 28 5.47 -1.73 1.93
HG2 MHO A 28 6.21 -3.58 0.50
HG3 MHO A 28 4.69 -4.09 1.26
HE1 MHO A 28 7.80 -5.18 0.07
HE2 MHO A 28 7.96 -6.77 0.89
HE3 MHO A 28 6.45 -6.35 0.02
N MHO A 29 4.95 -1.69 6.12
CA MHO A 29 6.01 -1.72 7.12
CB MHO A 29 5.40 -1.44 8.53
CG MHO A 29 5.26 0.04 8.91
SD MHO A 29 3.83 0.76 8.08
CE MHO A 29 2.77 0.98 9.50
C MHO A 29 6.74 -3.04 7.11
O MHO A 29 6.19 -4.00 6.58
OD1 MHO A 29 4.21 2.28 7.30
H MHO A 29 4.15 -2.42 6.10
HA MHO A 29 6.74 -0.93 6.87
HB2 MHO A 29 6.03 -1.93 9.30
HB3 MHO A 29 4.41 -1.93 8.61
HG2 MHO A 29 6.17 0.61 8.61
HG3 MHO A 29 5.14 0.17 10.01
HE1 MHO A 29 1.71 1.10 9.20
HE2 MHO A 29 2.83 0.11 10.18
HE3 MHO A 29 3.06 1.87 10.08
N GLY A 30 7.95 -3.11 7.65
CA GLY A 30 8.69 -4.36 7.66
C GLY A 30 8.20 -5.32 8.72
N MHO A 31 8.71 -6.70 8.65
CA MHO A 31 9.17 -7.04 9.99
CB MHO A 31 9.63 -8.52 10.03
CG MHO A 31 10.15 -9.03 11.39
SD MHO A 31 9.82 -10.79 11.55
CE MHO A 31 8.30 -10.70 12.49
C MHO A 31 10.28 -6.11 10.45
O MHO A 31 11.28 -6.03 9.74
OD1 MHO A 31 9.60 -11.56 10.00
H MHO A 31 9.38 -6.72 7.79
HA MHO A 31 8.32 -6.89 10.68
HB2 MHO A 31 10.43 -8.67 9.28
HB3 MHO A 31 8.80 -9.18 9.69
HG2 MHO A 31 9.65 -8.49 12.21
HG3 MHO A 31 11.23 -8.84 11.51
HE1 MHO A 31 8.28 -9.81 13.13
HE2 MHO A 31 7.43 -10.65 11.80
HE3 MHO A 31 8.18 -11.60 13.13
N LEU A 32 10.12 -5.43 11.57
CA LEU A 32 11.16 -4.53 12.06
C LEU A 32 12.06 -5.23 13.07
N ALA A 33 13.28 -4.71 13.23
CA ALA A 33 14.23 -5.28 14.16
C ALA A 33 14.29 -4.48 15.46
N SER A 34 13.12 -4.24 16.05
CA SER A 34 13.04 -3.47 17.29
C SER A 34 13.50 -4.30 18.47
N GLN A 35 13.08 -5.56 18.51
CA GLN A 35 13.45 -6.47 19.59
C GLN A 35 14.96 -6.70 19.61
N GLN A 36 15.60 -6.31 20.71
CA GLN A 36 17.04 -6.47 20.85
C GLN A 36 17.43 -6.50 22.33
N ASN A 37 18.08 -7.59 22.74
CA ASN A 37 18.52 -7.76 24.12
C ASN A 37 19.92 -7.21 24.31
N GLN A 38 20.02 -6.07 24.99
CA GLN A 38 21.31 -5.44 25.25
C GLN A 38 21.54 -5.27 26.75
N SER A 39 21.09 -6.24 27.53
CA SER A 39 21.23 -6.18 28.98
C SER A 39 21.66 -7.54 29.53
N GLY A 40 22.82 -7.58 30.17
CA GLY A 40 23.32 -8.82 30.73
C GLY A 40 24.82 -8.79 30.99
N GLY A 1 11.37 13.77 -29.87
CA GLY A 1 12.03 14.36 -28.71
C GLY A 1 11.43 13.88 -27.40
N GLY A 2 10.73 14.78 -26.71
CA GLY A 2 10.12 14.41 -25.45
C GLY A 2 11.14 14.05 -24.39
N MHO A 3 11.96 15.15 -23.86
CA MHO A 3 11.91 15.03 -22.41
CB MHO A 3 12.87 16.08 -21.77
CG MHO A 3 12.33 17.52 -21.68
SD MHO A 3 13.53 18.57 -20.85
CE MHO A 3 12.39 19.73 -20.09
C MHO A 3 10.50 15.20 -21.89
O MHO A 3 10.20 14.63 -20.85
OD1 MHO A 3 14.46 17.70 -19.67
H MHO A 3 11.63 16.04 -24.38
HA MHO A 3 12.24 14.01 -22.12
HB2 MHO A 3 13.81 16.10 -22.34
HB3 MHO A 3 13.16 15.74 -20.75
HG2 MHO A 3 11.38 17.54 -21.12
HG3 MHO A 3 12.11 17.93 -22.69
HE1 MHO A 3 11.35 19.55 -20.43
HE2 MHO A 3 12.42 19.63 -18.99
HE3 MHO A 3 12.66 20.77 -20.35
N ASN A 4 9.66 15.96 -22.58
CA ASN A 4 8.28 16.17 -22.13
C ASN A 4 7.30 15.53 -23.11
N PHE A 5 6.96 14.27 -22.86
CA PHE A 5 6.03 13.55 -23.72
C PHE A 5 4.84 13.03 -22.91
N GLY A 6 5.12 12.54 -21.70
CA GLY A 6 4.07 12.02 -20.85
C GLY A 6 4.56 11.67 -19.46
N ALA A 7 4.37 10.42 -19.06
CA ALA A 7 4.81 9.96 -17.75
C ALA A 7 5.30 8.52 -17.81
N PHE A 8 5.81 8.02 -16.69
CA PHE A 8 6.31 6.65 -16.60
C PHE A 8 5.62 5.87 -15.49
N SER A 9 5.35 6.55 -14.38
CA SER A 9 4.70 5.93 -13.24
C SER A 9 3.24 6.35 -13.16
N ILE A 10 2.47 5.64 -12.33
CA ILE A 10 1.06 5.94 -12.16
C ILE A 10 0.66 5.90 -10.69
N ASN A 11 -0.12 6.89 -10.26
CA ASN A 11 -0.57 6.96 -8.88
C ASN A 11 -1.71 5.98 -8.62
N PRO A 12 -1.94 5.65 -7.35
CA PRO A 12 -3.00 4.72 -6.94
C PRO A 12 -4.39 5.30 -7.15
N ALA A 13 -4.95 5.08 -8.33
CA ALA A 13 -6.29 5.58 -8.66
C ALA A 13 -7.32 5.09 -7.65
N MHO A 14 -7.39 3.64 -7.47
CA MHO A 14 -7.37 3.41 -6.02
CB MHO A 14 -8.77 2.93 -5.55
CG MHO A 14 -9.91 3.96 -5.66
SD MHO A 14 -10.62 3.90 -7.30
CE MHO A 14 -11.96 2.73 -6.99
C MHO A 14 -6.30 2.41 -5.65
O MHO A 14 -6.15 1.39 -6.28
OD1 MHO A 14 -11.23 5.46 -7.82
H MHO A 14 -6.65 3.21 -8.12
HA MHO A 14 -7.11 4.36 -5.51
HB2 MHO A 14 -8.71 2.62 -4.48
HB3 MHO A 14 -9.06 2.01 -6.09
HG2 MHO A 14 -9.53 4.97 -5.47
HG3 MHO A 14 -10.70 3.77 -4.91
HE1 MHO A 14 -12.92 3.25 -6.91
HE2 MHO A 14 -12.02 1.99 -7.81
HE3 MHO A 14 -11.77 2.19 -6.05
N MHO A 15 -5.44 2.69 -4.49
CA MHO A 15 -5.44 1.46 -3.68
CB MHO A 15 -4.08 0.74 -3.84
CG MHO A 15 -3.88 -0.04 -5.16
SD MHO A 15 -3.07 1.01 -6.37
CE MHO A 15 -1.38 0.50 -6.10
C MHO A 15 -5.72 1.78 -2.23
O MHO A 15 -5.15 1.11 -1.37
OD1 MHO A 15 -3.60 0.66 -8.00
H MHO A 15 -5.77 3.63 -4.09
HA MHO A 15 -6.25 0.81 -4.03
HB2 MHO A 15 -3.95 0.02 -3.00
HB3 MHO A 15 -3.24 1.45 -3.72
HG2 MHO A 15 -4.86 -0.37 -5.56
HG3 MHO A 15 -3.28 -0.96 -5.00
HE1 MHO A 15 -1.10 0.64 -5.04
HE2 MHO A 15 -1.25 -0.56 -6.35
HE3 MHO A 15 -0.69 1.09 -6.72
N ALA A 16 -6.55 2.78 -1.93
CA ALA A 16 -6.85 3.13 -0.55
C ALA A 16 -7.67 2.03 0.12
N ALA A 17 -8.65 1.49 -0.61
CA ALA A 17 -9.49 0.43 -0.08
C ALA A 17 -8.66 -0.74 0.45
N ALA A 18 -7.56 -1.03 -0.24
CA ALA A 18 -6.69 -2.12 0.16
C ALA A 18 -6.28 -1.99 1.63
N GLN A 19 -6.00 -0.76 2.05
CA GLN A 19 -5.60 -0.50 3.43
C GLN A 19 -6.77 -0.70 4.39
N ALA A 20 -7.97 -0.32 3.94
CA ALA A 20 -9.17 -0.46 4.74
C ALA A 20 -9.37 -1.89 5.20
N ALA A 21 -9.23 -2.83 4.27
CA ALA A 21 -9.40 -4.25 4.57
C ALA A 21 -8.51 -4.66 5.74
N LEU A 22 -7.31 -4.09 5.80
CA LEU A 22 -6.37 -4.39 6.88
C LEU A 22 -7.00 -4.16 8.24
N GLN A 23 -7.77 -3.09 8.35
CA GLN A 23 -8.43 -2.75 9.61
C GLN A 23 -9.55 -3.74 9.92
N SER A 24 -10.27 -4.17 8.87
CA SER A 24 -11.36 -5.12 9.04
C SER A 24 -10.85 -6.45 9.57
N SER A 25 -9.66 -6.83 9.14
CA SER A 25 -9.05 -8.09 9.56
C SER A 25 -8.76 -8.07 11.06
N TRP A 26 -9.56 -8.82 11.81
CA TRP A 26 -9.40 -8.89 13.27
C TRP A 26 -9.88 -10.23 13.80
N GLY A 27 -9.08 -10.83 14.68
CA GLY A 27 -9.43 -12.12 15.25
C GLY A 27 -9.62 -13.19 14.20
N MHO A 28 -8.39 -13.82 13.68
CA MHO A 28 -8.62 -15.26 13.73
CB MHO A 28 -9.14 -15.77 12.36
CG MHO A 28 -10.02 -17.03 12.39
SD MHO A 28 -8.97 -18.50 12.36
CE MHO A 28 -9.40 -19.20 13.95
C MHO A 28 -7.36 -16.00 14.13
O MHO A 28 -7.30 -16.63 15.16
OD1 MHO A 28 -9.38 -19.56 11.03
H MHO A 28 -7.57 -13.36 14.20
HA MHO A 28 -9.37 -15.47 14.51
HB2 MHO A 28 -8.28 -15.95 11.69
HB3 MHO A 28 -9.71 -14.95 11.86
HG2 MHO A 28 -10.69 -17.05 11.53
HG3 MHO A 28 -10.65 -17.07 13.29
HE1 MHO A 28 -9.80 -18.41 14.62
HE2 MHO A 28 -10.17 -19.97 13.82
HE3 MHO A 28 -8.52 -19.65 14.42
N MHO A 29 -6.19 -15.93 13.25
CA MHO A 29 -5.06 -15.60 14.09
CB MHO A 29 -4.42 -16.89 14.67
CG MHO A 29 -3.52 -16.71 15.92
SD MHO A 29 -3.07 -18.31 16.58
CE MHO A 29 -3.63 -18.07 18.28
C MHO A 29 -4.02 -14.80 13.33
O MHO A 29 -3.36 -15.37 12.47
OD1 MHO A 29 -3.90 -19.61 15.79
H MHO A 29 -6.48 -15.31 12.40
HA MHO A 29 -5.41 -14.96 14.92
HB2 MHO A 29 -3.83 -17.40 13.90
HB3 MHO A 29 -5.22 -17.62 14.93
HG2 MHO A 29 -4.05 -16.13 16.69
HG3 MHO A 29 -2.60 -16.14 15.67
HE1 MHO A 29 -2.81 -17.70 18.91
HE2 MHO A 29 -4.45 -17.33 18.30
HE3 MHO A 29 -4.01 -19.01 18.70
N GLY A 30 -3.86 -13.50 13.61
CA GLY A 30 -2.89 -12.70 12.89
C GLY A 30 -1.49 -12.87 13.45
N MHO A 31 -0.53 -13.61 12.61
CA MHO A 31 0.68 -12.81 12.55
CB MHO A 31 1.67 -13.27 13.64
CG MHO A 31 2.03 -14.78 13.64
SD MHO A 31 3.19 -15.13 14.95
CE MHO A 31 4.54 -15.78 13.96
C MHO A 31 1.31 -12.88 11.17
O MHO A 31 1.26 -13.96 10.57
OD1 MHO A 31 3.66 -13.69 15.83
H MHO A 31 -1.08 -13.90 11.72
HA MHO A 31 0.41 -11.75 12.72
HB2 MHO A 31 1.26 -13.03 14.64
HB3 MHO A 31 2.61 -12.68 13.58
HG2 MHO A 31 2.48 -15.06 12.66
HG3 MHO A 31 1.13 -15.41 13.77
HE1 MHO A 31 5.22 -16.40 14.57
HE2 MHO A 31 4.15 -16.40 13.13
HE3 MHO A 31 5.13 -14.96 13.52
N LEU A 32 1.89 -11.79 10.68
CA LEU A 32 2.51 -11.81 9.36
C LEU A 32 3.34 -10.54 9.15
N ALA A 33 4.24 -10.59 8.17
CA ALA A 33 5.09 -9.44 7.85
C ALA A 33 4.63 -8.75 6.57
N SER A 34 3.61 -7.91 6.69
CA SER A 34 3.07 -7.20 5.54
C SER A 34 3.65 -5.79 5.46
N GLN A 35 3.68 -5.11 6.61
CA GLN A 35 4.21 -3.75 6.66
C GLN A 35 5.54 -3.71 7.40
N GLN A 36 6.31 -2.64 7.19
CA GLN A 36 7.60 -2.49 7.84
C GLN A 36 7.81 -1.06 8.32
N ASN A 37 8.53 -0.91 9.43
CA ASN A 37 8.79 0.40 10.00
C ASN A 37 9.93 0.34 11.01
N GLN A 38 10.72 1.40 11.08
CA GLN A 38 11.84 1.46 12.02
C GLN A 38 11.69 2.65 12.95
N SER A 39 11.26 2.39 14.17
CA SER A 39 11.07 3.44 15.17
C SER A 39 12.13 3.34 16.26
N GLY A 40 12.11 2.24 17.00
CA GLY A 40 13.06 2.04 18.08
C GLY A 40 12.97 3.11 19.14
N GLY A 1 5.53 8.49 -10.05
CA GLY A 1 5.50 7.05 -9.81
C GLY A 1 5.50 6.70 -8.34
N GLY A 2 5.54 5.41 -8.04
CA GLY A 2 5.55 4.97 -6.66
C GLY A 2 6.90 5.18 -5.99
N MHO A 3 7.71 3.98 -5.76
CA MHO A 3 9.05 4.29 -6.25
CB MHO A 3 9.94 4.73 -5.07
CG MHO A 3 11.31 5.35 -5.45
SD MHO A 3 12.34 5.51 -4.00
CE MHO A 3 13.95 5.42 -4.79
C MHO A 3 9.65 3.11 -6.97
O MHO A 3 9.87 3.23 -8.18
OD1 MHO A 3 12.11 7.04 -3.18
H MHO A 3 7.13 3.15 -6.15
HA MHO A 3 8.97 5.11 -6.98
HB2 MHO A 3 10.15 3.87 -4.41
HB3 MHO A 3 9.40 5.46 -4.42
HG2 MHO A 3 11.16 6.35 -5.91
HG3 MHO A 3 11.83 4.74 -6.21
HE1 MHO A 3 14.77 5.47 -4.05
HE2 MHO A 3 14.05 4.46 -5.34
HE3 MHO A 3 14.09 6.25 -5.51
N ASN A 4 9.90 2.00 -6.29
CA ASN A 4 10.49 0.83 -6.93
C ASN A 4 9.42 0.04 -7.69
N PHE A 5 8.23 -0.04 -7.12
CA PHE A 5 7.13 -0.76 -7.75
C PHE A 5 6.17 0.20 -8.43
N GLY A 6 5.69 -0.19 -9.61
CA GLY A 6 4.76 0.65 -10.36
C GLY A 6 5.43 1.89 -10.92
N ALA A 7 5.05 2.26 -12.14
CA ALA A 7 5.62 3.43 -12.79
C ALA A 7 4.57 4.51 -13.00
N PHE A 8 3.44 4.13 -13.60
CA PHE A 8 2.35 5.07 -13.86
C PHE A 8 1.14 4.74 -13.01
N SER A 9 0.96 5.48 -11.92
CA SER A 9 -0.17 5.26 -11.02
C SER A 9 -1.45 5.84 -11.60
N ILE A 10 -2.52 5.79 -10.82
CA ILE A 10 -3.81 6.31 -11.25
C ILE A 10 -4.57 6.95 -10.09
N ASN A 11 -5.36 7.97 -10.39
CA ASN A 11 -6.13 8.67 -9.37
C ASN A 11 -7.60 8.77 -9.78
N PRO A 12 -8.33 7.66 -9.65
CA PRO A 12 -9.76 7.60 -10.00
C PRO A 12 -10.62 8.40 -9.04
N ALA A 13 -11.57 9.16 -9.59
CA ALA A 13 -12.46 9.97 -8.78
C ALA A 13 -13.28 9.10 -7.83
N MHO A 14 -13.96 7.94 -8.42
CA MHO A 14 -13.64 6.81 -7.57
CB MHO A 14 -14.74 6.64 -6.48
CG MHO A 14 -16.17 6.37 -6.99
SD MHO A 14 -17.02 7.92 -7.28
CE MHO A 14 -18.71 7.35 -7.12
C MHO A 14 -13.50 5.54 -8.39
O MHO A 14 -13.96 5.46 -9.50
OD1 MHO A 14 -16.61 9.13 -6.07
H MHO A 14 -13.72 7.95 -9.48
HA MHO A 14 -12.67 6.98 -7.09
HB2 MHO A 14 -14.77 7.55 -5.86
HB3 MHO A 14 -14.45 5.83 -5.78
HG2 MHO A 14 -16.73 5.77 -6.25
HG3 MHO A 14 -16.16 5.77 -7.93
HE1 MHO A 14 -19.11 7.59 -6.13
HE2 MHO A 14 -19.35 7.82 -7.89
HE3 MHO A 14 -18.76 6.25 -7.26
N MHO A 15 -12.81 4.39 -7.81
CA MHO A 15 -13.67 3.23 -8.02
CB MHO A 15 -13.26 2.52 -9.35
CG MHO A 15 -14.35 1.64 -10.00
SD MHO A 15 -13.97 1.36 -11.73
CE MHO A 15 -13.06 -0.17 -11.56
C MHO A 15 -13.59 2.27 -6.85
O MHO A 15 -12.74 2.48 -5.99
OD1 MHO A 15 -15.40 1.18 -12.70
H MHO A 15 -12.49 4.69 -6.81
HA MHO A 15 -14.71 3.57 -8.10
HB2 MHO A 15 -12.38 1.87 -9.16
HB3 MHO A 15 -12.92 3.26 -10.08
HG2 MHO A 15 -15.34 2.15 -9.92
HG3 MHO A 15 -14.46 0.67 -9.49
HE1 MHO A 15 -13.02 -0.71 -12.52
HE2 MHO A 15 -12.02 0.03 -11.24
HE3 MHO A 15 -13.53 -0.83 -10.81
N ALA A 16 -14.45 1.26 -6.80
CA ALA A 16 -14.44 0.30 -5.70
C ALA A 16 -13.04 -0.27 -5.49
N ALA A 17 -12.36 -0.58 -6.59
CA ALA A 17 -11.02 -1.13 -6.53
C ALA A 17 -10.09 -0.25 -5.70
N ALA A 18 -10.17 1.06 -5.93
CA ALA A 18 -9.35 2.01 -5.20
C ALA A 18 -9.60 1.92 -3.69
N GLN A 19 -10.87 1.78 -3.32
CA GLN A 19 -11.24 1.68 -1.91
C GLN A 19 -10.55 0.51 -1.24
N ALA A 20 -10.47 -0.61 -1.95
CA ALA A 20 -9.83 -1.81 -1.43
C ALA A 20 -8.43 -1.49 -0.91
N ALA A 21 -7.71 -0.63 -1.62
CA ALA A 21 -6.36 -0.25 -1.23
C ALA A 21 -6.32 0.20 0.22
N LEU A 22 -7.33 0.98 0.62
CA LEU A 22 -7.41 1.48 1.99
C LEU A 22 -7.55 0.34 2.98
N GLN A 23 -8.31 -0.68 2.59
CA GLN A 23 -8.52 -1.85 3.45
C GLN A 23 -7.21 -2.44 3.91
N SER A 24 -6.22 -2.45 3.01
CA SER A 24 -4.90 -3.00 3.33
C SER A 24 -4.15 -2.09 4.28
N SER A 25 -4.34 -0.78 4.13
CA SER A 25 -3.67 0.20 4.98
C SER A 25 -3.95 -0.09 6.44
N TRP A 26 -5.19 -0.47 6.75
CA TRP A 26 -5.57 -0.77 8.13
C TRP A 26 -5.66 -2.28 8.35
N GLY A 27 -4.80 -3.03 7.65
CA GLY A 27 -4.80 -4.47 7.79
C GLY A 27 -3.56 -5.10 7.20
N MHO A 28 -2.69 -5.82 8.15
CA MHO A 28 -2.40 -7.12 7.53
CB MHO A 28 -1.07 -7.05 6.75
CG MHO A 28 0.13 -6.43 7.50
SD MHO A 28 1.56 -6.34 6.42
CE MHO A 28 2.57 -5.21 7.39
C MHO A 28 -2.37 -8.22 8.57
O MHO A 28 -2.45 -7.95 9.75
OD1 MHO A 28 2.32 -7.90 6.23
H MHO A 28 -3.15 -5.74 9.11
HA MHO A 28 -3.23 -7.37 6.84
HB2 MHO A 28 -1.22 -6.48 5.82
HB3 MHO A 28 -0.78 -8.08 6.41
HG2 MHO A 28 0.38 -7.04 8.39
HG3 MHO A 28 -0.12 -5.41 7.87
HE1 MHO A 28 2.06 -4.94 8.33
HE2 MHO A 28 3.52 -5.69 7.65
HE3 MHO A 28 2.78 -4.30 6.82
N MHO A 29 -2.24 -9.61 8.14
CA MHO A 29 -1.17 -10.19 8.95
CB MHO A 29 -1.78 -10.98 10.14
CG MHO A 29 -2.46 -12.32 9.78
SD MHO A 29 -4.13 -12.04 9.21
CE MHO A 29 -4.95 -13.40 10.05
C MHO A 29 -0.28 -11.08 8.12
O MHO A 29 -0.75 -11.59 7.10
OD1 MHO A 29 -4.74 -10.48 9.72
H MHO A 29 -2.19 -9.58 7.06
HA MHO A 29 -0.54 -9.38 9.34
HB2 MHO A 29 -2.54 -10.35 10.64
HB3 MHO A 29 -1.01 -11.16 10.90
HG2 MHO A 29 -2.48 -12.98 10.67
HG3 MHO A 29 -1.89 -12.87 8.99
HE1 MHO A 29 -5.68 -13.88 9.39
HE2 MHO A 29 -4.21 -14.14 10.38
HE3 MHO A 29 -5.48 -13.03 10.95
N GLY A 30 0.98 -11.28 8.50
CA GLY A 30 1.86 -12.13 7.72
C GLY A 30 3.00 -12.69 8.56
N MHO A 31 4.23 -13.04 7.83
CA MHO A 31 5.33 -12.43 8.58
CB MHO A 31 5.85 -13.42 9.66
CG MHO A 31 6.61 -12.80 10.84
SD MHO A 31 6.37 -13.79 12.32
CE MHO A 31 8.03 -14.47 12.45
C MHO A 31 6.45 -12.02 7.65
O MHO A 31 7.26 -12.89 7.29
OD1 MHO A 31 5.96 -12.81 13.71
H MHO A 31 4.05 -12.81 6.80
HA MHO A 31 4.97 -11.52 9.07
HB2 MHO A 31 6.52 -14.17 9.18
HB3 MHO A 31 5.00 -14.02 10.05
HG2 MHO A 31 6.23 -11.77 11.03
HG3 MHO A 31 7.69 -12.70 10.63
HE1 MHO A 31 8.03 -15.39 13.08
HE2 MHO A 31 8.41 -14.74 11.45
HE3 MHO A 31 8.72 -13.74 12.89
N LEU A 32 6.53 -10.75 7.25
CA LEU A 32 7.59 -10.29 6.36
C LEU A 32 8.12 -8.92 6.81
N ALA A 33 9.32 -8.59 6.34
CA ALA A 33 9.93 -7.31 6.68
C ALA A 33 11.19 -7.08 5.86
N SER A 34 11.21 -5.98 5.09
CA SER A 34 12.35 -5.65 4.27
C SER A 34 13.58 -5.33 5.13
N GLN A 35 13.36 -4.57 6.19
CA GLN A 35 14.44 -4.20 7.10
C GLN A 35 13.97 -4.21 8.55
N GLN A 36 14.91 -4.29 9.47
CA GLN A 36 14.59 -4.31 10.89
C GLN A 36 13.82 -3.06 11.29
N ASN A 37 13.27 -3.07 12.50
CA ASN A 37 12.50 -1.94 13.00
C ASN A 37 13.10 -1.40 14.29
N GLN A 38 12.86 -0.12 14.56
CA GLN A 38 13.38 0.53 15.76
C GLN A 38 12.83 1.95 15.91
N SER A 39 12.67 2.38 17.15
CA SER A 39 12.14 3.72 17.42
C SER A 39 12.51 4.16 18.84
N GLY A 40 12.67 5.47 19.02
CA GLY A 40 13.01 6.01 20.32
C GLY A 40 11.80 6.48 21.09
N GLY A 1 -11.30 10.88 -13.75
CA GLY A 1 -10.09 10.11 -13.50
C GLY A 1 -9.40 10.50 -12.21
N GLY A 2 -10.10 10.36 -11.10
CA GLY A 2 -9.52 10.71 -9.81
C GLY A 2 -9.35 12.21 -9.64
N MHO A 3 -9.24 12.71 -8.27
CA MHO A 3 -8.08 13.59 -8.24
CB MHO A 3 -8.54 15.07 -8.40
CG MHO A 3 -8.43 15.67 -9.81
SD MHO A 3 -8.50 17.46 -9.74
CE MHO A 3 -7.33 17.84 -11.04
C MHO A 3 -7.28 13.41 -6.98
O MHO A 3 -7.48 14.17 -6.04
OD1 MHO A 3 -10.10 18.07 -10.07
H MHO A 3 -9.31 11.84 -7.62
HA MHO A 3 -7.42 13.33 -9.09
HB2 MHO A 3 -7.95 15.71 -7.71
HB3 MHO A 3 -9.58 15.17 -8.04
HG2 MHO A 3 -9.26 15.31 -10.44
HG3 MHO A 3 -7.49 15.36 -10.31
HE1 MHO A 3 -7.74 18.61 -11.72
HE2 MHO A 3 -6.38 18.23 -10.61
HE3 MHO A 3 -7.10 16.94 -11.63
N ASN A 4 -6.38 12.42 -6.92
CA ASN A 4 -5.58 12.18 -5.72
C ASN A 4 -4.16 12.71 -5.91
N PHE A 5 -3.96 13.99 -5.60
CA PHE A 5 -2.65 14.62 -5.72
C PHE A 5 -1.72 14.17 -4.60
N GLY A 6 -0.51 13.77 -4.97
CA GLY A 6 0.45 13.32 -3.98
C GLY A 6 0.74 11.84 -4.08
N ALA A 7 -0.32 11.04 -4.19
CA ALA A 7 -0.17 9.60 -4.28
C ALA A 7 -0.36 9.12 -5.72
N PHE A 8 0.75 8.98 -6.43
CA PHE A 8 0.71 8.54 -7.82
C PHE A 8 0.96 7.04 -7.92
N SER A 9 -0.04 6.26 -7.53
CA SER A 9 0.07 4.80 -7.57
C SER A 9 -0.44 4.25 -8.90
N ILE A 10 0.49 4.01 -9.83
CA ILE A 10 0.14 3.49 -11.14
C ILE A 10 0.34 1.98 -11.20
N ASN A 11 0.06 1.30 -10.09
CA ASN A 11 0.20 -0.15 -10.01
C ASN A 11 -1.05 -0.79 -9.44
N PRO A 12 -2.10 -0.89 -10.26
CA PRO A 12 -3.36 -1.49 -9.85
C PRO A 12 -3.26 -3.00 -9.64
N ALA A 13 -3.15 -3.41 -8.38
CA ALA A 13 -3.04 -4.83 -8.04
C ALA A 13 -4.38 -5.54 -8.21
N MHO A 14 -5.54 -4.88 -7.62
CA MHO A 14 -6.58 -4.85 -8.64
CB MHO A 14 -7.67 -5.90 -8.32
CG MHO A 14 -7.48 -7.29 -8.96
SD MHO A 14 -7.60 -7.18 -10.74
CE MHO A 14 -8.34 -8.78 -11.08
C MHO A 14 -7.18 -3.48 -8.78
O MHO A 14 -7.39 -2.98 -9.86
OD1 MHO A 14 -8.63 -5.86 -11.25
H MHO A 14 -5.18 -3.98 -7.15
HA MHO A 14 -6.11 -5.10 -9.62
HB2 MHO A 14 -8.66 -5.52 -8.65
HB3 MHO A 14 -7.77 -6.02 -7.23
HG2 MHO A 14 -8.25 -7.99 -8.58
HG3 MHO A 14 -6.50 -7.73 -8.68
HE1 MHO A 14 -8.62 -9.29 -10.14
HE2 MHO A 14 -9.24 -8.66 -11.69
HE3 MHO A 14 -7.63 -9.43 -11.62
N MHO A 15 -7.51 -2.71 -7.55
CA MHO A 15 -6.94 -1.38 -7.73
CB MHO A 15 -7.98 -0.45 -8.40
CG MHO A 15 -9.43 -0.58 -7.90
SD MHO A 15 -10.50 0.55 -8.79
CE MHO A 15 -12.06 -0.30 -8.58
C MHO A 15 -6.49 -0.82 -6.40
O MHO A 15 -6.64 -1.51 -5.40
OD1 MHO A 15 -10.52 2.15 -8.06
H MHO A 15 -7.24 -3.35 -6.73
HA MHO A 15 -6.04 -1.47 -8.37
HB2 MHO A 15 -7.99 -0.64 -9.49
HB3 MHO A 15 -7.66 0.61 -8.31
HG2 MHO A 15 -9.48 -0.35 -6.82
HG3 MHO A 15 -9.81 -1.60 -8.02
HE1 MHO A 15 -12.46 -0.13 -7.57
HE2 MHO A 15 -12.80 0.06 -9.32
HE3 MHO A 15 -11.93 -1.39 -8.73
N ALA A 16 -5.95 0.40 -6.38
CA ALA A 16 -5.49 1.01 -5.13
C ALA A 16 -6.62 1.07 -4.11
N ALA A 17 -7.83 1.35 -4.57
CA ALA A 17 -8.99 1.43 -3.70
C ALA A 17 -9.14 0.16 -2.87
N ALA A 18 -8.84 -0.98 -3.47
CA ALA A 18 -8.93 -2.26 -2.79
C ALA A 18 -7.86 -2.40 -1.72
N GLN A 19 -6.62 -2.09 -2.08
CA GLN A 19 -5.50 -2.17 -1.15
C GLN A 19 -5.70 -1.23 0.03
N ALA A 20 -6.29 -0.07 -0.24
CA ALA A 20 -6.54 0.92 0.81
C ALA A 20 -7.29 0.30 1.99
N ALA A 21 -8.18 -0.63 1.68
CA ALA A 21 -8.96 -1.31 2.72
C ALA A 21 -8.05 -1.99 3.73
N LEU A 22 -6.95 -2.56 3.24
CA LEU A 22 -5.99 -3.25 4.11
C LEU A 22 -5.12 -2.24 4.85
N GLN A 23 -4.77 -1.14 4.18
CA GLN A 23 -3.94 -0.10 4.78
C GLN A 23 -4.51 0.35 6.11
N SER A 24 -5.84 0.39 6.20
CA SER A 24 -6.51 0.82 7.43
C SER A 24 -6.11 -0.07 8.60
N SER A 25 -5.91 -1.36 8.31
CA SER A 25 -5.53 -2.32 9.35
C SER A 25 -4.03 -2.59 9.32
N TRP A 26 -3.26 -1.55 9.02
CA TRP A 26 -1.80 -1.67 8.96
C TRP A 26 -1.39 -2.79 7.99
N GLY A 27 -2.19 -2.97 6.94
CA GLY A 27 -1.90 -4.01 5.97
C GLY A 27 -0.63 -3.72 5.19
N MHO A 28 -0.59 -2.46 4.44
CA MHO A 28 0.68 -1.82 4.78
CB MHO A 28 1.74 -2.15 3.69
CG MHO A 28 1.22 -2.25 2.24
SD MHO A 28 2.54 -2.75 1.14
CE MHO A 28 2.30 -4.52 1.19
C MHO A 28 0.51 -0.33 4.93
O MHO A 28 0.50 0.40 3.96
OD1 MHO A 28 2.34 -2.10 -0.48
H MHO A 28 -1.54 -1.98 4.62
HA MHO A 28 1.03 -2.21 5.75
HB2 MHO A 28 2.23 -3.12 3.93
HB3 MHO A 28 2.56 -1.40 3.71
HG2 MHO A 28 0.83 -1.27 1.92
HG3 MHO A 28 0.38 -2.97 2.16
HE1 MHO A 28 2.96 -4.98 1.94
HE2 MHO A 28 1.25 -4.75 1.46
HE3 MHO A 28 2.51 -4.98 0.21
N MHO A 29 0.36 0.24 6.27
CA MHO A 29 1.30 1.36 6.36
CB MHO A 29 1.07 2.14 7.68
CG MHO A 29 -0.40 2.49 8.01
SD MHO A 29 -0.83 4.07 7.25
CE MHO A 29 -0.97 5.06 8.74
C MHO A 29 2.73 0.87 6.26
O MHO A 29 3.39 1.23 5.29
OD1 MHO A 29 0.41 4.65 6.18
H MHO A 29 0.41 -0.59 6.97
HA MHO A 29 1.13 2.02 5.50
HB2 MHO A 29 1.65 3.09 7.65
HB3 MHO A 29 1.49 1.58 8.53
HG2 MHO A 29 -0.54 2.56 9.10
HG3 MHO A 29 -1.10 1.71 7.64
HE1 MHO A 29 -1.62 5.94 8.57
HE2 MHO A 29 -1.39 4.46 9.56
HE3 MHO A 29 0.03 5.42 9.05
N GLY A 30 3.20 0.08 7.22
CA GLY A 30 4.57 -0.40 7.17
C GLY A 30 4.88 -1.13 5.87
N MHO A 31 6.15 -0.78 5.21
CA MHO A 31 6.80 -2.03 4.88
CB MHO A 31 8.06 -1.77 4.00
CG MHO A 31 8.90 -3.01 3.64
SD MHO A 31 10.42 -2.50 2.83
CE MHO A 31 10.48 -3.75 1.55
C MHO A 31 7.19 -2.79 6.14
O MHO A 31 7.54 -2.14 7.12
OD1 MHO A 31 10.30 -0.88 2.17
H MHO A 31 6.62 -0.03 5.84
HA MHO A 31 6.09 -2.67 4.33
HB2 MHO A 31 8.71 -1.04 4.51
HB3 MHO A 31 7.75 -1.27 3.07
HG2 MHO A 31 8.33 -3.67 2.96
HG3 MHO A 31 9.15 -3.61 4.54
HE1 MHO A 31 11.52 -4.08 1.37
HE2 MHO A 31 9.87 -4.62 1.83
HE3 MHO A 31 10.08 -3.35 0.60
N LEU A 32 7.12 -4.11 6.14
CA LEU A 32 7.47 -4.90 7.32
C LEU A 32 7.70 -6.36 6.95
N ALA A 33 8.31 -7.10 7.86
CA ALA A 33 8.59 -8.52 7.64
C ALA A 33 7.80 -9.39 8.61
N SER A 34 7.28 -10.50 8.11
CA SER A 34 6.50 -11.42 8.92
C SER A 34 7.39 -12.52 9.51
N GLN A 35 8.21 -13.12 8.65
CA GLN A 35 9.11 -14.18 9.08
C GLN A 35 10.49 -13.62 9.43
N GLN A 36 10.91 -12.61 8.68
CA GLN A 36 12.21 -11.98 8.92
C GLN A 36 12.10 -10.84 9.92
N ASN A 37 13.24 -10.40 10.43
CA ASN A 37 13.27 -9.32 11.41
C ASN A 37 13.55 -7.98 10.73
N GLN A 38 13.29 -6.89 11.45
CA GLN A 38 13.51 -5.56 10.92
C GLN A 38 14.89 -5.03 11.32
N SER A 39 15.48 -4.21 10.46
CA SER A 39 16.79 -3.64 10.73
C SER A 39 16.76 -2.12 10.61
N GLY A 40 17.58 -1.46 11.43
CA GLY A 40 17.63 -0.01 11.41
C GLY A 40 17.73 0.59 12.80
N GLY A 1 13.05 -1.62 -22.78
CA GLY A 1 12.23 -2.18 -23.84
C GLY A 1 10.78 -1.76 -23.75
N GLY A 2 10.56 -0.45 -23.59
CA GLY A 2 9.21 0.06 -23.48
C GLY A 2 9.05 1.05 -22.34
N MHO A 3 8.28 0.57 -21.18
CA MHO A 3 9.08 0.89 -20.00
CB MHO A 3 8.77 2.35 -19.54
CG MHO A 3 7.27 2.70 -19.40
SD MHO A 3 7.08 4.47 -19.18
CE MHO A 3 6.99 4.97 -20.90
C MHO A 3 8.84 -0.10 -18.89
O MHO A 3 7.76 -0.03 -18.28
OD1 MHO A 3 5.62 4.87 -18.30
H MHO A 3 7.98 -0.44 -21.40
HA MHO A 3 10.15 0.82 -20.27
HB2 MHO A 3 9.22 3.06 -20.24
HB3 MHO A 3 9.27 2.55 -18.56
HG2 MHO A 3 6.83 2.18 -18.53
HG3 MHO A 3 6.69 2.38 -20.28
HE1 MHO A 3 6.01 5.41 -21.14
HE2 MHO A 3 7.78 5.71 -21.13
HE3 MHO A 3 7.14 4.09 -21.56
N ASN A 4 9.77 -0.99 -18.60
CA ASN A 4 9.59 -1.98 -17.54
C ASN A 4 10.05 -1.41 -16.20
N PHE A 5 11.37 -1.23 -16.05
CA PHE A 5 11.93 -0.71 -14.83
C PHE A 5 11.97 0.82 -14.86
N GLY A 6 11.49 1.44 -13.78
CA GLY A 6 11.48 2.89 -13.69
C GLY A 6 10.18 3.48 -14.20
N ALA A 7 9.06 2.98 -13.69
CA ALA A 7 7.74 3.47 -14.10
C ALA A 7 7.14 4.37 -13.02
N PHE A 8 6.40 5.39 -13.47
CA PHE A 8 5.77 6.32 -12.55
C PHE A 8 4.45 5.76 -12.02
N SER A 9 4.53 5.04 -10.92
CA SER A 9 3.33 4.44 -10.32
C SER A 9 2.94 5.18 -9.04
N ILE A 10 1.70 4.98 -8.60
CA ILE A 10 1.20 5.63 -7.40
C ILE A 10 0.07 4.81 -6.77
N ASN A 11 0.05 4.79 -5.44
CA ASN A 11 -0.98 4.05 -4.70
C ASN A 11 -1.53 4.88 -3.56
N PRO A 12 -2.73 4.51 -3.08
CA PRO A 12 -3.38 5.20 -1.97
C PRO A 12 -2.67 4.98 -0.64
N ALA A 13 -2.15 6.06 -0.07
CA ALA A 13 -1.45 5.98 1.21
C ALA A 13 -2.41 6.09 2.38
N MHO A 14 -3.43 7.15 2.29
CA MHO A 14 -4.71 6.53 2.60
CB MHO A 14 -5.22 7.03 3.97
CG MHO A 14 -6.75 7.13 4.14
SD MHO A 14 -7.16 7.54 5.83
CE MHO A 14 -8.95 7.33 5.74
C MHO A 14 -5.72 6.80 1.51
O MHO A 14 -5.79 7.87 0.98
OD1 MHO A 14 -6.43 6.44 6.97
H MHO A 14 -3.25 7.66 1.35
HA MHO A 14 -4.56 5.43 2.64
HB2 MHO A 14 -4.79 8.03 4.18
HB3 MHO A 14 -4.82 6.38 4.79
HG2 MHO A 14 -7.22 6.18 3.86
HG3 MHO A 14 -7.18 7.90 3.46
HE1 MHO A 14 -9.23 6.87 4.77
HE2 MHO A 14 -9.30 6.67 6.55
HE3 MHO A 14 -9.46 8.30 5.82
N MHO A 15 -6.65 5.73 1.12
CA MHO A 15 -7.99 6.32 1.12
CB MHO A 15 -8.38 6.71 -0.32
CG MHO A 15 -8.67 5.54 -1.30
SD MHO A 15 -8.77 6.14 -2.98
CE MHO A 15 -10.31 7.07 -2.85
C MHO A 15 -9.00 5.37 1.72
O MHO A 15 -8.72 4.18 1.75
OD1 MHO A 15 -7.42 7.17 -3.40
H MHO A 15 -6.41 4.87 1.73
HA MHO A 15 -7.98 7.23 1.75
HB2 MHO A 15 -7.58 7.32 -0.78
HB3 MHO A 15 -9.27 7.38 -0.32
HG2 MHO A 15 -9.62 5.06 -1.02
HG3 MHO A 15 -7.88 4.76 -1.23
HE1 MHO A 15 -10.55 7.57 -3.81
HE2 MHO A 15 -11.13 6.40 -2.59
HE3 MHO A 15 -10.23 7.84 -2.07
N ALA A 16 -10.14 5.86 2.19
CA ALA A 16 -11.16 5.00 2.77
C ALA A 16 -11.54 3.87 1.82
N ALA A 17 -11.62 4.19 0.52
CA ALA A 17 -11.96 3.20 -0.48
C ALA A 17 -11.09 1.95 -0.36
N ALA A 18 -9.81 2.16 -0.04
CA ALA A 18 -8.87 1.07 0.10
C ALA A 18 -9.00 0.40 1.47
N GLN A 19 -9.29 1.21 2.49
CA GLN A 19 -9.43 0.71 3.84
C GLN A 19 -10.46 -0.42 3.90
N ALA A 20 -11.67 -0.13 3.44
CA ALA A 20 -12.74 -1.13 3.44
C ALA A 20 -12.34 -2.36 2.63
N ALA A 21 -11.84 -2.12 1.41
CA ALA A 21 -11.42 -3.21 0.54
C ALA A 21 -10.44 -4.15 1.26
N LEU A 22 -9.60 -3.57 2.11
CA LEU A 22 -8.62 -4.35 2.86
C LEU A 22 -9.27 -5.05 4.04
N GLN A 23 -10.15 -4.33 4.74
CA GLN A 23 -10.85 -4.90 5.89
C GLN A 23 -11.51 -6.22 5.54
N SER A 24 -12.05 -6.31 4.33
CA SER A 24 -12.72 -7.52 3.87
C SER A 24 -11.76 -8.71 3.91
N SER A 25 -10.50 -8.46 3.61
CA SER A 25 -9.49 -9.51 3.61
C SER A 25 -8.72 -9.53 4.93
N TRP A 26 -8.58 -10.72 5.50
CA TRP A 26 -7.87 -10.88 6.77
C TRP A 26 -6.40 -11.17 6.53
N GLY A 27 -5.54 -10.22 6.91
CA GLY A 27 -4.12 -10.39 6.73
C GLY A 27 -3.35 -9.08 6.84
N MHO A 28 -1.92 -9.14 6.55
CA MHO A 28 -1.64 -8.05 5.63
CB MHO A 28 -1.30 -6.76 6.43
CG MHO A 28 -0.08 -6.85 7.36
SD MHO A 28 -0.59 -7.41 8.99
CE MHO A 28 0.79 -6.77 9.95
C MHO A 28 -0.51 -8.41 4.69
O MHO A 28 0.52 -7.78 4.67
OD1 MHO A 28 -2.12 -6.71 9.48
H MHO A 28 -1.69 -10.17 6.30
HA MHO A 28 -2.54 -7.87 5.01
HB2 MHO A 28 -2.18 -6.47 7.04
HB3 MHO A 28 -1.16 -5.90 5.73
HG2 MHO A 28 0.40 -5.85 7.46
HG3 MHO A 28 0.69 -7.52 6.96
HE1 MHO A 28 0.67 -5.68 10.11
HE2 MHO A 28 0.82 -7.27 10.93
HE3 MHO A 28 1.74 -6.95 9.43
N MHO A 29 -0.69 -9.54 3.77
CA MHO A 29 -0.30 -9.06 2.44
CB MHO A 29 -0.26 -10.25 1.44
CG MHO A 29 0.19 -9.91 0.00
SD MHO A 29 1.97 -9.94 -0.12
CE MHO A 29 2.15 -9.43 -1.82
C MHO A 29 -1.23 -7.98 1.96
O MHO A 29 -2.43 -8.07 2.24
OD1 MHO A 29 2.74 -8.84 0.99
H MHO A 29 -1.67 -9.94 3.96
HA MHO A 29 0.71 -8.61 2.52
HB2 MHO A 29 -1.26 -10.71 1.39
HB3 MHO A 29 0.41 -11.05 1.84
HG2 MHO A 29 -0.18 -8.90 -0.27
HG3 MHO A 29 -0.25 -10.61 -0.74
HE1 MHO A 29 1.79 -8.39 -1.95
HE2 MHO A 29 3.21 -9.47 -2.14
HE3 MHO A 29 1.56 -10.08 -2.49
N GLY A 30 -0.73 -6.97 1.25
CA GLY A 30 -1.59 -5.91 0.76
C GLY A 30 -0.93 -4.55 0.82
N MHO A 31 -0.80 -3.94 2.16
CA MHO A 31 0.58 -3.50 2.27
CB MHO A 31 0.69 -2.00 1.86
CG MHO A 31 2.10 -1.52 1.45
SD MHO A 31 1.99 0.12 0.72
CE MHO A 31 3.72 0.37 0.35
C MHO A 31 1.11 -3.71 3.67
O MHO A 31 0.30 -3.99 4.55
OD1 MHO A 31 1.00 0.13 -0.73
H MHO A 31 -1.23 -4.64 2.85
HA MHO A 31 1.21 -4.11 1.59
HB2 MHO A 31 0.35 -1.37 2.69
HB3 MHO A 31 -0.01 -1.79 1.03
HG2 MHO A 31 2.54 -2.22 0.71
HG3 MHO A 31 2.78 -1.49 2.31
HE1 MHO A 31 4.18 -0.54 -0.08
HE2 MHO A 31 3.85 1.19 -0.39
HE3 MHO A 31 4.29 0.64 1.26
N LEU A 32 2.41 -3.59 3.89
CA LEU A 32 2.97 -3.79 5.22
C LEU A 32 3.64 -2.50 5.72
N ALA A 33 3.01 -1.37 5.44
CA ALA A 33 3.55 -0.08 5.86
C ALA A 33 2.82 0.44 7.09
N SER A 34 2.59 -0.45 8.05
CA SER A 34 1.89 -0.10 9.29
C SER A 34 2.69 0.94 10.07
N GLN A 35 4.00 0.71 10.18
CA GLN A 35 4.88 1.62 10.91
C GLN A 35 5.66 2.50 9.95
N GLN A 36 5.36 3.80 9.96
CA GLN A 36 6.04 4.75 9.08
C GLN A 36 7.54 4.75 9.36
N ASN A 37 7.91 4.63 10.62
CA ASN A 37 9.31 4.62 11.01
C ASN A 37 9.56 3.60 12.12
N GLN A 38 10.84 3.31 12.37
CA GLN A 38 11.22 2.34 13.40
C GLN A 38 11.18 2.99 14.78
N SER A 39 10.43 2.36 15.70
CA SER A 39 10.31 2.86 17.06
C SER A 39 9.55 1.88 17.94
N GLY A 40 9.70 2.04 19.25
CA GLY A 40 9.03 1.14 20.18
C GLY A 40 9.98 0.17 20.85
N GLY A 1 11.47 17.90 -7.75
CA GLY A 1 11.15 16.49 -7.84
C GLY A 1 9.67 16.21 -7.66
N GLY A 2 8.88 16.54 -8.68
CA GLY A 2 7.45 16.32 -8.61
C GLY A 2 6.78 16.48 -9.96
N MHO A 3 5.75 15.47 -10.30
CA MHO A 3 4.59 16.22 -10.77
CB MHO A 3 3.48 15.23 -11.24
CG MHO A 3 3.98 14.01 -12.04
SD MHO A 3 2.58 13.02 -12.59
CE MHO A 3 2.98 12.91 -14.33
C MHO A 3 4.06 17.12 -9.68
O MHO A 3 3.70 16.61 -8.62
OD1 MHO A 3 2.54 11.45 -11.82
H MHO A 3 5.70 14.79 -9.46
HA MHO A 3 4.89 16.85 -11.61
HB2 MHO A 3 2.75 15.77 -11.86
HB3 MHO A 3 2.90 14.86 -10.37
HG2 MHO A 3 4.64 13.38 -11.41
HG3 MHO A 3 4.58 14.31 -12.92
HE1 MHO A 3 4.00 12.49 -14.48
HE2 MHO A 3 2.26 12.26 -14.85
HE3 MHO A 3 2.95 13.91 -14.80
N ASN A 4 4.01 18.43 -9.91
CA ASN A 4 3.51 19.37 -8.89
C ASN A 4 2.05 19.71 -9.14
N PHE A 5 1.77 20.35 -10.27
CA PHE A 5 0.40 20.73 -10.62
C PHE A 5 -0.21 19.71 -11.58
N GLY A 6 -0.48 18.51 -11.06
CA GLY A 6 -1.06 17.47 -11.88
C GLY A 6 -1.57 16.29 -11.06
N ALA A 7 -2.80 15.89 -11.30
CA ALA A 7 -3.40 14.76 -10.59
C ALA A 7 -2.91 13.44 -11.14
N PHE A 8 -3.24 12.35 -10.44
CA PHE A 8 -2.84 11.02 -10.85
C PHE A 8 -4.03 10.24 -11.41
N SER A 9 -3.78 9.43 -12.42
CA SER A 9 -4.82 8.63 -13.05
C SER A 9 -5.31 7.53 -12.10
N ILE A 10 -6.37 6.84 -12.51
CA ILE A 10 -6.93 5.76 -11.70
C ILE A 10 -6.75 4.41 -12.38
N ASN A 11 -5.58 4.20 -12.96
CA ASN A 11 -5.29 2.94 -13.65
C ASN A 11 -5.25 1.78 -12.66
N PRO A 12 -5.38 0.56 -13.19
CA PRO A 12 -5.37 -0.66 -12.37
C PRO A 12 -4.00 -0.96 -11.79
N ALA A 13 -2.96 -0.52 -12.50
CA ALA A 13 -1.59 -0.74 -12.05
C ALA A 13 -1.39 -0.27 -10.61
N MHO A 14 -1.97 1.03 -10.27
CA MHO A 14 -2.73 0.83 -9.04
CB MHO A 14 -1.79 0.97 -7.80
CG MHO A 14 -0.68 2.05 -7.92
SD MHO A 14 0.11 2.29 -6.33
CE MHO A 14 1.56 3.18 -6.88
C MHO A 14 -3.88 1.80 -8.94
O MHO A 14 -3.70 2.99 -9.01
OD1 MHO A 14 -0.88 3.24 -5.23
H MHO A 14 -2.43 1.40 -11.16
HA MHO A 14 -3.16 -0.19 -9.05
HB2 MHO A 14 -1.29 0.00 -7.61
HB3 MHO A 14 -2.38 1.17 -6.89
HG2 MHO A 14 -1.13 3.01 -8.25
HG3 MHO A 14 0.07 1.78 -8.67
HE1 MHO A 14 2.31 2.48 -7.28
HE2 MHO A 14 1.29 3.90 -7.66
HE3 MHO A 14 2.02 3.73 -6.04
N MHO A 15 -5.25 1.27 -8.76
CA MHO A 15 -5.84 2.04 -7.67
CB MHO A 15 -7.36 1.71 -7.57
CG MHO A 15 -7.74 0.22 -7.65
SD MHO A 15 -9.52 0.05 -7.69
CE MHO A 15 -9.78 0.22 -9.45
C MHO A 15 -5.14 1.73 -6.36
O MHO A 15 -4.62 0.63 -6.23
OD1 MHO A 15 -10.05 -1.50 -7.09
H MHO A 15 -5.15 0.20 -8.73
HA MHO A 15 -5.70 3.11 -7.86
HB2 MHO A 15 -7.89 2.25 -8.38
HB3 MHO A 15 -7.77 2.14 -6.63
HG2 MHO A 15 -7.34 -0.32 -6.77
HG3 MHO A 15 -7.31 -0.26 -8.54
HE1 MHO A 15 -8.82 0.14 -10.00
HE2 MHO A 15 -10.45 -0.58 -9.82
HE3 MHO A 15 -10.25 1.20 -9.69
N ALA A 16 -5.11 2.67 -5.42
CA ALA A 16 -4.45 2.44 -4.14
C ALA A 16 -5.33 1.60 -3.22
N ALA A 17 -6.64 1.82 -3.28
CA ALA A 17 -7.59 1.09 -2.45
C ALA A 17 -7.37 -0.42 -2.58
N ALA A 18 -7.06 -0.87 -3.80
CA ALA A 18 -6.83 -2.28 -4.06
C ALA A 18 -5.71 -2.83 -3.17
N GLN A 19 -4.58 -2.12 -3.14
CA GLN A 19 -3.44 -2.54 -2.34
C GLN A 19 -3.82 -2.63 -0.86
N ALA A 20 -4.49 -1.58 -0.37
CA ALA A 20 -4.91 -1.54 1.03
C ALA A 20 -5.81 -2.73 1.37
N ALA A 21 -6.65 -3.12 0.41
CA ALA A 21 -7.56 -4.24 0.60
C ALA A 21 -6.81 -5.48 1.05
N LEU A 22 -5.73 -5.80 0.35
CA LEU A 22 -4.92 -6.97 0.68
C LEU A 22 -4.45 -6.92 2.12
N GLN A 23 -3.92 -5.77 2.53
CA GLN A 23 -3.43 -5.59 3.89
C GLN A 23 -4.55 -5.76 4.90
N SER A 24 -5.75 -5.28 4.54
CA SER A 24 -6.90 -5.38 5.41
C SER A 24 -7.26 -6.83 5.70
N SER A 25 -7.07 -7.68 4.70
CA SER A 25 -7.37 -9.10 4.83
C SER A 25 -6.51 -9.74 5.91
N TRP A 26 -5.20 -9.54 5.80
CA TRP A 26 -4.26 -10.10 6.77
C TRP A 26 -4.54 -9.57 8.17
N GLY A 27 -4.40 -8.26 8.35
CA GLY A 27 -4.65 -7.65 9.64
C GLY A 27 -3.55 -6.69 10.05
N MHO A 28 -3.98 -5.40 10.62
CA MHO A 28 -3.20 -5.22 11.84
CB MHO A 28 -2.11 -4.13 11.60
CG MHO A 28 -1.32 -4.25 10.29
SD MHO A 28 0.16 -5.23 10.55
CE MHO A 28 0.86 -5.14 8.90
C MHO A 28 -4.10 -4.84 13.00
O MHO A 28 -4.48 -3.70 13.15
OD1 MHO A 28 1.21 -4.54 11.75
H MHO A 28 -5.06 -5.42 10.62
HA MHO A 28 -2.72 -6.17 12.10
HB2 MHO A 28 -1.39 -4.16 12.44
HB3 MHO A 28 -2.57 -3.12 11.66
HG2 MHO A 28 -1.02 -3.25 9.93
HG3 MHO A 28 -1.92 -4.71 9.49
HE1 MHO A 28 0.06 -5.08 8.14
HE2 MHO A 28 1.49 -4.23 8.81
HE3 MHO A 28 1.48 -6.02 8.68
N MHO A 29 -4.51 -5.89 13.95
CA MHO A 29 -4.26 -5.35 15.28
CB MHO A 29 -4.84 -6.31 16.35
CG MHO A 29 -4.99 -5.72 17.76
SD MHO A 29 -6.60 -4.95 17.93
CE MHO A 29 -6.87 -5.23 19.68
C MHO A 29 -2.79 -5.12 15.50
O MHO A 29 -2.09 -6.09 15.78
OD1 MHO A 29 -6.57 -3.25 17.54
H MHO A 29 -4.05 -6.80 13.60
HA MHO A 29 -4.76 -4.36 15.36
HB2 MHO A 29 -4.19 -7.21 16.43
HB3 MHO A 29 -5.82 -6.70 16.02
HG2 MHO A 29 -4.21 -4.97 17.96
HG3 MHO A 29 -4.89 -6.50 18.55
HE1 MHO A 29 -5.94 -5.57 20.18
HE2 MHO A 29 -7.21 -4.30 20.17
HE3 MHO A 29 -7.65 -6.00 19.85
N GLY A 30 -2.31 -3.88 15.39
CA GLY A 30 -0.89 -3.62 15.59
C GLY A 30 -0.63 -2.18 15.99
N MHO A 31 0.77 -1.84 16.32
CA MHO A 31 1.08 -0.63 15.56
CB MHO A 31 0.84 0.62 16.46
CG MHO A 31 1.92 0.91 17.53
SD MHO A 31 1.20 1.81 18.90
CE MHO A 31 2.69 2.58 19.55
C MHO A 31 2.51 -0.65 15.06
O MHO A 31 2.76 -0.03 14.03
OD1 MHO A 31 0.03 3.01 18.37
H MHO A 31 1.35 -2.75 16.19
HA MHO A 31 0.43 -0.58 14.68
HB2 MHO A 31 -0.13 0.51 16.99
HB3 MHO A 31 0.71 1.52 15.83
HG2 MHO A 31 2.73 1.52 17.08
HG3 MHO A 31 2.38 -0.01 17.90
HE1 MHO A 31 3.46 1.80 19.75
HE2 MHO A 31 3.09 3.30 18.82
HE3 MHO A 31 2.47 3.10 20.49
N LEU A 32 3.42 -1.34 15.74
CA LEU A 32 4.81 -1.41 15.29
C LEU A 32 5.17 -2.81 14.82
N ALA A 33 5.97 -2.89 13.77
CA ALA A 33 6.39 -4.18 13.23
C ALA A 33 7.61 -4.71 13.97
N SER A 34 7.36 -5.54 14.98
CA SER A 34 8.44 -6.12 15.77
C SER A 34 9.05 -7.32 15.07
N GLN A 35 8.19 -8.15 14.47
CA GLN A 35 8.66 -9.33 13.75
C GLN A 35 8.10 -9.36 12.33
N GLN A 36 8.99 -9.54 11.36
CA GLN A 36 8.60 -9.58 9.96
C GLN A 36 9.67 -10.26 9.11
N ASN A 37 9.24 -11.15 8.23
CA ASN A 37 10.17 -11.87 7.36
C ASN A 37 10.22 -11.23 5.97
N GLN A 38 11.43 -11.19 5.40
CA GLN A 38 11.61 -10.60 4.08
C GLN A 38 11.40 -11.63 2.99
N SER A 39 10.97 -11.17 1.81
CA SER A 39 10.72 -12.06 0.68
C SER A 39 10.94 -11.33 -0.63
N GLY A 40 10.72 -12.04 -1.74
CA GLY A 40 10.90 -11.44 -3.05
C GLY A 40 12.23 -11.80 -3.68
N GLY A 1 10.55 20.57 -27.59
CA GLY A 1 10.16 19.18 -27.77
C GLY A 1 9.47 18.60 -26.56
N GLY A 2 8.50 17.72 -26.79
CA GLY A 2 7.77 17.10 -25.70
C GLY A 2 6.57 17.92 -25.27
N MHO A 3 5.26 17.27 -25.40
CA MHO A 3 4.57 17.47 -24.12
CB MHO A 3 3.09 17.04 -24.25
CG MHO A 3 2.27 17.06 -22.94
SD MHO A 3 0.58 16.57 -23.27
CE MHO A 3 -0.20 18.18 -23.22
C MHO A 3 5.26 16.72 -23.01
O MHO A 3 5.85 15.68 -23.30
OD1 MHO A 3 0.41 15.80 -24.83
H MHO A 3 5.45 16.28 -25.79
HA MHO A 3 4.62 18.55 -23.87
HB2 MHO A 3 3.05 16.01 -24.66
HB3 MHO A 3 2.57 17.67 -25.00
HG2 MHO A 3 2.27 18.08 -22.51
HG3 MHO A 3 2.70 16.40 -22.18
HE1 MHO A 3 -1.09 18.21 -23.89
HE2 MHO A 3 -0.53 18.42 -22.20
HE3 MHO A 3 0.51 18.96 -23.55
N ASN A 4 5.22 17.21 -21.78
CA ASN A 4 5.87 16.53 -20.67
C ASN A 4 4.93 16.42 -19.47
N PHE A 5 3.97 15.50 -19.58
CA PHE A 5 3.00 15.29 -18.50
C PHE A 5 2.38 13.90 -18.61
N GLY A 6 1.61 13.53 -17.58
CA GLY A 6 0.96 12.23 -17.57
C GLY A 6 1.14 11.51 -16.25
N ALA A 7 0.03 11.03 -15.69
CA ALA A 7 0.08 10.31 -14.42
C ALA A 7 0.61 8.89 -14.60
N PHE A 8 1.86 8.68 -14.25
CA PHE A 8 2.48 7.36 -14.39
C PHE A 8 3.27 7.00 -13.13
N SER A 9 3.93 5.85 -13.17
CA SER A 9 4.73 5.39 -12.03
C SER A 9 3.84 5.17 -10.81
N ILE A 10 2.66 4.60 -11.04
CA ILE A 10 1.73 4.33 -9.95
C ILE A 10 1.37 2.84 -9.90
N ASN A 11 1.54 2.24 -8.73
CA ASN A 11 1.24 0.82 -8.55
C ASN A 11 0.55 0.59 -7.20
N PRO A 12 -0.13 -0.56 -7.08
CA PRO A 12 -0.84 -0.93 -5.85
C PRO A 12 0.11 -1.27 -4.71
N ALA A 13 -0.14 -0.68 -3.55
CA ALA A 13 0.69 -0.92 -2.37
C ALA A 13 0.25 -2.17 -1.63
N MHO A 14 -1.16 -2.21 -1.21
CA MHO A 14 -1.68 -3.51 -1.64
CB MHO A 14 -1.94 -4.41 -0.39
CG MHO A 14 -3.17 -5.35 -0.49
SD MHO A 14 -2.88 -6.60 -1.73
CE MHO A 14 -4.47 -6.53 -2.56
C MHO A 14 -2.93 -3.36 -2.46
O MHO A 14 -3.03 -3.86 -3.55
OD1 MHO A 14 -1.57 -6.18 -2.81
H MHO A 14 -1.61 -1.29 -1.54
HA MHO A 14 -0.93 -4.00 -2.28
HB2 MHO A 14 -2.07 -3.76 0.50
HB3 MHO A 14 -1.04 -5.02 -0.17
HG2 MHO A 14 -4.07 -4.76 -0.75
HG3 MHO A 14 -3.38 -5.84 0.48
HE1 MHO A 14 -5.26 -7.00 -1.94
HE2 MHO A 14 -4.76 -5.49 -2.75
HE3 MHO A 14 -4.43 -7.07 -3.52
N MHO A 15 -4.05 -2.56 -1.92
CA MHO A 15 -4.44 -1.64 -2.98
CB MHO A 15 -5.51 -2.30 -3.89
CG MHO A 15 -5.91 -1.51 -5.15
SD MHO A 15 -6.41 -2.65 -6.45
CE MHO A 15 -8.07 -3.02 -5.89
C MHO A 15 -4.96 -0.34 -2.40
O MHO A 15 -5.21 -0.31 -1.19
OD1 MHO A 15 -6.42 -1.87 -8.03
H MHO A 15 -3.73 -2.22 -0.94
HA MHO A 15 -3.55 -1.38 -3.58
HB2 MHO A 15 -6.44 -2.49 -3.29
HB3 MHO A 15 -5.17 -3.31 -4.20
HG2 MHO A 15 -5.06 -0.90 -5.50
HG3 MHO A 15 -6.74 -0.81 -4.94
HE1 MHO A 15 -8.25 -4.11 -5.88
HE2 MHO A 15 -8.21 -2.64 -4.85
HE3 MHO A 15 -8.82 -2.54 -6.53
N ALA A 16 -5.11 0.70 -3.20
CA ALA A 16 -5.61 1.98 -2.70
C ALA A 16 -6.91 1.80 -1.93
N ALA A 17 -7.76 0.89 -2.40
CA ALA A 17 -9.03 0.62 -1.75
C ALA A 17 -8.88 -0.43 -0.66
N ALA A 18 -8.01 -1.41 -0.91
CA ALA A 18 -7.78 -2.48 0.05
C ALA A 18 -7.46 -1.92 1.44
N GLN A 19 -6.75 -0.79 1.47
CA GLN A 19 -6.39 -0.15 2.73
C GLN A 19 -7.61 0.04 3.61
N ALA A 20 -8.75 0.37 2.98
CA ALA A 20 -9.98 0.58 3.72
C ALA A 20 -10.39 -0.67 4.49
N ALA A 21 -10.16 -1.83 3.90
CA ALA A 21 -10.49 -3.10 4.53
C ALA A 21 -9.67 -3.32 5.80
N LEU A 22 -8.42 -2.87 5.76
CA LEU A 22 -7.51 -3.03 6.91
C LEU A 22 -8.16 -2.48 8.18
N GLN A 23 -8.92 -1.40 8.03
CA GLN A 23 -9.60 -0.78 9.17
C GLN A 23 -10.40 -1.81 9.95
N SER A 24 -10.99 -2.76 9.24
CA SER A 24 -11.79 -3.82 9.86
C SER A 24 -10.94 -5.04 10.17
N SER A 25 -9.98 -5.32 9.29
CA SER A 25 -9.10 -6.47 9.46
C SER A 25 -8.00 -6.16 10.47
N TRP A 26 -8.01 -6.88 11.58
CA TRP A 26 -7.01 -6.68 12.63
C TRP A 26 -6.09 -7.89 12.75
N GLY A 27 -5.84 -8.54 11.61
CA GLY A 27 -4.98 -9.71 11.60
C GLY A 27 -3.55 -9.38 12.01
N MHO A 28 -2.63 -10.52 12.12
CA MHO A 28 -1.43 -10.15 11.39
CB MHO A 28 -0.32 -11.21 11.61
CG MHO A 28 -0.77 -12.69 11.50
SD MHO A 28 0.60 -13.70 10.93
CE MHO A 28 -0.33 -14.94 10.04
C MHO A 28 -1.72 -9.99 9.92
O MHO A 28 -2.47 -10.73 9.34
OD1 MHO A 28 1.67 -12.81 9.87
H MHO A 28 -3.20 -11.41 11.87
HA MHO A 28 -1.07 -9.17 11.76
HB2 MHO A 28 0.13 -11.07 12.62
HB3 MHO A 28 0.52 -11.04 10.91
HG2 MHO A 28 -1.61 -12.77 10.79
HG3 MHO A 28 -1.12 -13.08 12.48
HE1 MHO A 28 -1.38 -14.98 10.39
HE2 MHO A 28 -0.34 -14.72 8.96
HE3 MHO A 28 0.11 -15.95 10.18
N MHO A 29 -1.08 -8.88 9.18
CA MHO A 29 -0.52 -9.48 7.97
CB MHO A 29 -1.53 -9.34 6.80
CG MHO A 29 -1.18 -10.10 5.50
SD MHO A 29 -2.47 -9.87 4.28
CE MHO A 29 -2.53 -11.53 3.62
C MHO A 29 0.80 -8.83 7.61
O MHO A 29 1.82 -9.52 7.69
OD1 MHO A 29 -3.99 -9.40 5.01
H MHO A 29 -0.47 -8.36 9.89
HA MHO A 29 -0.32 -10.55 8.15
HB2 MHO A 29 -1.65 -8.26 6.54
HB3 MHO A 29 -2.54 -9.66 7.13
HG2 MHO A 29 -1.06 -11.18 5.72
HG3 MHO A 29 -0.21 -9.75 5.08
HE1 MHO A 29 -3.56 -11.90 3.55
HE2 MHO A 29 -2.08 -11.56 2.61
HE3 MHO A 29 -1.96 -12.23 4.27
N GLY A 30 0.82 -7.56 7.24
CA GLY A 30 2.07 -6.91 6.89
C GLY A 30 1.86 -5.59 6.17
N MHO A 31 3.06 -4.81 5.87
CA MHO A 31 2.97 -4.43 4.47
CB MHO A 31 2.61 -2.91 4.35
CG MHO A 31 1.48 -2.42 5.28
SD MHO A 31 -0.10 -2.54 4.45
CE MHO A 31 -0.77 -0.94 4.91
C MHO A 31 4.24 -4.74 3.73
O MHO A 31 5.05 -3.82 3.55
OD1 MHO A 31 0.07 -2.72 2.72
H MHO A 31 3.89 -5.38 6.25
HA MHO A 31 2.17 -5.02 3.99
HB2 MHO A 31 2.31 -2.70 3.30
HB3 MHO A 31 3.52 -2.30 4.52
HG2 MHO A 31 1.67 -1.37 5.56
HG3 MHO A 31 1.45 -3.00 6.22
HE1 MHO A 31 -1.82 -1.04 5.22
HE2 MHO A 31 -0.20 -0.50 5.73
HE3 MHO A 31 -0.73 -0.24 4.04
N LEU A 32 4.47 -5.98 3.30
CA LEU A 32 5.69 -6.34 2.59
C LEU A 32 6.92 -6.08 3.46
N ALA A 33 6.90 -6.60 4.68
CA ALA A 33 8.01 -6.44 5.60
C ALA A 33 8.29 -7.73 6.37
N SER A 34 9.53 -8.21 6.29
CA SER A 34 9.91 -9.43 6.96
C SER A 34 9.74 -9.30 8.47
N GLN A 35 10.03 -8.11 9.00
CA GLN A 35 9.90 -7.86 10.43
C GLN A 35 8.50 -8.20 10.91
N GLN A 36 8.39 -8.57 12.19
CA GLN A 36 7.10 -8.92 12.78
C GLN A 36 6.53 -7.75 13.57
N ASN A 37 7.25 -7.32 14.60
CA ASN A 37 6.82 -6.21 15.44
C ASN A 37 7.48 -4.91 15.01
N GLN A 38 6.89 -3.79 15.39
CA GLN A 38 7.42 -2.48 15.05
C GLN A 38 8.13 -1.84 16.24
N SER A 39 7.36 -1.53 17.28
CA SER A 39 7.91 -0.92 18.48
C SER A 39 7.12 -1.34 19.72
N GLY A 40 7.83 -1.76 20.76
CA GLY A 40 7.18 -2.19 21.98
C GLY A 40 7.71 -3.52 22.48
N GLY A 1 -23.49 8.32 -31.09
CA GLY A 1 -22.19 7.77 -30.72
C GLY A 1 -22.22 7.14 -29.34
N GLY A 2 -22.14 5.82 -29.28
CA GLY A 2 -22.16 5.13 -28.00
C GLY A 2 -23.56 4.88 -27.50
N MHO A 3 -24.02 5.75 -26.40
CA MHO A 3 -25.34 6.23 -26.80
CB MHO A 3 -26.43 5.23 -26.34
CG MHO A 3 -26.34 4.76 -24.86
SD MHO A 3 -27.45 3.38 -24.58
CE MHO A 3 -26.24 2.14 -24.10
C MHO A 3 -25.61 7.60 -26.24
O MHO A 3 -26.02 8.47 -27.01
OD1 MHO A 3 -28.60 3.70 -23.31
H MHO A 3 -23.21 6.42 -26.18
HA MHO A 3 -25.38 6.31 -27.90
HB2 MHO A 3 -26.41 4.32 -26.97
HB3 MHO A 3 -27.44 5.66 -26.49
HG2 MHO A 3 -26.61 5.58 -24.19
HG3 MHO A 3 -25.31 4.45 -24.60
HE1 MHO A 3 -25.30 2.62 -23.78
HE2 MHO A 3 -26.63 1.54 -23.26
HE3 MHO A 3 -26.01 1.46 -24.94
N ASN A 4 -25.39 7.83 -24.95
CA ASN A 4 -25.62 9.15 -24.35
C ASN A 4 -24.31 9.91 -24.19
N PHE A 5 -23.26 9.20 -23.77
CA PHE A 5 -21.96 9.82 -23.58
C PHE A 5 -21.15 9.80 -24.87
N GLY A 6 -20.31 10.81 -25.06
CA GLY A 6 -19.49 10.89 -26.25
C GLY A 6 -18.25 11.75 -26.06
N ALA A 7 -17.68 11.69 -24.86
CA ALA A 7 -16.49 12.46 -24.55
C ALA A 7 -15.35 11.55 -24.11
N PHE A 8 -14.15 12.12 -23.97
CA PHE A 8 -12.98 11.36 -23.55
C PHE A 8 -12.31 12.01 -22.35
N SER A 9 -12.84 11.76 -21.16
CA SER A 9 -12.29 12.34 -19.94
C SER A 9 -11.52 11.28 -19.15
N ILE A 10 -10.47 11.72 -18.46
CA ILE A 10 -9.64 10.83 -17.67
C ILE A 10 -9.89 11.03 -16.18
N ASN A 11 -10.56 10.08 -15.55
CA ASN A 11 -10.84 10.15 -14.12
C ASN A 11 -10.33 8.92 -13.39
N PRO A 12 -10.17 9.03 -12.06
CA PRO A 12 -9.69 7.93 -11.22
C PRO A 12 -10.70 6.81 -11.10
N ALA A 13 -10.62 5.83 -11.99
CA ALA A 13 -11.54 4.70 -11.98
C ALA A 13 -11.05 3.61 -11.03
N MHO A 14 -9.67 3.14 -11.24
CA MHO A 14 -9.03 3.15 -9.93
CB MHO A 14 -9.06 1.73 -9.31
CG MHO A 14 -10.21 1.44 -8.33
SD MHO A 14 -9.71 0.20 -7.13
CE MHO A 14 -10.39 0.94 -5.66
C MHO A 14 -7.63 3.67 -10.03
O MHO A 14 -7.17 4.09 -11.07
OD1 MHO A 14 -10.41 -1.36 -7.46
H MHO A 14 -9.28 3.71 -12.07
HA MHO A 14 -9.59 3.85 -9.27
HB2 MHO A 14 -8.11 1.54 -8.79
HB3 MHO A 14 -9.08 0.97 -10.13
HG2 MHO A 14 -11.10 1.06 -8.88
HG3 MHO A 14 -10.53 2.36 -7.80
HE1 MHO A 14 -11.46 1.17 -5.79
HE2 MHO A 14 -10.27 0.27 -4.79
HE3 MHO A 14 -9.86 1.89 -5.42
N MHO A 15 -6.77 3.66 -8.82
CA MHO A 15 -5.51 3.06 -9.21
CB MHO A 15 -4.43 4.16 -9.37
CG MHO A 15 -4.92 5.52 -9.93
SD MHO A 15 -3.60 6.73 -9.88
CE MHO A 15 -3.18 6.74 -11.63
C MHO A 15 -5.07 2.03 -8.20
O MHO A 15 -5.45 2.15 -7.04
OD1 MHO A 15 -4.15 8.30 -9.34
H MHO A 15 -7.39 3.25 -8.03
HA MHO A 15 -5.65 2.55 -10.18
HB2 MHO A 15 -3.63 3.81 -10.04
HB3 MHO A 15 -3.92 4.35 -8.40
HG2 MHO A 15 -5.77 5.89 -9.33
HG3 MHO A 15 -5.29 5.42 -10.97
HE1 MHO A 15 -3.81 7.44 -12.19
HE2 MHO A 15 -2.12 7.02 -11.76
HE3 MHO A 15 -3.30 5.73 -12.07
N ALA A 16 -4.30 1.02 -8.62
CA ALA A 16 -3.84 -0.01 -7.70
C ALA A 16 -2.59 0.43 -6.95
N ALA A 17 -1.71 1.14 -7.65
CA ALA A 17 -0.47 1.62 -7.05
C ALA A 17 -0.75 2.46 -5.81
N ALA A 18 -1.84 3.23 -5.85
CA ALA A 18 -2.22 4.07 -4.72
C ALA A 18 -2.29 3.27 -3.43
N GLN A 19 -2.90 2.08 -3.50
CA GLN A 19 -3.03 1.22 -2.34
C GLN A 19 -1.77 0.39 -2.13
N ALA A 20 -1.19 -0.09 -3.22
CA ALA A 20 0.02 -0.89 -3.16
C ALA A 20 1.12 -0.19 -2.36
N ALA A 21 1.18 1.14 -2.50
CA ALA A 21 2.17 1.93 -1.79
C ALA A 21 2.15 1.63 -0.30
N LEU A 22 0.94 1.52 0.26
CA LEU A 22 0.78 1.23 1.68
C LEU A 22 1.21 -0.20 2.00
N GLN A 23 0.88 -1.12 1.10
CA GLN A 23 1.23 -2.52 1.28
C GLN A 23 2.74 -2.70 1.41
N SER A 24 3.49 -1.93 0.63
CA SER A 24 4.94 -2.00 0.66
C SER A 24 5.47 -1.69 2.05
N SER A 25 4.82 -0.77 2.75
CA SER A 25 5.22 -0.37 4.08
C SER A 25 4.45 -1.16 5.14
N TRP A 26 4.75 -2.45 5.25
CA TRP A 26 4.08 -3.31 6.22
C TRP A 26 5.10 -3.96 7.16
N GLY A 27 4.64 -4.33 8.35
CA GLY A 27 5.52 -4.94 9.32
C GLY A 27 6.18 -3.93 10.23
N MHO A 28 7.57 -4.21 10.63
CA MHO A 28 8.31 -2.98 10.41
CB MHO A 28 8.36 -2.15 11.71
CG MHO A 28 9.21 -0.86 11.67
SD MHO A 28 9.05 0.04 13.21
CE MHO A 28 9.88 1.56 12.73
C MHO A 28 9.71 -3.29 9.91
O MHO A 28 10.05 -3.02 8.78
OD1 MHO A 28 7.38 0.31 13.64
H MHO A 28 7.83 -5.15 10.15
HA MHO A 28 7.81 -2.40 9.62
HB2 MHO A 28 8.75 -2.78 12.54
HB3 MHO A 28 7.33 -1.88 12.02
HG2 MHO A 28 8.88 -0.22 10.83
HG3 MHO A 28 10.28 -1.09 11.48
HE1 MHO A 28 10.12 2.17 13.61
HE2 MHO A 28 10.82 1.33 12.20
HE3 MHO A 28 9.23 2.16 12.05
N MHO A 29 10.68 -3.90 10.83
CA MHO A 29 11.27 -5.02 10.10
CB MHO A 29 12.60 -4.57 9.43
CG MHO A 29 13.08 -5.42 8.23
SD MHO A 29 14.36 -4.54 7.33
CE MHO A 29 13.55 -4.45 5.74
C MHO A 29 11.50 -6.19 11.02
O MHO A 29 11.39 -7.33 10.55
OD1 MHO A 29 14.68 -2.97 8.01
H MHO A 29 10.16 -4.04 11.77
HA MHO A 29 10.56 -5.35 9.32
HB2 MHO A 29 13.41 -4.56 10.19
HB3 MHO A 29 12.52 -3.51 9.11
HG2 MHO A 29 12.23 -5.62 7.56
HG3 MHO A 29 13.46 -6.40 8.56
HE1 MHO A 29 13.96 -3.61 5.14
HE2 MHO A 29 13.70 -5.38 5.17
HE3 MHO A 29 12.47 -4.29 5.85
N GLY A 30 11.83 -5.97 12.29
CA GLY A 30 12.06 -7.08 13.20
C GLY A 30 11.29 -6.93 14.49
N MHO A 31 11.57 -7.93 15.54
CA MHO A 31 11.79 -7.17 16.77
CB MHO A 31 10.48 -7.14 17.60
CG MHO A 31 9.83 -8.50 17.91
SD MHO A 31 8.36 -8.28 18.92
CE MHO A 31 7.12 -8.49 17.64
C MHO A 31 12.92 -7.77 17.58
O MHO A 31 13.63 -8.62 17.04
OD1 MHO A 31 8.22 -9.49 20.17
H MHO A 31 12.32 -8.59 15.13
HA MHO A 31 12.09 -6.14 16.51
HB2 MHO A 31 9.72 -6.53 17.07
HB3 MHO A 31 10.65 -6.60 18.56
HG2 MHO A 31 10.55 -9.15 18.46
HG3 MHO A 31 9.56 -9.05 16.99
HE1 MHO A 31 7.58 -8.89 16.71
HE2 MHO A 31 6.34 -9.21 17.97
HE3 MHO A 31 6.63 -7.53 17.41
N LEU A 32 13.10 -7.37 18.83
CA LEU A 32 14.18 -7.90 19.66
C LEU A 32 13.63 -8.41 20.99
N ALA A 33 14.31 -9.41 21.56
CA ALA A 33 13.89 -9.99 22.82
C ALA A 33 13.79 -8.92 23.91
N SER A 34 12.90 -9.14 24.87
CA SER A 34 12.70 -8.20 25.97
C SER A 34 13.71 -8.44 27.08
N GLN A 35 13.98 -9.71 27.36
CA GLN A 35 14.91 -10.08 28.42
C GLN A 35 16.35 -9.74 28.01
N GLN A 36 17.18 -9.44 29.01
CA GLN A 36 18.57 -9.09 28.75
C GLN A 36 19.50 -10.23 29.15
N ASN A 37 20.43 -10.57 28.26
CA ASN A 37 21.38 -11.65 28.53
C ASN A 37 22.61 -11.52 27.65
N GLN A 38 23.79 -11.69 28.24
CA GLN A 38 25.04 -11.59 27.50
C GLN A 38 25.66 -12.97 27.30
N SER A 39 25.55 -13.82 28.32
CA SER A 39 26.10 -15.17 28.25
C SER A 39 25.42 -15.98 27.17
N GLY A 40 24.09 -16.00 27.21
CA GLY A 40 23.33 -16.75 26.22
C GLY A 40 21.85 -16.42 26.26
N GLY A 1 -1.91 -5.28 -23.88
CA GLY A 1 -2.98 -6.19 -23.51
C GLY A 1 -3.80 -5.69 -22.34
N GLY A 2 -4.61 -4.65 -22.58
CA GLY A 2 -5.42 -4.09 -21.53
C GLY A 2 -5.99 -2.73 -21.90
N MHO A 3 -7.35 -2.43 -21.42
CA MHO A 3 -7.28 -1.11 -20.81
CB MHO A 3 -7.73 -0.03 -21.84
CG MHO A 3 -7.09 1.36 -21.67
SD MHO A 3 -8.16 2.61 -22.39
CE MHO A 3 -8.82 3.32 -20.88
C MHO A 3 -8.14 -1.05 -19.56
O MHO A 3 -8.76 -0.02 -19.33
OD1 MHO A 3 -7.26 3.78 -23.34
H MHO A 3 -7.67 -3.30 -20.87
HA MHO A 3 -6.24 -0.91 -20.51
HB2 MHO A 3 -8.83 0.09 -21.79
HB3 MHO A 3 -7.54 -0.39 -22.87
HG2 MHO A 3 -6.11 1.39 -22.18
HG3 MHO A 3 -6.92 1.61 -20.61
HE1 MHO A 3 -9.54 4.12 -21.11
HE2 MHO A 3 -9.33 2.54 -20.28
HE3 MHO A 3 -8.01 3.75 -20.27
N ASN A 4 -8.18 -2.11 -18.76
CA ASN A 4 -8.98 -2.11 -17.54
C ASN A 4 -8.09 -2.33 -16.31
N PHE A 5 -7.07 -1.50 -16.17
CA PHE A 5 -6.16 -1.60 -15.04
C PHE A 5 -6.09 -0.29 -14.27
N GLY A 6 -7.26 0.33 -14.05
CA GLY A 6 -7.31 1.58 -13.32
C GLY A 6 -7.67 2.75 -14.23
N ALA A 7 -8.73 3.47 -13.86
CA ALA A 7 -9.18 4.62 -14.64
C ALA A 7 -8.53 5.90 -14.14
N PHE A 8 -8.62 6.14 -12.83
CA PHE A 8 -8.05 7.34 -12.23
C PHE A 8 -6.90 6.98 -11.30
N SER A 9 -6.04 6.07 -11.74
CA SER A 9 -4.91 5.63 -10.94
C SER A 9 -3.61 6.24 -11.46
N ILE A 10 -3.70 7.50 -11.91
CA ILE A 10 -2.53 8.20 -12.43
C ILE A 10 -1.39 8.21 -11.41
N ASN A 11 -1.75 8.24 -10.13
CA ASN A 11 -0.76 8.26 -9.06
C ASN A 11 -0.82 6.96 -8.26
N PRO A 12 -0.26 5.88 -8.82
CA PRO A 12 -0.24 4.56 -8.17
C PRO A 12 0.69 4.53 -6.96
N ALA A 13 1.67 5.42 -6.95
CA ALA A 13 2.62 5.51 -5.85
C ALA A 13 1.91 5.55 -4.51
N MHO A 14 0.74 6.44 -4.41
CA MHO A 14 -0.33 5.66 -3.81
CB MHO A 14 -0.51 6.06 -2.32
CG MHO A 14 0.78 6.43 -1.57
SD MHO A 14 0.38 7.05 0.07
CE MHO A 14 1.73 8.20 0.28
C MHO A 14 -1.62 5.84 -4.58
O MHO A 14 -2.16 6.92 -4.67
OD1 MHO A 14 -1.18 7.84 0.11
H MHO A 14 0.64 6.91 -5.38
HA MHO A 14 -0.06 4.59 -3.88
HB2 MHO A 14 -0.99 5.22 -1.78
HB3 MHO A 14 -1.22 6.90 -2.24
HG2 MHO A 14 1.33 7.22 -2.12
HG3 MHO A 14 1.46 5.58 -1.48
HE1 MHO A 14 1.68 9.01 -0.47
HE2 MHO A 14 1.69 8.66 1.28
HE3 MHO A 14 2.70 7.69 0.16
N MHO A 15 -2.23 4.67 -5.23
CA MHO A 15 -3.64 4.67 -4.85
CB MHO A 15 -4.38 3.52 -5.57
CG MHO A 15 -4.08 3.35 -7.07
SD MHO A 15 -4.57 1.72 -7.62
CE MHO A 15 -6.25 2.09 -8.12
C MHO A 15 -3.79 4.56 -3.35
O MHO A 15 -3.02 3.81 -2.75
OD1 MHO A 15 -3.60 1.14 -8.95
H MHO A 15 -1.59 3.83 -5.03
HA MHO A 15 -4.08 5.64 -5.15
HB2 MHO A 15 -5.48 3.68 -5.47
HB3 MHO A 15 -4.19 2.56 -5.05
HG2 MHO A 15 -2.98 3.48 -7.25
HG3 MHO A 15 -4.59 4.11 -7.69
HE1 MHO A 15 -6.30 2.32 -9.20
HE2 MHO A 15 -6.92 1.23 -7.92
HE3 MHO A 15 -6.64 2.96 -7.57
N ALA A 16 -4.74 5.28 -2.75
CA ALA A 16 -4.94 5.20 -1.30
C ALA A 16 -5.64 3.92 -0.91
N ALA A 17 -6.57 3.47 -1.75
CA ALA A 17 -7.33 2.25 -1.49
C ALA A 17 -6.39 1.08 -1.18
N ALA A 18 -5.25 1.05 -1.87
CA ALA A 18 -4.28 -0.01 -1.68
C ALA A 18 -3.84 -0.10 -0.22
N GLN A 19 -3.75 1.05 0.44
CA GLN A 19 -3.35 1.09 1.84
C GLN A 19 -4.47 0.58 2.75
N ALA A 20 -5.70 0.93 2.41
CA ALA A 20 -6.86 0.50 3.19
C ALA A 20 -6.88 -1.01 3.36
N ALA A 21 -6.55 -1.73 2.28
CA ALA A 21 -6.52 -3.19 2.31
C ALA A 21 -5.62 -3.69 3.43
N LEU A 22 -4.46 -3.07 3.59
CA LEU A 22 -3.52 -3.47 4.64
C LEU A 22 -4.13 -3.29 6.02
N GLN A 23 -4.94 -2.24 6.18
CA GLN A 23 -5.59 -1.96 7.45
C GLN A 23 -6.32 -3.19 7.97
N SER A 24 -6.96 -3.92 7.06
CA SER A 24 -7.71 -5.12 7.42
C SER A 24 -6.76 -6.28 7.72
N SER A 25 -5.66 -6.34 6.99
CA SER A 25 -4.67 -7.40 7.18
C SER A 25 -3.25 -6.85 7.06
N TRP A 26 -2.49 -6.99 8.15
CA TRP A 26 -1.12 -6.50 8.18
C TRP A 26 -0.33 -7.04 7.00
N GLY A 27 0.68 -6.28 6.56
CA GLY A 27 1.49 -6.69 5.44
C GLY A 27 1.87 -5.55 4.53
N MHO A 28 2.69 -4.48 5.13
CA MHO A 28 3.79 -4.24 4.19
CB MHO A 28 4.67 -3.07 4.70
CG MHO A 28 3.90 -1.84 5.25
SD MHO A 28 3.23 -0.88 3.89
CE MHO A 28 3.48 0.76 4.58
C MHO A 28 4.62 -5.49 4.00
O MHO A 28 5.56 -5.73 4.71
OD1 MHO A 28 4.14 -1.11 2.41
H MHO A 28 2.87 -4.78 6.15
HA MHO A 28 3.36 -3.98 3.21
HB2 MHO A 28 5.33 -2.72 3.87
HB3 MHO A 28 5.37 -3.43 5.48
HG2 MHO A 28 4.59 -1.21 5.84
HG3 MHO A 28 3.08 -2.15 5.92
HE1 MHO A 28 2.76 1.47 4.15
HE2 MHO A 28 3.35 0.75 5.67
HE3 MHO A 28 4.51 1.13 4.36
N MHO A 29 4.27 -6.42 2.92
CA MHO A 29 5.50 -6.71 2.20
CB MHO A 29 5.27 -7.87 1.18
CG MHO A 29 6.54 -8.48 0.56
SD MHO A 29 6.12 -9.99 -0.32
CE MHO A 29 5.28 -9.27 -1.73
C MHO A 29 6.02 -5.48 1.51
O MHO A 29 5.25 -4.85 0.79
OD1 MHO A 29 7.55 -10.89 -0.80
H MHO A 29 3.41 -6.01 2.43
HA MHO A 29 6.27 -7.02 2.93
HB2 MHO A 29 4.63 -7.50 0.35
HB3 MHO A 29 4.68 -8.68 1.66
HG2 MHO A 29 7.28 -8.71 1.34
HG3 MHO A 29 7.03 -7.78 -0.14
HE1 MHO A 29 4.22 -9.08 -1.50
HE2 MHO A 29 5.75 -8.31 -2.00
HE3 MHO A 29 5.33 -9.94 -2.60
N GLY A 30 7.28 -5.11 1.69
CA GLY A 30 7.82 -3.94 1.04
C GLY A 30 9.33 -3.83 1.17
N MHO A 31 9.91 -2.50 1.00
CA MHO A 31 10.82 -2.30 2.13
CB MHO A 31 11.57 -0.94 1.96
CG MHO A 31 10.69 0.28 1.62
SD MHO A 31 10.03 1.00 3.13
CE MHO A 31 11.47 1.92 3.66
C MHO A 31 10.07 -2.34 3.44
O MHO A 31 8.85 -2.16 3.41
OD1 MHO A 31 8.67 2.06 2.80
H MHO A 31 9.09 -1.83 0.81
HA MHO A 31 11.55 -3.12 2.15
HB2 MHO A 31 12.34 -1.04 1.18
HB3 MHO A 31 12.15 -0.72 2.89
HG2 MHO A 31 9.85 -0.02 0.97
HG3 MHO A 31 11.26 1.05 1.07
HE1 MHO A 31 12.24 1.95 2.86
HE2 MHO A 31 11.20 2.96 3.91
HE3 MHO A 31 11.93 1.45 4.55
N LEU A 32 10.75 -2.57 4.56
CA LEU A 32 10.07 -2.63 5.86
C LEU A 32 11.09 -2.71 6.99
N ALA A 33 10.65 -2.41 8.20
CA ALA A 33 11.52 -2.46 9.37
C ALA A 33 11.69 -3.88 9.87
N SER A 34 12.80 -4.13 10.55
CA SER A 34 13.09 -5.47 11.08
C SER A 34 12.11 -5.82 12.19
N GLN A 35 11.91 -4.90 13.12
CA GLN A 35 11.01 -5.12 14.25
C GLN A 35 9.98 -3.99 14.35
N GLN A 36 8.72 -4.37 14.48
CA GLN A 36 7.64 -3.38 14.59
C GLN A 36 6.76 -3.67 15.80
N ASN A 37 7.14 -3.15 16.95
CA ASN A 37 6.38 -3.35 18.18
C ASN A 37 6.28 -2.07 18.99
N GLN A 38 5.33 -2.02 19.91
CA GLN A 38 5.13 -0.84 20.75
C GLN A 38 5.61 -1.11 22.18
N SER A 39 6.61 -0.36 22.62
CA SER A 39 7.16 -0.53 23.96
C SER A 39 7.25 0.82 24.68
N GLY A 40 6.79 0.87 25.92
CA GLY A 40 6.82 2.10 26.68
C GLY A 40 5.49 2.44 27.31
N GLY A 1 -9.82 21.08 -13.81
CA GLY A 1 -8.88 21.91 -13.09
C GLY A 1 -7.55 21.20 -12.83
N GLY A 2 -7.21 21.06 -11.56
CA GLY A 2 -5.97 20.40 -11.20
C GLY A 2 -5.39 20.92 -9.90
N MHO A 3 -4.17 20.26 -9.42
CA MHO A 3 -3.23 21.33 -9.09
CB MHO A 3 -3.40 21.74 -7.60
CG MHO A 3 -2.21 22.48 -6.95
SD MHO A 3 -2.76 23.36 -5.49
CE MHO A 3 -1.74 24.83 -5.65
C MHO A 3 -1.81 20.91 -9.36
O MHO A 3 -1.18 21.51 -10.23
OD1 MHO A 3 -4.47 23.74 -5.55
H MHO A 3 -3.92 19.50 -10.14
HA MHO A 3 -3.44 22.20 -9.72
HB2 MHO A 3 -3.60 20.83 -6.99
HB3 MHO A 3 -4.31 22.36 -7.48
HG2 MHO A 3 -1.79 23.20 -7.67
HG3 MHO A 3 -1.40 21.79 -6.68
HE1 MHO A 3 -1.68 25.15 -6.71
HE2 MHO A 3 -2.17 25.66 -5.06
HE3 MHO A 3 -0.73 24.65 -5.28
N ASN A 4 -1.28 19.91 -8.66
CA ASN A 4 0.10 19.46 -8.87
C ASN A 4 0.18 17.94 -8.85
N PHE A 5 0.26 17.33 -10.02
CA PHE A 5 0.34 15.89 -10.13
C PHE A 5 1.51 15.34 -9.30
N GLY A 6 2.60 16.09 -9.27
CA GLY A 6 3.76 15.67 -8.51
C GLY A 6 4.57 14.60 -9.23
N ALA A 7 5.84 14.90 -9.49
CA ALA A 7 6.71 13.96 -10.17
C ALA A 7 7.03 12.75 -9.28
N PHE A 8 6.63 11.57 -9.73
CA PHE A 8 6.87 10.35 -8.98
C PHE A 8 6.46 9.12 -9.80
N SER A 9 7.15 8.00 -9.56
CA SER A 9 6.86 6.77 -10.27
C SER A 9 5.85 5.92 -9.51
N ILE A 10 4.72 5.63 -10.17
CA ILE A 10 3.67 4.83 -9.56
C ILE A 10 3.61 3.43 -10.18
N ASN A 11 3.95 2.43 -9.37
CA ASN A 11 3.93 1.04 -9.84
C ASN A 11 2.87 0.23 -9.10
N PRO A 12 2.48 -0.90 -9.69
CA PRO A 12 1.47 -1.79 -9.10
C PRO A 12 1.99 -2.51 -7.85
N ALA A 13 1.97 -1.80 -6.72
CA ALA A 13 2.43 -2.37 -5.46
C ALA A 13 1.34 -3.20 -4.80
N MHO A 14 0.04 -2.54 -4.63
CA MHO A 14 -0.97 -3.47 -5.12
CB MHO A 14 -1.59 -4.25 -3.94
CG MHO A 14 -0.99 -5.65 -3.67
SD MHO A 14 -2.21 -6.70 -2.87
CE MHO A 14 -1.17 -8.09 -2.48
C MHO A 14 -2.03 -2.74 -5.91
O MHO A 14 -1.94 -1.56 -6.14
OD1 MHO A 14 -2.88 -5.95 -1.43
H MHO A 14 0.14 -1.54 -5.03
HA MHO A 14 -0.47 -4.18 -5.82
HB2 MHO A 14 -2.67 -4.38 -4.12
HB3 MHO A 14 -1.53 -3.65 -3.01
HG2 MHO A 14 -0.11 -5.55 -3.01
HG3 MHO A 14 -0.65 -6.13 -4.60
HE1 MHO A 14 -0.74 -8.00 -1.46
HE2 MHO A 14 -1.75 -9.03 -2.53
HE3 MHO A 14 -0.34 -8.18 -3.20
N MHO A 15 -3.19 -3.50 -6.40
CA MHO A 15 -4.37 -2.72 -6.03
CB MHO A 15 -5.64 -3.37 -6.66
CG MHO A 15 -5.59 -3.62 -8.19
SD MHO A 15 -6.00 -2.12 -9.07
CE MHO A 15 -5.08 -2.42 -10.58
C MHO A 15 -4.50 -2.63 -4.54
O MHO A 15 -4.94 -3.61 -3.93
OD1 MHO A 15 -7.73 -2.00 -9.37
H MHO A 15 -3.05 -4.51 -6.09
HA MHO A 15 -4.26 -1.70 -6.42
HB2 MHO A 15 -6.52 -2.72 -6.46
HB3 MHO A 15 -5.87 -4.33 -6.14
HG2 MHO A 15 -6.30 -4.42 -8.46
HG3 MHO A 15 -4.58 -3.97 -8.50
HE1 MHO A 15 -4.05 -2.76 -10.35
HE2 MHO A 15 -5.58 -3.20 -11.18
HE3 MHO A 15 -5.02 -1.51 -11.18
N ALA A 16 -4.15 -1.50 -3.93
CA ALA A 16 -4.26 -1.34 -2.49
C ALA A 16 -5.71 -1.20 -2.05
N ALA A 17 -6.50 -0.51 -2.86
CA ALA A 17 -7.92 -0.30 -2.56
C ALA A 17 -8.61 -1.62 -2.25
N ALA A 18 -8.16 -2.69 -2.91
CA ALA A 18 -8.72 -4.02 -2.70
C ALA A 18 -8.80 -4.36 -1.22
N GLN A 19 -7.82 -3.89 -0.46
CA GLN A 19 -7.76 -4.15 0.98
C GLN A 19 -9.09 -3.78 1.64
N ALA A 20 -9.73 -2.74 1.12
CA ALA A 20 -11.00 -2.28 1.66
C ALA A 20 -11.99 -3.44 1.78
N ALA A 21 -12.04 -4.28 0.76
CA ALA A 21 -12.94 -5.43 0.74
C ALA A 21 -12.79 -6.25 2.02
N LEU A 22 -11.55 -6.56 2.38
CA LEU A 22 -11.28 -7.36 3.57
C LEU A 22 -11.45 -6.52 4.83
N GLN A 23 -11.07 -5.24 4.75
CA GLN A 23 -11.19 -4.34 5.87
C GLN A 23 -12.60 -4.35 6.44
N SER A 24 -13.59 -4.45 5.56
CA SER A 24 -14.98 -4.47 5.96
C SER A 24 -15.26 -5.64 6.91
N SER A 25 -14.59 -6.76 6.66
CA SER A 25 -14.77 -7.95 7.49
C SER A 25 -13.82 -7.92 8.68
N TRP A 26 -12.53 -8.01 8.41
CA TRP A 26 -11.51 -8.00 9.45
C TRP A 26 -10.40 -7.01 9.13
N GLY A 27 -10.47 -5.83 9.74
CA GLY A 27 -9.47 -4.81 9.50
C GLY A 27 -8.19 -5.07 10.27
N MHO A 28 -7.25 -6.03 9.67
CA MHO A 28 -5.95 -5.39 9.70
CB MHO A 28 -5.06 -6.05 10.79
CG MHO A 28 -5.74 -6.26 12.16
SD MHO A 28 -5.47 -4.84 13.21
CE MHO A 28 -3.83 -5.23 13.82
C MHO A 28 -5.27 -5.48 8.35
O MHO A 28 -5.78 -6.10 7.44
OD1 MHO A 28 -5.48 -3.34 12.30
H MHO A 28 -7.71 -6.36 8.75
HA MHO A 28 -6.07 -4.32 9.92
HB2 MHO A 28 -4.16 -5.43 10.96
HB3 MHO A 28 -4.67 -7.02 10.43
HG2 MHO A 28 -5.32 -7.16 12.66
HG3 MHO A 28 -6.82 -6.43 12.05
HE1 MHO A 28 -3.32 -5.93 13.13
HE2 MHO A 28 -3.22 -4.32 13.93
HE3 MHO A 28 -3.90 -5.72 14.81
N MHO A 29 -3.99 -4.80 8.14
CA MHO A 29 -3.10 -5.78 7.52
CB MHO A 29 -3.09 -5.58 5.98
CG MHO A 29 -4.00 -6.53 5.16
SD MHO A 29 -3.41 -6.64 3.47
CE MHO A 29 -2.33 -8.05 3.66
C MHO A 29 -1.70 -5.68 8.08
O MHO A 29 -1.12 -6.73 8.37
OD1 MHO A 29 -4.70 -6.95 2.34
H MHO A 29 -3.74 -4.33 9.08
HA MHO A 29 -3.47 -6.79 7.75
HB2 MHO A 29 -2.05 -5.69 5.60
HB3 MHO A 29 -3.36 -4.52 5.73
HG2 MHO A 29 -5.04 -6.13 5.16
HG3 MHO A 29 -4.03 -7.53 5.61
HE1 MHO A 29 -2.32 -8.67 2.74
HE2 MHO A 29 -1.29 -7.73 3.86
HE3 MHO A 29 -2.65 -8.68 4.50
N GLY A 30 -1.16 -4.49 8.24
CA GLY A 30 0.19 -4.35 8.79
C GLY A 30 0.85 -3.05 8.38
N MHO A 31 2.16 -2.77 8.98
CA MHO A 31 3.04 -2.38 7.89
CB MHO A 31 3.11 -0.83 7.78
CG MHO A 31 3.71 -0.28 6.47
SD MHO A 31 3.77 1.52 6.54
CE MHO A 31 2.91 1.89 5.02
C MHO A 31 4.42 -2.96 8.08
O MHO A 31 5.09 -3.20 7.07
OD1 MHO A 31 2.95 2.15 7.95
H MHO A 31 2.38 -3.60 9.63
HA MHO A 31 2.64 -2.80 6.94
HB2 MHO A 31 3.70 -0.43 8.61
HB3 MHO A 31 2.09 -0.40 7.91
HG2 MHO A 31 3.09 -0.58 5.60
HG3 MHO A 31 4.73 -0.67 6.29
HE1 MHO A 31 1.87 1.51 5.05
HE2 MHO A 31 2.88 2.98 4.85
HE3 MHO A 31 3.41 1.43 4.16
N LEU A 32 4.86 -3.20 9.31
CA LEU A 32 6.18 -3.77 9.56
C LEU A 32 6.21 -5.25 9.20
N ALA A 33 7.07 -5.62 8.25
CA ALA A 33 7.19 -7.01 7.84
C ALA A 33 8.41 -7.66 8.47
N SER A 34 8.35 -8.97 8.68
CA SER A 34 9.44 -9.71 9.27
C SER A 34 10.37 -10.28 8.20
N GLN A 35 9.77 -10.91 7.20
CA GLN A 35 10.54 -11.50 6.11
C GLN A 35 11.36 -10.44 5.37
N GLN A 36 10.78 -9.24 5.26
CA GLN A 36 11.45 -8.13 4.58
C GLN A 36 11.50 -6.90 5.48
N ASN A 37 12.68 -6.63 6.02
CA ASN A 37 12.87 -5.47 6.90
C ASN A 37 13.26 -4.23 6.09
N GLN A 38 13.37 -3.10 6.77
CA GLN A 38 13.73 -1.85 6.12
C GLN A 38 15.25 -1.69 6.07
N SER A 39 15.91 -1.93 7.18
CA SER A 39 17.36 -1.81 7.26
C SER A 39 18.03 -3.07 6.71
N GLY A 40 18.89 -2.88 5.71
CA GLY A 40 19.59 -4.00 5.11
C GLY A 40 20.01 -3.72 3.68
N GLY A 1 12.43 7.87 -13.44
CA GLY A 1 11.88 7.90 -12.10
C GLY A 1 12.29 6.70 -11.28
N GLY A 2 11.34 6.16 -10.52
CA GLY A 2 11.62 5.00 -9.69
C GLY A 2 10.89 5.05 -8.36
N MHO A 3 9.43 5.09 -8.41
CA MHO A 3 8.95 4.07 -7.48
CB MHO A 3 8.79 4.69 -6.06
CG MHO A 3 8.20 6.11 -6.02
SD MHO A 3 7.64 6.50 -4.36
CE MHO A 3 6.15 7.41 -4.77
C MHO A 3 7.66 3.47 -7.96
O MHO A 3 6.82 4.21 -8.44
OD1 MHO A 3 7.28 5.04 -3.43
H MHO A 3 9.16 5.07 -9.46
HA MHO A 3 9.71 3.25 -7.44
HB2 MHO A 3 9.77 4.71 -5.56
HB3 MHO A 3 8.16 4.02 -5.44
HG2 MHO A 3 7.34 6.19 -6.72
HG3 MHO A 3 8.94 6.87 -6.33
HE1 MHO A 3 6.19 7.78 -5.80
HE2 MHO A 3 5.26 6.76 -4.67
HE3 MHO A 3 6.02 8.27 -4.09
N ASN A 4 7.48 2.14 -7.84
CA ASN A 4 6.26 1.50 -8.29
C ASN A 4 5.35 1.19 -7.10
N PHE A 5 5.12 2.20 -6.27
CA PHE A 5 4.27 2.04 -5.10
C PHE A 5 3.12 3.06 -5.12
N GLY A 6 1.89 2.55 -5.10
CA GLY A 6 0.73 3.43 -5.11
C GLY A 6 0.03 3.45 -6.46
N ALA A 7 -1.24 3.83 -6.47
CA ALA A 7 -2.01 3.89 -7.70
C ALA A 7 -2.30 5.34 -8.10
N PHE A 8 -1.38 5.93 -8.84
CA PHE A 8 -1.53 7.32 -9.29
C PHE A 8 -2.57 7.42 -10.39
N SER A 9 -2.61 6.41 -11.25
CA SER A 9 -3.57 6.38 -12.36
C SER A 9 -4.93 5.88 -11.90
N ILE A 10 -5.83 6.80 -11.62
CA ILE A 10 -7.18 6.46 -11.16
C ILE A 10 -8.21 6.73 -12.25
N ASN A 11 -8.95 5.68 -12.62
CA ASN A 11 -9.98 5.81 -13.65
C ASN A 11 -11.35 5.43 -13.09
N PRO A 12 -12.41 5.87 -13.79
CA PRO A 12 -13.79 5.59 -13.39
C PRO A 12 -14.16 4.12 -13.57
N ALA A 13 -14.18 3.38 -12.48
CA ALA A 13 -14.53 1.96 -12.51
C ALA A 13 -16.03 1.77 -12.56
N MHO A 14 -16.80 2.42 -11.50
CA MHO A 14 -17.90 3.13 -12.15
CB MHO A 14 -19.25 2.42 -11.84
CG MHO A 14 -20.48 3.34 -11.76
SD MHO A 14 -21.97 2.35 -11.49
CE MHO A 14 -23.14 3.38 -12.38
C MHO A 14 -17.94 4.57 -11.75
O MHO A 14 -17.78 5.46 -12.55
OD1 MHO A 14 -21.83 0.76 -12.20
H MHO A 14 -16.09 2.93 -10.86
HA MHO A 14 -17.73 3.09 -13.25
HB2 MHO A 14 -19.16 1.88 -10.88
HB3 MHO A 14 -19.45 1.62 -12.59
HG2 MHO A 14 -20.59 3.92 -12.70
HG3 MHO A 14 -20.39 4.08 -10.94
HE1 MHO A 14 -22.85 3.50 -13.44
HE2 MHO A 14 -24.15 2.93 -12.34
HE3 MHO A 14 -23.20 4.38 -11.93
N MHO A 15 -18.16 4.91 -10.33
CA MHO A 15 -17.14 5.88 -9.97
CB MHO A 15 -17.62 7.31 -10.32
CG MHO A 15 -19.12 7.60 -10.11
SD MHO A 15 -19.57 9.15 -10.89
CE MHO A 15 -20.79 9.72 -9.70
C MHO A 15 -16.80 5.78 -8.50
O MHO A 15 -15.62 5.57 -8.19
OD1 MHO A 15 -18.22 10.24 -11.02
H MHO A 15 -18.28 3.97 -9.81
HA MHO A 15 -16.22 5.65 -10.53
HB2 MHO A 15 -17.39 7.52 -11.38
HB3 MHO A 15 -17.03 8.06 -9.76
HG2 MHO A 15 -19.35 7.65 -9.03
HG3 MHO A 15 -19.75 6.79 -10.52
HE1 MHO A 15 -20.75 9.10 -8.78
HE2 MHO A 15 -20.59 10.76 -9.43
HE3 MHO A 15 -21.80 9.65 -10.12
N ALA A 16 -17.77 5.92 -7.60
CA ALA A 16 -17.49 5.83 -6.17
C ALA A 16 -17.20 4.39 -5.75
N ALA A 17 -17.91 3.45 -6.38
CA ALA A 17 -17.72 2.04 -6.07
C ALA A 17 -16.25 1.64 -6.16
N ALA A 18 -15.54 2.23 -7.11
CA ALA A 18 -14.12 1.94 -7.30
C ALA A 18 -13.33 2.24 -6.02
N GLN A 19 -13.69 3.33 -5.35
CA GLN A 19 -13.01 3.72 -4.12
C GLN A 19 -13.20 2.68 -3.04
N ALA A 20 -14.41 2.13 -2.94
CA ALA A 20 -14.72 1.11 -1.95
C ALA A 20 -13.74 -0.06 -2.04
N ALA A 21 -13.34 -0.40 -3.25
CA ALA A 21 -12.40 -1.50 -3.47
C ALA A 21 -11.14 -1.33 -2.62
N LEU A 22 -10.71 -0.07 -2.48
CA LEU A 22 -9.51 0.24 -1.71
C LEU A 22 -9.78 0.07 -0.21
N GLN A 23 -10.99 0.43 0.22
CA GLN A 23 -11.37 0.33 1.62
C GLN A 23 -11.23 -1.12 2.11
N SER A 24 -11.64 -2.06 1.27
CA SER A 24 -11.57 -3.47 1.62
C SER A 24 -10.12 -3.90 1.88
N SER A 25 -9.20 -3.31 1.14
CA SER A 25 -7.79 -3.63 1.29
C SER A 25 -7.25 -3.10 2.61
N TRP A 26 -7.39 -3.90 3.67
CA TRP A 26 -6.92 -3.51 4.98
C TRP A 26 -5.46 -3.07 4.94
N GLY A 27 -4.59 -3.96 4.45
CA GLY A 27 -3.19 -3.65 4.36
C GLY A 27 -2.30 -4.87 4.48
N MHO A 28 -0.93 -4.74 3.99
CA MHO A 28 -0.06 -5.28 5.04
CB MHO A 28 0.28 -6.76 4.73
CG MHO A 28 1.15 -7.00 3.48
SD MHO A 28 0.11 -7.17 2.03
CE MHO A 28 1.39 -7.18 0.77
C MHO A 28 1.19 -4.45 5.20
O MHO A 28 1.33 -3.41 4.61
OD1 MHO A 28 -0.80 -8.67 2.05
H MHO A 28 -0.83 -3.72 3.64
HA MHO A 28 -0.61 -5.23 6.00
HB2 MHO A 28 -0.66 -7.34 4.60
HB3 MHO A 28 0.78 -7.22 5.60
HG2 MHO A 28 1.76 -7.92 3.61
HG3 MHO A 28 1.87 -6.16 3.31
HE1 MHO A 28 0.95 -7.12 -0.24
HE2 MHO A 28 2.07 -6.33 0.91
HE3 MHO A 28 1.99 -8.12 0.82
N MHO A 29 2.26 -4.93 6.08
CA MHO A 29 3.50 -4.84 5.33
CB MHO A 29 4.25 -3.54 5.70
CG MHO A 29 5.20 -2.96 4.63
SD MHO A 29 5.36 -1.18 4.82
CE MHO A 29 6.70 -1.16 6.00
C MHO A 29 4.37 -6.04 5.57
O MHO A 29 4.51 -6.86 4.65
OD1 MHO A 29 5.77 -0.40 3.32
H MHO A 29 1.91 -5.87 6.50
HA MHO A 29 3.25 -4.83 4.25
HB2 MHO A 29 4.84 -3.70 6.62
HB3 MHO A 29 3.52 -2.75 5.98
HG2 MHO A 29 4.80 -3.18 3.61
HG3 MHO A 29 6.19 -3.43 4.68
HE1 MHO A 29 7.59 -0.67 5.57
HE2 MHO A 29 6.40 -0.60 6.91
HE3 MHO A 29 6.98 -2.18 6.30
N GLY A 30 4.96 -6.19 6.74
CA GLY A 30 5.81 -7.34 7.02
C GLY A 30 6.26 -7.40 8.46
N MHO A 31 7.15 -8.51 8.82
CA MHO A 31 8.26 -7.93 9.57
CB MHO A 31 7.99 -8.05 11.09
CG MHO A 31 9.23 -7.90 12.01
SD MHO A 31 8.79 -8.32 13.69
CE MHO A 31 8.86 -10.11 13.57
C MHO A 31 9.57 -8.58 9.20
O MHO A 31 9.67 -9.80 9.34
OD1 MHO A 31 9.95 -7.69 14.85
H MHO A 31 7.31 -9.08 7.92
HA MHO A 31 8.34 -6.86 9.29
HB2 MHO A 31 7.53 -9.03 11.31
HB3 MHO A 31 7.23 -7.30 11.40
HG2 MHO A 31 9.60 -6.86 11.98
HG3 MHO A 31 10.06 -8.56 11.68
HE1 MHO A 31 9.63 -10.42 12.84
HE2 MHO A 31 9.12 -10.55 14.55
HE3 MHO A 31 7.89 -10.51 13.26
N LEU A 32 10.56 -7.83 8.73
CA LEU A 32 11.84 -8.39 8.36
C LEU A 32 12.96 -7.87 9.25
N ALA A 33 12.70 -7.84 10.56
CA ALA A 33 13.69 -7.36 11.52
C ALA A 33 14.24 -8.50 12.35
N SER A 34 15.32 -9.12 11.86
CA SER A 34 15.94 -10.24 12.56
C SER A 34 17.13 -9.75 13.40
N GLN A 35 17.92 -8.85 12.82
CA GLN A 35 19.08 -8.32 13.51
C GLN A 35 18.77 -6.97 14.15
N GLN A 36 18.98 -6.88 15.46
CA GLN A 36 18.71 -5.65 16.20
C GLN A 36 19.49 -5.61 17.50
N ASN A 37 20.38 -4.63 17.62
CA ASN A 37 21.20 -4.48 18.83
C ASN A 37 21.96 -3.16 18.80
N GLN A 38 22.19 -2.59 19.99
CA GLN A 38 22.92 -1.33 20.10
C GLN A 38 24.36 -1.57 20.51
N SER A 39 25.24 -0.65 20.16
CA SER A 39 26.66 -0.75 20.49
C SER A 39 26.85 -0.99 21.98
N GLY A 40 26.04 -0.31 22.79
CA GLY A 40 26.15 -0.45 24.23
C GLY A 40 25.83 0.84 24.97
N GLY A 1 8.15 9.02 -2.76
CA GLY A 1 9.45 9.56 -3.15
C GLY A 1 9.32 10.79 -4.03
N GLY A 2 9.99 10.76 -5.17
CA GLY A 2 9.95 11.89 -6.09
C GLY A 2 11.10 12.86 -5.87
N MHO A 3 12.19 12.79 -6.85
CA MHO A 3 12.45 14.17 -7.26
CB MHO A 3 13.45 14.84 -6.29
CG MHO A 3 14.20 16.08 -6.83
SD MHO A 3 15.11 16.88 -5.51
CE MHO A 3 14.68 18.59 -5.86
C MHO A 3 12.96 14.23 -8.69
O MHO A 3 12.63 15.18 -9.38
OD1 MHO A 3 14.56 16.38 -3.93
H MHO A 3 11.93 12.03 -7.55
HA MHO A 3 11.50 14.73 -7.24
HB2 MHO A 3 14.22 14.10 -5.99
HB3 MHO A 3 12.94 15.12 -5.35
HG2 MHO A 3 13.47 16.80 -7.25
HG3 MHO A 3 14.89 15.82 -7.65
HE1 MHO A 3 13.58 18.73 -5.83
HE2 MHO A 3 15.15 19.26 -5.13
HE3 MHO A 3 15.04 18.88 -6.86
N ASN A 4 13.73 13.24 -9.13
CA ASN A 4 14.24 13.23 -10.49
C ASN A 4 13.30 12.49 -11.44
N PHE A 5 12.76 11.37 -10.96
CA PHE A 5 11.83 10.58 -11.76
C PHE A 5 10.62 11.41 -12.18
N GLY A 6 10.14 11.18 -13.40
CA GLY A 6 9.00 11.91 -13.89
C GLY A 6 7.75 11.66 -13.08
N ALA A 7 7.03 10.58 -13.40
CA ALA A 7 5.81 10.23 -12.69
C ALA A 7 6.02 9.00 -11.83
N PHE A 8 5.93 9.18 -10.51
CA PHE A 8 6.11 8.08 -9.57
C PHE A 8 4.76 7.55 -9.09
N SER A 9 4.05 6.87 -9.98
CA SER A 9 2.74 6.31 -9.65
C SER A 9 2.64 4.85 -10.09
N ILE A 10 3.59 4.05 -9.65
CA ILE A 10 3.61 2.63 -10.01
C ILE A 10 2.27 1.97 -9.70
N ASN A 11 1.63 2.42 -8.62
CA ASN A 11 0.33 1.87 -8.23
C ASN A 11 -0.73 2.96 -8.22
N PRO A 12 -2.01 2.53 -8.30
CA PRO A 12 -3.15 3.45 -8.30
C PRO A 12 -3.34 4.14 -6.96
N ALA A 13 -3.95 5.33 -6.98
CA ALA A 13 -4.19 6.09 -5.77
C ALA A 13 -5.25 5.43 -4.91
N MHO A 14 -6.51 5.07 -5.58
CA MHO A 14 -6.79 3.68 -5.23
CB MHO A 14 -7.91 3.63 -4.15
CG MHO A 14 -7.92 4.79 -3.12
SD MHO A 14 -9.38 4.68 -2.09
CE MHO A 14 -8.82 5.69 -0.72
C MHO A 14 -7.17 2.87 -6.44
O MHO A 14 -7.73 3.38 -7.38
OD1 MHO A 14 -10.79 5.34 -2.87
H MHO A 14 -6.40 5.37 -6.61
HA MHO A 14 -5.87 3.23 -4.81
HB2 MHO A 14 -7.85 2.68 -3.59
HB3 MHO A 14 -8.91 3.59 -4.65
HG2 MHO A 14 -7.92 5.76 -3.65
HG3 MHO A 14 -7.02 4.76 -2.49
HE1 MHO A 14 -7.76 5.50 -0.50
HE2 MHO A 14 -8.95 6.76 -0.96
HE3 MHO A 14 -9.41 5.47 0.19
N MHO A 15 -6.85 1.44 -6.47
CA MHO A 15 -8.06 0.75 -6.88
CB MHO A 15 -7.77 -0.76 -7.11
CG MHO A 15 -7.17 -1.12 -8.49
SD MHO A 15 -8.45 -1.08 -9.75
CE MHO A 15 -8.25 -2.73 -10.41
C MHO A 15 -9.16 0.93 -5.87
O MHO A 15 -8.89 0.70 -4.68
OD1 MHO A 15 -10.05 -0.85 -9.06
H MHO A 15 -6.36 1.21 -5.53
HA MHO A 15 -8.43 1.21 -7.82
HB2 MHO A 15 -8.71 -1.34 -6.99
HB3 MHO A 15 -7.10 -1.13 -6.33
HG2 MHO A 15 -6.73 -2.14 -8.46
HG3 MHO A 15 -6.36 -0.43 -8.78
HE1 MHO A 15 -8.67 -3.49 -9.73
HE2 MHO A 15 -8.76 -2.83 -11.39
HE3 MHO A 15 -7.18 -2.96 -10.57
N ALA A 16 -10.37 1.33 -6.27
CA ALA A 16 -11.46 1.53 -5.33
C ALA A 16 -11.93 0.19 -4.74
N ALA A 17 -12.10 -0.80 -5.61
CA ALA A 17 -12.55 -2.12 -5.18
C ALA A 17 -11.62 -2.67 -4.10
N ALA A 18 -10.33 -2.39 -4.22
CA ALA A 18 -9.35 -2.85 -3.25
C ALA A 18 -9.72 -2.41 -1.83
N GLN A 19 -10.28 -1.21 -1.72
CA GLN A 19 -10.67 -0.68 -0.42
C GLN A 19 -11.80 -1.50 0.18
N ALA A 20 -12.72 -1.96 -0.67
CA ALA A 20 -13.85 -2.76 -0.22
C ALA A 20 -13.39 -4.02 0.50
N ALA A 21 -12.32 -4.63 -0.03
CA ALA A 21 -11.76 -5.84 0.56
C ALA A 21 -11.48 -5.65 2.05
N LEU A 22 -11.05 -4.45 2.41
CA LEU A 22 -10.74 -4.14 3.82
C LEU A 22 -12.01 -4.02 4.64
N GLN A 23 -13.02 -3.37 4.07
CA GLN A 23 -14.29 -3.18 4.75
C GLN A 23 -14.89 -4.52 5.17
N SER A 24 -14.82 -5.49 4.27
CA SER A 24 -15.36 -6.82 4.55
C SER A 24 -14.62 -7.47 5.72
N SER A 25 -13.33 -7.21 5.82
CA SER A 25 -12.51 -7.76 6.89
C SER A 25 -11.14 -7.09 6.94
N TRP A 26 -10.73 -6.69 8.14
CA TRP A 26 -9.45 -6.03 8.32
C TRP A 26 -8.32 -7.05 8.47
N GLY A 27 -7.18 -6.77 7.84
CA GLY A 27 -6.05 -7.67 7.91
C GLY A 27 -4.83 -7.13 7.20
N MHO A 28 -3.57 -7.83 7.45
CA MHO A 28 -2.97 -8.08 6.14
CB MHO A 28 -1.97 -6.95 5.79
CG MHO A 28 -2.39 -6.00 4.64
SD MHO A 28 -2.64 -4.34 5.27
CE MHO A 28 -0.92 -3.86 5.45
C MHO A 28 -2.29 -9.44 6.10
O MHO A 28 -2.71 -10.33 5.40
OD1 MHO A 28 -3.50 -3.33 4.13
H MHO A 28 -3.79 -8.63 8.13
HA MHO A 28 -3.77 -8.10 5.38
HB2 MHO A 28 -0.99 -7.40 5.51
HB3 MHO A 28 -1.76 -6.34 6.69
HG2 MHO A 28 -3.33 -6.37 4.18
HG3 MHO A 28 -1.63 -5.97 3.83
HE1 MHO A 28 -0.32 -4.23 4.60
HE2 MHO A 28 -0.84 -2.76 5.49
HE3 MHO A 28 -0.49 -4.26 6.39
N MHO A 29 -1.09 -9.65 6.92
CA MHO A 29 -1.31 -10.91 7.64
CB MHO A 29 -0.58 -12.06 6.89
CG MHO A 29 -0.66 -13.46 7.57
SD MHO A 29 -2.36 -14.04 7.59
CE MHO A 29 -2.08 -15.72 7.07
C MHO A 29 -0.84 -10.82 9.07
O MHO A 29 -1.50 -11.41 9.93
OD1 MHO A 29 -3.06 -13.96 9.20
H MHO A 29 -0.91 -8.72 7.46
HA MHO A 29 -2.40 -11.12 7.66
HB2 MHO A 29 0.48 -11.80 6.77
HB3 MHO A 29 -0.98 -12.15 5.86
HG2 MHO A 29 -0.28 -13.39 8.61
HG3 MHO A 29 -0.04 -14.20 7.04
HE1 MHO A 29 -3.00 -16.14 6.59
HE2 MHO A 29 -1.26 -15.77 6.33
HE3 MHO A 29 -1.81 -16.36 7.92
N GLY A 30 0.24 -10.10 9.34
CA GLY A 30 0.73 -9.98 10.71
C GLY A 30 1.92 -10.88 10.99
N MHO A 31 2.98 -10.88 9.97
CA MHO A 31 4.24 -10.71 10.70
CB MHO A 31 5.43 -10.89 9.73
CG MHO A 31 5.88 -12.35 9.49
SD MHO A 31 4.90 -13.08 8.18
CE MHO A 31 6.22 -13.75 7.16
C MHO A 31 4.29 -9.35 11.36
O MHO A 31 3.71 -8.41 10.82
OD1 MHO A 31 3.84 -14.34 8.78
H MHO A 31 2.67 -10.19 9.20
HA MHO A 31 4.29 -11.47 11.50
HB2 MHO A 31 6.31 -10.33 10.11
HB3 MHO A 31 5.21 -10.42 8.75
HG2 MHO A 31 5.76 -12.94 10.40
HG3 MHO A 31 6.95 -12.41 9.21
HE1 MHO A 31 6.98 -12.98 6.96
HE2 MHO A 31 6.71 -14.59 7.68
HE3 MHO A 31 5.83 -14.11 6.19
N LEU A 32 4.96 -9.22 12.50
CA LEU A 32 5.05 -7.95 13.20
C LEU A 32 6.50 -7.52 13.38
N ALA A 33 6.83 -6.33 12.87
CA ALA A 33 8.19 -5.81 12.98
C ALA A 33 8.18 -4.33 13.36
N SER A 34 9.36 -3.78 13.60
CA SER A 34 9.49 -2.38 13.97
C SER A 34 9.58 -1.49 12.73
N GLN A 35 10.32 -1.97 11.72
CA GLN A 35 10.49 -1.22 10.49
C GLN A 35 9.22 -1.26 9.65
N GLN A 36 9.25 -0.59 8.50
CA GLN A 36 8.10 -0.55 7.61
C GLN A 36 8.12 -1.74 6.65
N ASN A 37 7.31 -2.75 6.95
CA ASN A 37 7.21 -3.94 6.13
C ASN A 37 6.83 -3.58 4.70
N GLN A 38 5.81 -2.73 4.56
CA GLN A 38 5.34 -2.31 3.25
C GLN A 38 5.54 -0.81 3.05
N SER A 39 5.82 -0.42 1.82
CA SER A 39 6.05 0.99 1.49
C SER A 39 4.83 1.59 0.80
N GLY A 40 4.29 0.86 -0.18
CA GLY A 40 3.13 1.33 -0.91
C GLY A 40 3.50 2.04 -2.20
N GLY A 1 14.84 2.44 -9.86
CA GLY A 1 15.33 3.72 -10.35
C GLY A 1 14.24 4.76 -10.48
N GLY A 2 14.06 5.27 -11.69
CA GLY A 2 13.04 6.27 -11.93
C GLY A 2 13.51 7.39 -12.84
N MHO A 3 12.47 8.21 -13.47
CA MHO A 3 12.85 9.60 -13.24
CB MHO A 3 13.44 10.20 -14.56
CG MHO A 3 14.26 9.23 -15.43
SD MHO A 3 14.63 10.00 -17.00
CE MHO A 3 15.54 8.65 -17.77
C MHO A 3 11.68 10.41 -12.76
O MHO A 3 10.55 9.97 -12.95
OD1 MHO A 3 13.19 10.41 -17.90
H MHO A 3 11.52 7.81 -13.13
HA MHO A 3 13.62 9.63 -12.45
HB2 MHO A 3 14.09 11.06 -14.30
HB3 MHO A 3 12.62 10.64 -15.17
HG2 MHO A 3 13.69 8.30 -15.61
HG3 MHO A 3 15.20 8.93 -14.94
HE1 MHO A 3 14.91 7.74 -17.82
HE2 MHO A 3 15.86 8.93 -18.78
HE3 MHO A 3 16.45 8.41 -17.18
N ASN A 4 11.91 11.57 -12.14
CA ASN A 4 10.81 12.40 -11.64
C ASN A 4 10.61 13.63 -12.54
N PHE A 5 9.98 13.42 -13.69
CA PHE A 5 9.73 14.50 -14.62
C PHE A 5 8.24 14.59 -14.96
N GLY A 6 7.69 15.80 -14.87
CA GLY A 6 6.28 16.00 -15.16
C GLY A 6 5.40 15.80 -13.95
N ALA A 7 4.33 15.04 -14.12
CA ALA A 7 3.40 14.77 -13.03
C ALA A 7 2.51 13.58 -13.34
N PHE A 8 2.73 12.48 -12.63
CA PHE A 8 1.94 11.27 -12.84
C PHE A 8 0.92 11.09 -11.73
N SER A 9 -0.22 10.49 -12.07
CA SER A 9 -1.29 10.26 -11.11
C SER A 9 -1.30 8.81 -10.65
N ILE A 10 -0.76 8.57 -9.45
CA ILE A 10 -0.70 7.22 -8.90
C ILE A 10 -1.07 7.23 -7.41
N ASN A 11 -1.73 6.17 -6.96
CA ASN A 11 -2.12 6.05 -5.56
C ASN A 11 -1.49 4.82 -4.92
N PRO A 12 -0.19 4.93 -4.60
CA PRO A 12 0.55 3.83 -3.96
C PRO A 12 0.11 3.58 -2.53
N ALA A 13 -0.65 4.52 -1.97
CA ALA A 13 -1.14 4.38 -0.60
C ALA A 13 -2.29 3.37 -0.53
N MHO A 14 -3.26 3.41 -1.62
CA MHO A 14 -3.42 2.03 -2.08
CB MHO A 14 -4.39 1.98 -3.29
CG MHO A 14 -5.72 2.74 -3.13
SD MHO A 14 -6.46 3.04 -4.73
CE MHO A 14 -7.82 1.87 -4.64
C MHO A 14 -2.09 1.42 -2.42
O MHO A 14 -1.58 1.58 -3.50
OD1 MHO A 14 -7.03 4.69 -4.90
H MHO A 14 -2.94 4.20 -2.29
HA MHO A 14 -3.85 1.43 -1.25
HB2 MHO A 14 -4.62 0.92 -3.53
HB3 MHO A 14 -3.87 2.37 -4.20
HG2 MHO A 14 -5.55 3.71 -2.62
HG3 MHO A 14 -6.43 2.18 -2.50
HE1 MHO A 14 -7.44 0.85 -4.49
HE2 MHO A 14 -8.48 2.12 -3.79
HE3 MHO A 14 -8.42 1.89 -5.57
N MHO A 15 -1.39 0.60 -1.41
CA MHO A 15 -1.00 -0.64 -2.08
CB MHO A 15 -0.11 -1.49 -1.14
CG MHO A 15 1.38 -1.12 -1.08
SD MHO A 15 2.37 -2.56 -0.68
CE MHO A 15 3.61 -1.77 0.34
C MHO A 15 -2.21 -1.41 -2.55
O MHO A 15 -3.27 -1.22 -1.96
OD1 MHO A 15 1.44 -3.74 0.22
H MHO A 15 -2.03 0.59 -0.53
HA MHO A 15 -0.42 -0.38 -2.99
HB2 MHO A 15 -0.18 -2.56 -1.43
HB3 MHO A 15 -0.53 -1.46 -0.11
HG2 MHO A 15 1.55 -0.33 -0.33
HG3 MHO A 15 1.73 -0.70 -2.05
HE1 MHO A 15 4.58 -1.74 -0.18
HE2 MHO A 15 3.31 -0.73 0.58
HE3 MHO A 15 3.74 -2.31 1.30
N ALA A 16 -2.07 -2.27 -3.55
CA ALA A 16 -3.21 -3.06 -4.04
C ALA A 16 -3.33 -4.38 -3.28
N ALA A 17 -2.19 -4.96 -2.92
CA ALA A 17 -2.18 -6.22 -2.19
C ALA A 17 -2.48 -5.99 -0.70
N ALA A 18 -1.98 -4.89 -0.17
CA ALA A 18 -2.20 -4.55 1.23
C ALA A 18 -3.68 -4.58 1.58
N GLN A 19 -4.48 -3.78 0.88
CA GLN A 19 -5.91 -3.73 1.11
C GLN A 19 -6.56 -5.08 0.87
N ALA A 20 -6.05 -5.82 -0.13
CA ALA A 20 -6.59 -7.13 -0.46
C ALA A 20 -6.53 -8.06 0.75
N ALA A 21 -5.40 -8.06 1.45
CA ALA A 21 -5.23 -8.90 2.62
C ALA A 21 -6.31 -8.63 3.66
N LEU A 22 -6.52 -7.35 3.96
CA LEU A 22 -7.53 -6.95 4.94
C LEU A 22 -8.89 -7.55 4.60
N GLN A 23 -9.27 -7.45 3.34
CA GLN A 23 -10.55 -7.98 2.88
C GLN A 23 -10.68 -9.46 3.23
N SER A 24 -9.59 -10.20 3.05
CA SER A 24 -9.58 -11.63 3.34
C SER A 24 -9.78 -11.88 4.84
N SER A 25 -9.22 -10.99 5.65
CA SER A 25 -9.32 -11.12 7.11
C SER A 25 -10.74 -10.81 7.57
N TRP A 26 -11.27 -11.66 8.44
CA TRP A 26 -12.61 -11.48 8.98
C TRP A 26 -12.71 -10.21 9.80
N GLY A 27 -11.84 -10.09 10.81
CA GLY A 27 -11.83 -8.91 11.66
C GLY A 27 -11.47 -7.66 10.90
N MHO A 28 -12.01 -6.40 11.44
CA MHO A 28 -10.89 -5.47 11.51
CB MHO A 28 -11.39 -4.06 11.94
CG MHO A 28 -11.84 -3.13 10.80
SD MHO A 28 -11.89 -1.43 11.37
CE MHO A 28 -12.63 -0.67 9.93
C MHO A 28 -9.83 -5.97 12.47
O MHO A 28 -10.12 -6.38 13.56
OD1 MHO A 28 -12.88 -1.24 12.79
H MHO A 28 -12.59 -6.66 12.32
HA MHO A 28 -10.42 -5.40 10.51
HB2 MHO A 28 -10.60 -3.54 12.50
HB3 MHO A 28 -12.23 -4.17 12.66
HG2 MHO A 28 -12.85 -3.41 10.43
HG3 MHO A 28 -11.16 -3.20 9.92
HE1 MHO A 28 -13.68 -0.40 10.11
HE2 MHO A 28 -12.08 0.26 9.66
HE3 MHO A 28 -12.59 -1.35 9.06
N MHO A 29 -8.42 -5.94 12.04
CA MHO A 29 -7.68 -5.33 13.13
CB MHO A 29 -6.91 -6.42 13.93
CG MHO A 29 -7.63 -7.78 14.07
SD MHO A 29 -6.51 -9.00 14.76
CE MHO A 29 -6.47 -8.41 16.46
C MHO A 29 -6.72 -4.27 12.61
O MHO A 29 -5.63 -4.15 13.17
OD1 MHO A 29 -7.15 -10.62 14.65
H MHO A 29 -8.41 -5.53 11.04
HA MHO A 29 -8.39 -4.81 13.80
HB2 MHO A 29 -6.71 -6.04 14.96
HB3 MHO A 29 -5.91 -6.59 13.49
HG2 MHO A 29 -7.97 -8.12 13.07
HG3 MHO A 29 -8.53 -7.71 14.71
HE1 MHO A 29 -6.84 -9.18 17.16
HE2 MHO A 29 -5.44 -8.13 16.75
HE3 MHO A 29 -7.11 -7.51 16.57
N GLY A 30 -7.09 -3.52 11.58
CA GLY A 30 -6.20 -2.50 11.05
C GLY A 30 -5.48 -2.96 9.80
N MHO A 31 -5.59 -2.08 8.63
CA MHO A 31 -4.24 -1.89 8.12
CB MHO A 31 -4.28 -1.14 6.76
CG MHO A 31 -4.47 -2.02 5.51
SD MHO A 31 -4.95 -1.02 4.10
CE MHO A 31 -6.64 -0.69 4.57
C MHO A 31 -3.39 -1.15 9.12
O MHO A 31 -3.69 0.01 9.39
OD1 MHO A 31 -4.00 0.45 4.00
H MHO A 31 -6.21 -1.24 8.93
HA MHO A 31 -3.78 -2.89 7.98
HB2 MHO A 31 -3.35 -0.57 6.63
HB3 MHO A 31 -5.09 -0.38 6.78
HG2 MHO A 31 -5.25 -2.79 5.69
HG3 MHO A 31 -3.54 -2.58 5.26
HE1 MHO A 31 -7.32 -0.83 3.70
HE2 MHO A 31 -6.97 -1.39 5.37
HE3 MHO A 31 -6.76 0.34 4.94
N LEU A 32 -2.34 -1.77 9.67
CA LEU A 32 -1.48 -1.10 10.64
C LEU A 32 -0.04 -1.03 10.13
N ALA A 33 0.48 0.18 10.02
CA ALA A 33 1.85 0.39 9.55
C ALA A 33 2.83 0.42 10.72
N SER A 34 2.80 -0.62 11.53
CA SER A 34 3.68 -0.71 12.70
C SER A 34 5.12 -0.96 12.25
N GLN A 35 5.28 -1.77 11.22
CA GLN A 35 6.61 -2.10 10.70
C GLN A 35 6.79 -1.54 9.29
N GLN A 36 8.04 -1.29 8.92
CA GLN A 36 8.35 -0.76 7.59
C GLN A 36 8.75 -1.88 6.64
N ASN A 37 8.18 -1.85 5.43
CA ASN A 37 8.47 -2.86 4.42
C ASN A 37 9.26 -2.27 3.26
N GLN A 38 10.30 -2.97 2.84
CA GLN A 38 11.14 -2.50 1.73
C GLN A 38 11.68 -3.68 0.92
N SER A 39 11.53 -3.60 -0.40
CA SER A 39 12.00 -4.66 -1.27
C SER A 39 13.51 -4.58 -1.47
N GLY A 40 14.19 -5.70 -1.23
CA GLY A 40 15.64 -5.73 -1.38
C GLY A 40 16.33 -6.32 -0.17
N GLY A 1 0.91 17.14 -30.63
CA GLY A 1 2.17 17.30 -31.34
C GLY A 1 3.30 16.52 -30.69
N GLY A 2 3.29 16.46 -29.36
CA GLY A 2 4.32 15.74 -28.65
C GLY A 2 3.80 14.48 -27.98
N MHO A 3 4.53 14.04 -26.78
CA MHO A 3 3.50 13.78 -25.77
CB MHO A 3 3.19 12.26 -25.72
CG MHO A 3 1.88 11.87 -24.99
SD MHO A 3 1.25 10.33 -25.65
CE MHO A 3 0.60 10.94 -27.21
C MHO A 3 3.96 14.28 -24.41
O MHO A 3 5.13 14.61 -24.28
OD1 MHO A 3 2.52 9.15 -25.89
H MHO A 3 5.33 14.75 -26.62
HA MHO A 3 2.59 14.34 -26.03
HB2 MHO A 3 4.02 11.72 -25.22
HB3 MHO A 3 3.16 11.84 -26.75
HG2 MHO A 3 1.12 12.67 -25.13
HG3 MHO A 3 2.04 11.76 -23.90
HE1 MHO A 3 1.12 10.46 -28.07
HE2 MHO A 3 -0.48 10.72 -27.28
HE3 MHO A 3 0.73 12.04 -27.29
N ASN A 4 3.08 14.33 -23.42
CA ASN A 4 3.44 14.80 -22.09
C ASN A 4 2.39 14.42 -21.06
N PHE A 5 2.74 13.51 -20.17
CA PHE A 5 1.82 13.05 -19.13
C PHE A 5 1.56 14.15 -18.12
N GLY A 6 0.32 14.64 -18.10
CA GLY A 6 -0.04 15.69 -17.16
C GLY A 6 -0.71 15.16 -15.91
N ALA A 7 -1.76 14.36 -16.10
CA ALA A 7 -2.49 13.79 -14.98
C ALA A 7 -2.15 12.32 -14.81
N PHE A 8 -2.59 11.48 -15.73
CA PHE A 8 -2.33 10.05 -15.68
C PHE A 8 -2.81 9.47 -14.35
N SER A 9 -4.02 9.83 -13.96
CA SER A 9 -4.60 9.34 -12.71
C SER A 9 -5.12 7.92 -12.87
N ILE A 10 -5.54 7.32 -11.75
CA ILE A 10 -6.07 5.96 -11.77
C ILE A 10 -7.58 5.96 -11.55
N ASN A 11 -8.30 5.30 -12.45
CA ASN A 11 -9.75 5.23 -12.36
C ASN A 11 -10.17 4.60 -11.03
N PRO A 12 -11.44 4.83 -10.64
CA PRO A 12 -11.99 4.30 -9.39
C PRO A 12 -12.19 2.79 -9.45
N ALA A 13 -12.31 2.25 -10.66
CA ALA A 13 -12.49 0.82 -10.84
C ALA A 13 -11.46 0.03 -10.06
N MHO A 14 -10.07 0.51 -10.12
CA MHO A 14 -9.59 0.56 -8.75
CB MHO A 14 -8.58 -0.59 -8.50
CG MHO A 14 -7.36 -0.63 -9.44
SD MHO A 14 -6.47 -2.18 -9.23
CE MHO A 14 -5.12 -1.88 -10.36
C MHO A 14 -8.96 1.90 -8.45
O MHO A 14 -7.86 2.18 -8.86
OD1 MHO A 14 -5.92 -2.40 -7.59
H MHO A 14 -10.09 1.39 -10.76
HA MHO A 14 -10.46 0.45 -8.07
HB2 MHO A 14 -9.12 -1.57 -8.60
HB3 MHO A 14 -8.23 -0.57 -7.45
HG2 MHO A 14 -6.68 0.21 -9.21
HG3 MHO A 14 -7.66 -0.53 -10.50
HE1 MHO A 14 -4.18 -2.31 -9.97
HE2 MHO A 14 -5.33 -2.35 -11.34
HE3 MHO A 14 -4.97 -0.80 -10.51
N MHO A 15 -9.70 2.86 -7.62
CA MHO A 15 -8.77 3.33 -6.60
CB MHO A 15 -8.34 4.80 -6.89
CG MHO A 15 -6.96 4.97 -7.55
SD MHO A 15 -6.07 6.32 -6.76
CE MHO A 15 -7.21 7.65 -7.13
C MHO A 15 -9.37 3.22 -5.22
O MHO A 15 -8.64 2.88 -4.29
OD1 MHO A 15 -5.89 6.07 -5.03
H MHO A 15 -10.63 2.40 -7.37
HA MHO A 15 -7.87 2.68 -6.61
HB2 MHO A 15 -8.35 5.38 -5.95
HB3 MHO A 15 -9.11 5.29 -7.53
HG2 MHO A 15 -7.07 5.21 -8.63
HG3 MHO A 15 -6.35 4.05 -7.49
HE1 MHO A 15 -6.70 8.48 -7.66
HE2 MHO A 15 -8.03 7.29 -7.77
HE3 MHO A 15 -7.65 8.07 -6.20
N ALA A 16 -10.66 3.48 -5.06
CA ALA A 16 -11.31 3.38 -3.76
C ALA A 16 -11.16 1.98 -3.17
N ALA A 17 -11.24 0.97 -4.03
CA ALA A 17 -11.10 -0.42 -3.60
C ALA A 17 -9.68 -0.72 -3.16
N ALA A 18 -8.71 -0.13 -3.84
CA ALA A 18 -7.30 -0.33 -3.52
C ALA A 18 -7.03 -0.06 -2.05
N GLN A 19 -7.60 1.04 -1.54
CA GLN A 19 -7.42 1.41 -0.14
C GLN A 19 -7.98 0.34 0.78
N ALA A 20 -9.15 -0.18 0.44
CA ALA A 20 -9.80 -1.22 1.25
C ALA A 20 -8.84 -2.37 1.51
N ALA A 21 -8.00 -2.69 0.53
CA ALA A 21 -7.04 -3.77 0.66
C ALA A 21 -5.82 -3.33 1.47
N LEU A 22 -5.41 -2.09 1.28
CA LEU A 22 -4.26 -1.55 1.99
C LEU A 22 -4.45 -1.65 3.50
N GLN A 23 -5.57 -1.10 3.99
CA GLN A 23 -5.86 -1.13 5.41
C GLN A 23 -6.02 -2.57 5.91
N SER A 24 -6.61 -3.42 5.07
CA SER A 24 -6.82 -4.82 5.42
C SER A 24 -5.49 -5.51 5.69
N SER A 25 -4.46 -5.12 4.95
CA SER A 25 -3.14 -5.71 5.10
C SER A 25 -2.64 -5.55 6.54
N TRP A 26 -2.86 -4.37 7.10
CA TRP A 26 -2.44 -4.09 8.46
C TRP A 26 -3.34 -4.79 9.48
N GLY A 27 -2.72 -5.45 10.46
CA GLY A 27 -3.49 -6.15 11.47
C GLY A 27 -3.67 -7.61 11.15
N MHO A 28 -2.70 -8.54 11.75
CA MHO A 28 -3.48 -9.63 12.35
CB MHO A 28 -3.72 -10.74 11.31
CG MHO A 28 -4.22 -12.09 11.86
SD MHO A 28 -4.73 -13.17 10.52
CE MHO A 28 -5.09 -14.65 11.47
C MHO A 28 -2.78 -10.17 13.57
O MHO A 28 -3.39 -10.36 14.60
OD1 MHO A 28 -6.13 -12.55 9.69
H MHO A 28 -2.02 -7.94 12.33
HA MHO A 28 -4.45 -9.21 12.69
HB2 MHO A 28 -2.79 -10.93 10.74
HB3 MHO A 28 -4.44 -10.39 10.54
HG2 MHO A 28 -5.07 -11.93 12.55
HG3 MHO A 28 -3.43 -12.60 12.46
HE1 MHO A 28 -4.29 -15.40 11.35
HE2 MHO A 28 -5.18 -14.40 12.54
HE3 MHO A 28 -6.04 -15.10 11.13
N MHO A 29 -1.35 -10.47 13.50
CA MHO A 29 -0.74 -9.85 14.68
CB MHO A 29 -0.69 -10.88 15.85
CG MHO A 29 0.19 -10.49 17.06
SD MHO A 29 -0.46 -8.99 17.82
CE MHO A 29 0.17 -9.23 19.48
C MHO A 29 0.64 -9.33 14.37
O MHO A 29 0.80 -8.11 14.38
OD1 MHO A 29 0.19 -7.54 17.07
H MHO A 29 -1.04 -10.23 12.50
HA MHO A 29 -1.36 -8.99 14.98
HB2 MHO A 29 -0.31 -11.85 15.46
HB3 MHO A 29 -1.71 -11.09 16.21
HG2 MHO A 29 1.22 -10.31 16.73
HG3 MHO A 29 0.23 -11.29 17.81
HE1 MHO A 29 -0.59 -8.96 20.23
HE2 MHO A 29 0.44 -10.30 19.64
HE3 MHO A 29 1.07 -8.62 19.66
N GLY A 30 1.61 -10.19 14.10
CA GLY A 30 2.95 -9.71 13.78
C GLY A 30 3.53 -10.40 12.56
N MHO A 31 4.21 -9.52 11.59
CA MHO A 31 5.49 -10.14 11.29
CB MHO A 31 6.17 -9.42 10.10
CG MHO A 31 5.30 -9.25 8.83
SD MHO A 31 4.89 -10.86 8.17
CE MHO A 31 3.48 -10.38 7.16
C MHO A 31 6.39 -10.13 12.51
O MHO A 31 6.47 -9.10 13.16
OD1 MHO A 31 6.19 -11.53 7.21
H MHO A 31 4.13 -8.52 11.98
HA MHO A 31 5.32 -11.20 11.03
HB2 MHO A 31 7.09 -9.96 9.82
HB3 MHO A 31 6.52 -8.41 10.43
HG2 MHO A 31 5.87 -8.67 8.07
HG3 MHO A 31 4.38 -8.69 9.04
HE1 MHO A 31 3.50 -10.90 6.18
HE2 MHO A 31 2.54 -10.63 7.66
HE3 MHO A 31 3.49 -9.29 6.97
N LEU A 32 7.05 -11.24 12.83
CA LEU A 32 7.92 -11.30 13.99
C LEU A 32 9.16 -10.44 13.79
N ALA A 33 9.80 -10.04 14.88
CA ALA A 33 11.00 -9.22 14.82
C ALA A 33 10.74 -7.94 14.04
N SER A 34 9.64 -7.28 14.35
CA SER A 34 9.27 -6.03 13.68
C SER A 34 9.91 -4.83 14.37
N GLN A 35 9.79 -4.79 15.70
CA GLN A 35 10.36 -3.70 16.48
C GLN A 35 11.88 -3.81 16.55
N GLN A 36 12.37 -4.74 17.36
CA GLN A 36 13.80 -4.94 17.50
C GLN A 36 14.24 -6.26 16.88
N ASN A 37 15.52 -6.36 16.55
CA ASN A 37 16.06 -7.57 15.95
C ASN A 37 16.93 -8.34 16.94
N GLN A 38 17.69 -7.59 17.75
CA GLN A 38 18.57 -8.20 18.74
C GLN A 38 17.77 -8.77 19.90
N SER A 39 16.85 -7.96 20.43
CA SER A 39 16.02 -8.39 21.55
C SER A 39 15.22 -9.64 21.20
N GLY A 40 14.99 -10.48 22.20
CA GLY A 40 14.24 -11.71 21.97
C GLY A 40 15.10 -12.81 21.39
N GLY A 1 -1.34 -14.57 -5.48
CA GLY A 1 -0.49 -14.96 -6.59
C GLY A 1 -0.82 -14.19 -7.86
N GLY A 2 -0.02 -14.42 -8.90
CA GLY A 2 -0.25 -13.74 -10.16
C GLY A 2 1.04 -13.21 -10.76
N MHO A 3 0.95 -11.94 -11.51
CA MHO A 3 2.03 -11.09 -11.01
CB MHO A 3 3.28 -11.25 -11.92
CG MHO A 3 4.49 -10.36 -11.56
SD MHO A 3 5.04 -10.73 -9.89
CE MHO A 3 6.72 -11.25 -10.26
C MHO A 3 1.60 -9.65 -10.93
O MHO A 3 1.79 -8.94 -11.92
OD1 MHO A 3 5.00 -9.31 -8.86
H MHO A 3 -0.09 -11.63 -11.45
HA MHO A 3 2.29 -11.42 -9.98
HB2 MHO A 3 3.00 -11.03 -12.96
HB3 MHO A 3 3.61 -12.31 -11.93
HG2 MHO A 3 4.21 -9.30 -11.62
HG3 MHO A 3 5.34 -10.51 -12.26
HE1 MHO A 3 6.73 -11.92 -11.14
HE2 MHO A 3 7.35 -10.37 -10.47
HE3 MHO A 3 7.15 -11.79 -9.40
N ASN A 4 1.02 -9.22 -9.82
CA ASN A 4 0.58 -7.83 -9.67
C ASN A 4 1.53 -7.04 -8.78
N PHE A 5 2.49 -6.35 -9.39
CA PHE A 5 3.46 -5.57 -8.65
C PHE A 5 3.01 -4.11 -8.55
N GLY A 6 2.42 -3.60 -9.63
CA GLY A 6 1.95 -2.23 -9.64
C GLY A 6 2.20 -1.54 -10.97
N ALA A 7 1.40 -0.53 -11.26
CA ALA A 7 1.53 0.20 -12.52
C ALA A 7 1.52 1.71 -12.28
N PHE A 8 0.51 2.18 -11.55
CA PHE A 8 0.38 3.60 -11.24
C PHE A 8 1.07 3.95 -9.93
N SER A 9 2.31 4.43 -10.03
CA SER A 9 3.09 4.79 -8.86
C SER A 9 2.88 6.26 -8.49
N ILE A 10 2.18 6.50 -7.39
CA ILE A 10 1.91 7.86 -6.94
C ILE A 10 1.97 7.94 -5.42
N ASN A 11 2.40 9.09 -4.91
CA ASN A 11 2.51 9.31 -3.47
C ASN A 11 1.20 8.96 -2.78
N PRO A 12 1.28 8.73 -1.45
CA PRO A 12 0.10 8.39 -0.64
C PRO A 12 -0.86 9.56 -0.49
N ALA A 13 -0.35 10.77 -0.73
CA ALA A 13 -1.15 11.98 -0.60
C ALA A 13 -2.49 11.83 -1.34
N MHO A 14 -2.42 11.18 -2.67
CA MHO A 14 -3.46 10.17 -2.68
CB MHO A 14 -4.59 10.57 -3.66
CG MHO A 14 -5.51 11.71 -3.19
SD MHO A 14 -6.44 11.20 -1.75
CE MHO A 14 -7.96 12.11 -2.06
C MHO A 14 -2.89 8.81 -3.05
O MHO A 14 -2.35 8.63 -4.11
OD1 MHO A 14 -6.71 9.47 -1.73
H MHO A 14 -1.38 10.94 -2.83
HA MHO A 14 -3.87 10.07 -1.66
HB2 MHO A 14 -5.23 9.70 -3.87
HB3 MHO A 14 -4.15 10.85 -4.64
HG2 MHO A 14 -6.22 12.00 -3.99
HG3 MHO A 14 -4.94 12.63 -2.93
HE1 MHO A 14 -8.65 12.03 -1.19
HE2 MHO A 14 -7.74 13.18 -2.23
HE3 MHO A 14 -8.47 11.72 -2.95
N MHO A 15 -3.00 7.71 -2.08
CA MHO A 15 -3.53 6.56 -2.84
CB MHO A 15 -2.41 5.49 -3.00
CG MHO A 15 -1.62 5.53 -4.32
SD MHO A 15 -0.51 4.12 -4.43
CE MHO A 15 -0.66 3.78 -6.18
C MHO A 15 -4.75 5.98 -2.17
O MHO A 15 -4.58 5.36 -1.12
OD1 MHO A 15 1.13 4.55 -3.97
H MHO A 15 -3.52 8.10 -1.23
HA MHO A 15 -3.85 6.91 -3.84
HB2 MHO A 15 -2.86 4.48 -2.91
HB3 MHO A 15 -1.69 5.57 -2.16
HG2 MHO A 15 -1.03 6.47 -4.39
HG3 MHO A 15 -2.30 5.52 -5.20
HE1 MHO A 15 0.20 3.17 -6.53
HE2 MHO A 15 -1.59 3.22 -6.38
HE3 MHO A 15 -0.69 4.72 -6.76
N ALA A 16 -5.94 6.16 -2.73
CA ALA A 16 -7.15 5.61 -2.12
C ALA A 16 -7.17 4.09 -2.21
N ALA A 17 -6.66 3.56 -3.31
CA ALA A 17 -6.62 2.11 -3.51
C ALA A 17 -5.97 1.42 -2.32
N ALA A 18 -4.97 2.05 -1.72
CA ALA A 18 -4.28 1.49 -0.58
C ALA A 18 -5.21 1.37 0.63
N GLN A 19 -5.98 2.43 0.88
CA GLN A 19 -6.90 2.46 2.00
C GLN A 19 -7.92 1.31 1.89
N ALA A 20 -8.46 1.13 0.68
CA ALA A 20 -9.43 0.08 0.45
C ALA A 20 -8.79 -1.30 0.56
N ALA A 21 -7.60 -1.45 -0.02
CA ALA A 21 -6.89 -2.71 0.02
C ALA A 21 -6.79 -3.25 1.45
N LEU A 22 -6.71 -2.33 2.41
CA LEU A 22 -6.60 -2.72 3.81
C LEU A 22 -7.71 -3.71 4.18
N GLN A 23 -8.88 -3.55 3.58
CA GLN A 23 -10.00 -4.43 3.84
C GLN A 23 -9.60 -5.89 3.70
N SER A 24 -8.68 -6.15 2.77
CA SER A 24 -8.22 -7.51 2.52
C SER A 24 -7.21 -7.94 3.58
N SER A 25 -6.38 -6.98 4.03
CA SER A 25 -5.36 -7.26 5.03
C SER A 25 -6.00 -7.52 6.39
N TRP A 26 -5.79 -8.73 6.91
CA TRP A 26 -6.35 -9.10 8.21
C TRP A 26 -5.44 -8.65 9.34
N GLY A 27 -4.17 -9.02 9.26
CA GLY A 27 -3.21 -8.66 10.28
C GLY A 27 -2.28 -7.54 9.84
N MHO A 28 -0.85 -7.74 10.08
CA MHO A 28 -0.18 -7.42 8.82
CB MHO A 28 0.54 -6.05 8.93
CG MHO A 28 -0.26 -4.92 9.59
SD MHO A 28 -1.16 -3.99 8.34
CE MHO A 28 -0.75 -2.33 8.88
C MHO A 28 0.79 -8.51 8.43
O MHO A 28 1.63 -8.91 9.20
OD1 MHO A 28 -0.56 -4.32 6.73
H MHO A 28 -0.76 -8.70 10.54
HA MHO A 28 -0.94 -7.37 8.01
HB2 MHO A 28 0.85 -5.71 7.92
HB3 MHO A 28 1.49 -6.17 9.48
HG2 MHO A 28 0.41 -4.24 10.14
HG3 MHO A 28 -0.99 -5.31 10.33
HE1 MHO A 28 0.33 -2.13 8.78
HE2 MHO A 28 -1.29 -1.58 8.28
HE3 MHO A 28 -1.04 -2.18 9.94
N MHO A 29 0.71 -9.09 7.08
CA MHO A 29 2.08 -9.09 6.55
CB MHO A 29 2.64 -10.53 6.56
CG MHO A 29 2.40 -11.35 7.85
SD MHO A 29 3.78 -11.13 8.98
CE MHO A 29 3.25 -12.25 10.29
C MHO A 29 2.11 -8.51 5.16
O MHO A 29 1.16 -8.73 4.41
OD1 MHO A 29 5.30 -11.62 8.27
H MHO A 29 -0.10 -8.59 6.58
HA MHO A 29 2.70 -8.45 7.20
HB2 MHO A 29 3.73 -10.50 6.38
HB3 MHO A 29 2.24 -11.11 5.69
HG2 MHO A 29 2.29 -12.43 7.60
HG3 MHO A 29 1.46 -11.05 8.36
HE1 MHO A 29 4.11 -12.65 10.83
HE2 MHO A 29 2.60 -11.72 11.00
HE3 MHO A 29 2.67 -13.09 9.86
N GLY A 30 3.16 -7.77 4.81
CA GLY A 30 3.23 -7.18 3.47
C GLY A 30 4.46 -6.31 3.30
N MHO A 31 4.85 -6.01 1.91
CA MHO A 31 5.06 -4.57 1.85
CB MHO A 31 6.56 -4.25 2.11
CG MHO A 31 7.57 -5.02 1.25
SD MHO A 31 9.24 -4.54 1.69
CE MHO A 31 9.59 -3.43 0.34
C MHO A 31 4.61 -4.01 0.51
O MHO A 31 4.71 -4.74 -0.47
OD1 MHO A 31 9.30 -3.72 3.24
H MHO A 31 4.13 -6.51 1.28
HA MHO A 31 4.44 -4.09 2.63
HB2 MHO A 31 6.80 -4.44 3.17
HB3 MHO A 31 6.73 -3.16 1.98
HG2 MHO A 31 7.42 -4.80 0.18
HG3 MHO A 31 7.47 -6.11 1.37
HE1 MHO A 31 9.30 -2.39 0.59
HE2 MHO A 31 10.67 -3.43 0.10
HE3 MHO A 31 9.05 -3.74 -0.57
N LEU A 32 4.15 -2.78 0.46
CA LEU A 32 3.71 -2.18 -0.80
C LEU A 32 4.39 -0.84 -1.04
N ALA A 33 5.68 -0.77 -0.74
CA ALA A 33 6.46 0.45 -0.93
C ALA A 33 5.84 1.61 -0.16
N SER A 34 5.42 1.34 1.08
CA SER A 34 4.80 2.36 1.92
C SER A 34 5.87 3.22 2.59
N GLN A 35 6.90 2.56 3.13
CA GLN A 35 7.98 3.28 3.81
C GLN A 35 7.45 4.21 4.89
N GLN A 36 6.33 3.80 5.50
CA GLN A 36 5.71 4.60 6.55
C GLN A 36 6.46 4.44 7.87
N ASN A 37 7.36 5.37 8.16
CA ASN A 37 8.15 5.33 9.38
C ASN A 37 7.47 6.14 10.49
N GLN A 38 7.44 5.57 11.70
CA GLN A 38 6.82 6.23 12.83
C GLN A 38 7.76 6.26 14.02
N SER A 39 7.69 7.33 14.82
CA SER A 39 8.54 7.47 15.99
C SER A 39 8.16 6.46 17.07
N GLY A 40 6.93 6.57 17.57
CA GLY A 40 6.46 5.66 18.59
C GLY A 40 6.14 4.27 18.05
N GLY A 1 8.03 6.31 5.64
CA GLY A 1 7.00 7.06 4.94
C GLY A 1 6.38 6.26 3.81
N GLY A 2 6.20 4.97 4.03
CA GLY A 2 5.61 4.12 3.00
C GLY A 2 4.10 4.09 3.07
N MHO A 3 3.40 5.36 2.76
CA MHO A 3 2.36 5.02 1.80
CB MHO A 3 1.02 4.75 2.55
CG MHO A 3 0.72 5.67 3.75
SD MHO A 3 -0.88 5.27 4.44
CE MHO A 3 -0.66 5.96 6.09
C MHO A 3 2.18 6.12 0.78
O MHO A 3 1.04 6.39 0.40
OD1 MHO A 3 -2.18 6.06 3.57
H MHO A 3 4.18 6.07 2.53
HA MHO A 3 2.66 4.11 1.24
HB2 MHO A 3 1.02 3.71 2.91
HB3 MHO A 3 0.17 4.80 1.84
HG2 MHO A 3 0.73 6.73 3.43
HG3 MHO A 3 1.49 5.57 4.54
HE1 MHO A 3 -0.43 7.04 6.03
HE2 MHO A 3 -1.57 5.83 6.68
HE3 MHO A 3 0.17 5.46 6.61
N ASN A 4 3.25 6.76 0.33
CA ASN A 4 3.16 7.83 -0.65
C ASN A 4 3.11 7.27 -2.07
N PHE A 5 2.08 6.47 -2.34
CA PHE A 5 1.92 5.87 -3.67
C PHE A 5 0.94 6.67 -4.52
N GLY A 6 1.40 7.08 -5.71
CA GLY A 6 0.56 7.85 -6.60
C GLY A 6 1.23 8.15 -7.91
N ALA A 7 1.55 7.10 -8.68
CA ALA A 7 2.20 7.25 -9.96
C ALA A 7 1.83 6.13 -10.91
N PHE A 8 1.18 6.48 -12.02
CA PHE A 8 0.75 5.49 -13.00
C PHE A 8 -0.13 4.43 -12.37
N SER A 9 -1.10 4.87 -11.57
CA SER A 9 -2.01 3.96 -10.89
C SER A 9 -3.13 3.51 -11.83
N ILE A 10 -3.11 2.24 -12.20
CA ILE A 10 -4.13 1.69 -13.09
C ILE A 10 -5.52 1.86 -12.50
N ASN A 11 -5.62 1.75 -11.19
CA ASN A 11 -6.90 1.89 -10.50
C ASN A 11 -7.58 3.20 -10.87
N PRO A 12 -8.90 3.28 -10.65
CA PRO A 12 -9.69 4.47 -10.95
C PRO A 12 -9.36 5.64 -10.02
N ALA A 13 -9.93 6.81 -10.32
CA ALA A 13 -9.70 7.99 -9.50
C ALA A 13 -10.63 8.02 -8.30
N MHO A 14 -12.06 7.80 -8.58
CA MHO A 14 -12.51 6.79 -7.62
CB MHO A 14 -13.20 7.48 -6.40
CG MHO A 14 -14.17 8.63 -6.75
SD MHO A 14 -15.45 8.73 -5.50
CE MHO A 14 -14.70 9.95 -4.41
C MHO A 14 -13.45 5.81 -8.28
O MHO A 14 -14.11 6.12 -9.25
OD1 MHO A 14 -16.97 9.29 -6.16
H MHO A 14 -12.15 7.66 -9.64
HA MHO A 14 -11.64 6.22 -7.27
HB2 MHO A 14 -12.42 7.88 -5.73
HB3 MHO A 14 -13.74 6.72 -5.81
HG2 MHO A 14 -14.63 8.45 -7.74
HG3 MHO A 14 -13.64 9.60 -6.81
HE1 MHO A 14 -13.90 9.50 -3.81
HE2 MHO A 14 -14.26 10.77 -5.01
HE3 MHO A 14 -15.46 10.38 -3.74
N MHO A 15 -13.56 4.45 -7.74
CA MHO A 15 -14.98 4.18 -7.60
CB MHO A 15 -15.50 3.44 -8.87
CG MHO A 15 -16.98 3.69 -9.24
SD MHO A 15 -17.11 5.17 -10.26
CE MHO A 15 -17.51 4.40 -11.82
C MHO A 15 -15.27 3.36 -6.37
O MHO A 15 -14.33 2.81 -5.81
OD1 MHO A 15 -18.39 6.23 -9.71
H MHO A 15 -12.89 4.41 -6.89
HA MHO A 15 -15.52 5.14 -7.50
HB2 MHO A 15 -15.37 2.35 -8.74
HB3 MHO A 15 -14.87 3.70 -9.74
HG2 MHO A 15 -17.59 3.82 -8.33
HG3 MHO A 15 -17.41 2.84 -9.79
HE1 MHO A 15 -18.23 5.01 -12.39
HE2 MHO A 15 -16.59 4.29 -12.44
HE3 MHO A 15 -17.95 3.40 -11.67
N ALA A 16 -16.51 3.29 -5.92
CA ALA A 16 -16.85 2.52 -4.72
C ALA A 16 -16.30 1.10 -4.81
N ALA A 17 -16.42 0.49 -5.99
CA ALA A 17 -15.93 -0.86 -6.21
C ALA A 17 -14.48 -1.00 -5.77
N ALA A 18 -13.70 0.05 -6.01
CA ALA A 18 -12.29 0.05 -5.64
C ALA A 18 -12.11 -0.20 -4.14
N GLN A 19 -13.01 0.35 -3.34
CA GLN A 19 -12.95 0.17 -1.89
C GLN A 19 -13.05 -1.30 -1.52
N ALA A 20 -14.01 -1.99 -2.11
CA ALA A 20 -14.22 -3.41 -1.84
C ALA A 20 -12.98 -4.23 -2.19
N ALA A 21 -12.38 -3.93 -3.34
CA ALA A 21 -11.19 -4.63 -3.79
C ALA A 21 -10.02 -4.36 -2.86
N LEU A 22 -9.89 -3.11 -2.42
CA LEU A 22 -8.80 -2.73 -1.52
C LEU A 22 -8.90 -3.49 -0.20
N GLN A 23 -10.09 -3.50 0.40
CA GLN A 23 -10.31 -4.18 1.66
C GLN A 23 -9.88 -5.65 1.56
N SER A 24 -10.33 -6.31 0.50
CA SER A 24 -10.01 -7.72 0.29
C SER A 24 -8.51 -7.90 0.06
N SER A 25 -7.90 -6.94 -0.62
CA SER A 25 -6.47 -6.99 -0.92
C SER A 25 -5.90 -5.58 -1.11
N TRP A 26 -5.01 -5.19 -0.21
CA TRP A 26 -4.38 -3.88 -0.29
C TRP A 26 -3.16 -3.90 -1.20
N GLY A 27 -2.16 -4.69 -0.82
CA GLY A 27 -0.95 -4.78 -1.62
C GLY A 27 0.21 -4.03 -1.00
N MHO A 28 0.66 -4.49 0.32
CA MHO A 28 2.11 -4.64 0.24
CB MHO A 28 2.49 -5.47 -1.02
CG MHO A 28 3.82 -6.24 -0.94
SD MHO A 28 4.02 -7.26 -2.39
CE MHO A 28 5.82 -7.31 -2.45
C MHO A 28 2.79 -3.28 0.22
O MHO A 28 3.61 -3.01 -0.62
OD1 MHO A 28 3.33 -8.86 -2.20
H MHO A 28 0.02 -5.32 0.58
HA MHO A 28 2.46 -5.16 1.14
HB2 MHO A 28 2.55 -4.79 -1.90
HB3 MHO A 28 1.67 -6.17 -1.27
HG2 MHO A 28 3.82 -6.90 -0.04
HG3 MHO A 28 4.69 -5.57 -0.84
HE1 MHO A 28 6.21 -6.57 -3.17
HE2 MHO A 28 6.23 -7.08 -1.46
HE3 MHO A 28 6.17 -8.31 -2.75
N MHO A 29 2.43 -2.29 1.25
CA MHO A 29 3.68 -1.79 1.78
CB MHO A 29 3.41 -0.63 2.77
CG MHO A 29 2.69 -1.01 4.09
SD MHO A 29 2.06 0.46 4.90
CE MHO A 29 3.61 1.09 5.55
C MHO A 29 4.47 -2.89 2.46
O MHO A 29 5.67 -2.97 2.22
OD1 MHO A 29 1.31 1.56 3.77
H MHO A 29 1.68 -2.75 1.87
HA MHO A 29 4.31 -1.41 0.94
HB2 MHO A 29 2.79 0.14 2.28
HB3 MHO A 29 4.35 -0.11 3.02
HG2 MHO A 29 3.39 -1.53 4.76
HG3 MHO A 29 1.85 -1.71 3.90
HE1 MHO A 29 4.37 1.16 4.75
HE2 MHO A 29 3.46 2.10 5.98
HE3 MHO A 29 4.00 0.44 6.35
N GLY A 30 3.83 -3.73 3.26
CA GLY A 30 4.55 -4.81 3.93
C GLY A 30 4.28 -4.85 5.42
N MHO A 31 5.39 -5.29 6.27
CA MHO A 31 5.49 -4.30 7.34
CB MHO A 31 4.66 -4.77 8.57
CG MHO A 31 4.30 -3.69 9.60
SD MHO A 31 2.74 -4.09 10.40
CE MHO A 31 2.40 -2.52 11.18
C MHO A 31 6.93 -4.06 7.73
O MHO A 31 7.62 -5.03 8.04
OD1 MHO A 31 1.50 -4.54 9.24
H MHO A 31 6.22 -5.49 5.61
HA MHO A 31 5.09 -3.34 6.98
HB2 MHO A 31 5.22 -5.57 9.11
HB3 MHO A 31 3.73 -5.27 8.23
HG2 MHO A 31 4.19 -2.71 9.09
HG3 MHO A 31 5.08 -3.58 10.37
HE1 MHO A 31 3.08 -1.74 10.80
HE2 MHO A 31 1.37 -2.20 10.97
HE3 MHO A 31 2.52 -2.59 12.27
N LEU A 32 7.40 -2.82 7.73
CA LEU A 32 8.78 -2.51 8.09
C LEU A 32 9.03 -2.83 9.57
N ALA A 33 9.94 -3.77 9.82
CA ALA A 33 10.29 -4.15 11.17
C ALA A 33 10.82 -2.97 11.97
N SER A 34 10.23 -2.73 13.14
CA SER A 34 10.64 -1.62 13.99
C SER A 34 12.10 -1.76 14.39
N GLN A 35 12.51 -2.99 14.69
CA GLN A 35 13.89 -3.24 15.09
C GLN A 35 14.59 -4.15 14.08
N GLN A 36 15.90 -3.96 13.93
CA GLN A 36 16.68 -4.77 12.99
C GLN A 36 17.97 -5.26 13.63
N ASN A 37 18.50 -6.36 13.12
CA ASN A 37 19.73 -6.93 13.65
C ASN A 37 20.91 -5.99 13.42
N GLN A 38 21.98 -6.21 14.17
CA GLN A 38 23.17 -5.38 14.05
C GLN A 38 24.38 -6.22 13.66
N SER A 39 24.21 -7.10 12.70
CA SER A 39 25.28 -7.96 12.24
C SER A 39 25.47 -7.86 10.73
N GLY A 40 25.52 -6.63 10.23
CA GLY A 40 25.69 -6.40 8.81
C GLY A 40 26.61 -5.23 8.51
N GLY A 1 3.73 -5.27 -7.79
CA GLY A 1 2.66 -4.39 -7.35
C GLY A 1 2.08 -3.58 -8.49
N GLY A 2 2.95 -3.00 -9.31
CA GLY A 2 2.50 -2.19 -10.43
C GLY A 2 3.36 -0.96 -10.65
N MHO A 3 4.40 -1.07 -11.69
CA MHO A 3 4.27 0.12 -12.51
CB MHO A 3 5.15 1.27 -11.95
CG MHO A 3 6.67 0.98 -11.87
SD MHO A 3 7.59 2.52 -11.91
CE MHO A 3 9.20 1.85 -12.34
C MHO A 3 4.64 -0.17 -13.95
O MHO A 3 5.24 0.68 -14.58
OD1 MHO A 3 6.98 3.61 -13.13
H MHO A 3 4.33 -2.06 -12.09
HA MHO A 3 3.21 0.44 -12.51
HB2 MHO A 3 4.79 1.52 -10.93
HB3 MHO A 3 4.99 2.19 -12.55
HG2 MHO A 3 6.97 0.34 -12.72
HG3 MHO A 3 6.92 0.42 -10.94
HE1 MHO A 3 9.74 1.52 -11.43
HE2 MHO A 3 9.09 0.99 -13.01
HE3 MHO A 3 9.81 2.62 -12.85
N ASN A 4 4.29 -1.35 -14.47
CA ASN A 4 4.61 -1.70 -15.85
C ASN A 4 3.89 -0.77 -16.83
N PHE A 5 2.62 -0.49 -16.55
CA PHE A 5 1.83 0.37 -17.41
C PHE A 5 0.79 1.15 -16.59
N GLY A 6 0.98 2.45 -16.50
CA GLY A 6 0.06 3.28 -15.74
C GLY A 6 0.19 4.76 -16.07
N ALA A 7 0.87 5.50 -15.20
CA ALA A 7 1.07 6.93 -15.40
C ALA A 7 -0.26 7.66 -15.54
N PHE A 8 -1.15 7.42 -14.58
CA PHE A 8 -2.46 8.07 -14.59
C PHE A 8 -2.63 8.98 -13.38
N SER A 9 -2.48 10.28 -13.62
CA SER A 9 -2.62 11.26 -12.55
C SER A 9 -3.96 11.99 -12.65
N ILE A 10 -4.88 11.65 -11.75
CA ILE A 10 -6.19 12.28 -11.73
C ILE A 10 -6.78 12.30 -10.33
N ASN A 11 -7.78 13.14 -10.12
CA ASN A 11 -8.42 13.26 -8.82
C ASN A 11 -9.85 12.76 -8.87
N PRO A 12 -10.01 11.42 -8.87
CA PRO A 12 -11.33 10.78 -8.93
C PRO A 12 -12.11 10.97 -7.63
N ALA A 13 -13.43 10.75 -7.70
CA ALA A 13 -14.29 10.89 -6.53
C ALA A 13 -14.00 9.79 -5.51
N MHO A 14 -14.08 8.41 -6.01
CA MHO A 14 -12.87 7.75 -5.55
CB MHO A 14 -13.17 6.93 -4.26
CG MHO A 14 -12.86 7.64 -2.92
SD MHO A 14 -12.74 6.43 -1.60
CE MHO A 14 -14.34 6.69 -0.84
C MHO A 14 -12.29 6.86 -6.62
O MHO A 14 -12.82 6.76 -7.70
OD1 MHO A 14 -12.55 4.80 -2.20
H MHO A 14 -14.33 8.48 -7.06
HA MHO A 14 -12.11 8.52 -5.31
HB2 MHO A 14 -12.59 5.99 -4.27
HB3 MHO A 14 -14.23 6.62 -4.25
HG2 MHO A 14 -13.66 8.36 -2.68
HG3 MHO A 14 -11.91 8.21 -2.97
HE1 MHO A 14 -14.98 7.32 -1.48
HE2 MHO A 14 -14.86 5.72 -0.70
HE3 MHO A 14 -14.24 7.18 0.14
N MHO A 15 -11.06 6.10 -6.34
CA MHO A 15 -11.32 4.73 -6.75
CB MHO A 15 -10.00 3.90 -6.72
CG MHO A 15 -8.77 4.58 -7.37
SD MHO A 15 -7.27 3.80 -6.78
CE MHO A 15 -6.09 4.70 -7.77
C MHO A 15 -12.38 4.09 -5.88
O MHO A 15 -12.08 3.78 -4.74
OD1 MHO A 15 -7.03 4.05 -5.06
H MHO A 15 -10.78 6.34 -5.32
HA MHO A 15 -11.71 4.74 -7.79
HB2 MHO A 15 -10.17 2.94 -7.22
HB3 MHO A 15 -9.75 3.64 -5.67
HG2 MHO A 15 -8.75 5.66 -7.12
HG3 MHO A 15 -8.81 4.51 -8.47
HE1 MHO A 15 -6.29 5.80 -7.72
HE2 MHO A 15 -5.06 4.52 -7.39
HE3 MHO A 15 -6.12 4.38 -8.82
N ALA A 16 -13.59 3.88 -6.39
CA ALA A 16 -14.65 3.26 -5.61
C ALA A 16 -14.54 1.74 -5.62
N ALA A 17 -14.13 1.20 -6.76
CA ALA A 17 -13.97 -0.24 -6.91
C ALA A 17 -12.70 -0.73 -6.23
N ALA A 18 -11.61 0.01 -6.43
CA ALA A 18 -10.32 -0.34 -5.83
C ALA A 18 -10.45 -0.56 -4.33
N GLN A 19 -11.21 0.32 -3.68
CA GLN A 19 -11.42 0.23 -2.23
C GLN A 19 -11.88 -1.17 -1.84
N ALA A 20 -12.72 -1.78 -2.68
CA ALA A 20 -13.23 -3.12 -2.42
C ALA A 20 -12.11 -4.15 -2.45
N ALA A 21 -11.23 -4.03 -3.42
CA ALA A 21 -10.11 -4.95 -3.56
C ALA A 21 -9.21 -4.91 -2.32
N LEU A 22 -8.84 -3.71 -1.90
CA LEU A 22 -7.98 -3.53 -0.74
C LEU A 22 -8.69 -4.00 0.53
N GLN A 23 -9.97 -3.70 0.63
CA GLN A 23 -10.76 -4.10 1.79
C GLN A 23 -10.77 -5.61 1.96
N SER A 24 -10.94 -6.32 0.84
CA SER A 24 -10.97 -7.78 0.86
C SER A 24 -9.61 -8.34 1.25
N SER A 25 -8.54 -7.67 0.81
CA SER A 25 -7.19 -8.11 1.11
C SER A 25 -6.76 -7.64 2.49
N TRP A 26 -5.86 -8.40 3.11
CA TRP A 26 -5.37 -8.06 4.44
C TRP A 26 -4.65 -6.72 4.43
N GLY A 27 -3.82 -6.51 3.42
CA GLY A 27 -3.09 -5.26 3.32
C GLY A 27 -1.67 -5.37 3.83
N MHO A 28 -1.11 -4.17 4.46
CA MHO A 28 -0.53 -4.59 5.72
CB MHO A 28 -1.56 -5.44 6.52
CG MHO A 28 -1.39 -5.46 8.05
SD MHO A 28 -2.22 -4.05 8.79
CE MHO A 28 -1.40 -4.04 10.38
C MHO A 28 0.75 -5.36 5.51
O MHO A 28 1.00 -6.36 6.13
OD1 MHO A 28 -1.94 -2.58 7.88
H MHO A 28 -1.88 -3.41 4.41
HA MHO A 28 -0.27 -3.70 6.32
HB2 MHO A 28 -1.53 -6.48 6.16
HB3 MHO A 28 -2.59 -5.10 6.28
HG2 MHO A 28 -0.31 -5.42 8.32
HG3 MHO A 28 -1.79 -6.39 8.50
HE1 MHO A 28 -1.26 -5.06 10.76
HE2 MHO A 28 -0.40 -3.56 10.29
HE3 MHO A 28 -1.98 -3.46 11.12
N MHO A 29 1.71 -4.88 4.50
CA MHO A 29 3.02 -4.88 5.15
CB MHO A 29 4.11 -4.48 4.12
CG MHO A 29 4.05 -5.22 2.76
SD MHO A 29 4.92 -6.78 2.86
CE MHO A 29 4.65 -7.35 1.18
C MHO A 29 3.03 -3.93 6.33
O MHO A 29 2.31 -2.94 6.29
OD1 MHO A 29 6.62 -6.57 3.22
H MHO A 29 1.28 -3.99 4.08
HA MHO A 29 3.23 -5.89 5.54
HB2 MHO A 29 5.11 -4.68 4.56
HB3 MHO A 29 4.09 -3.39 3.94
HG2 MHO A 29 4.51 -4.58 1.98
HG3 MHO A 29 3.01 -5.39 2.45
HE1 MHO A 29 5.30 -6.81 0.47
HE2 MHO A 29 4.87 -8.43 1.11
HE3 MHO A 29 3.59 -7.20 0.88
N GLY A 30 3.81 -4.22 7.37
CA GLY A 30 3.86 -3.34 8.52
C GLY A 30 4.22 -4.08 9.80
N MHO A 31 5.62 -4.45 9.96
CA MHO A 31 6.02 -4.02 11.30
CB MHO A 31 5.87 -5.20 12.30
CG MHO A 31 5.67 -4.82 13.78
SD MHO A 31 5.29 -6.28 14.75
CE MHO A 31 6.22 -5.89 16.23
C MHO A 31 7.42 -3.48 11.31
O MHO A 31 8.34 -4.24 11.64
OD1 MHO A 31 3.58 -6.42 15.06
H MHO A 31 6.13 -4.09 9.08
HA MHO A 31 5.35 -3.19 11.61
HB2 MHO A 31 6.76 -5.86 12.23
HB3 MHO A 31 5.02 -5.85 11.98
HG2 MHO A 31 4.85 -4.09 13.88
HG3 MHO A 31 6.58 -4.33 14.19
HE1 MHO A 31 7.30 -5.91 16.03
HE2 MHO A 31 5.95 -4.88 16.58
HE3 MHO A 31 6.00 -6.61 17.03
N LEU A 32 7.63 -2.21 10.97
CA LEU A 32 8.97 -1.63 10.96
C LEU A 32 9.61 -1.72 12.33
N ALA A 33 10.93 -1.90 12.36
CA ALA A 33 11.67 -2.00 13.62
C ALA A 33 12.00 -0.62 14.17
N SER A 34 11.37 -0.26 15.27
CA SER A 34 11.60 1.05 15.90
C SER A 34 12.69 0.96 16.96
N GLN A 35 12.59 -0.06 17.82
CA GLN A 35 13.56 -0.27 18.87
C GLN A 35 14.84 -0.89 18.33
N GLN A 36 15.98 -0.33 18.71
CA GLN A 36 17.27 -0.83 18.25
C GLN A 36 17.92 -1.70 19.32
N ASN A 37 18.37 -2.89 18.91
CA ASN A 37 19.01 -3.82 19.84
C ASN A 37 20.45 -4.11 19.41
N GLN A 38 21.40 -3.51 20.10
CA GLN A 38 22.81 -3.71 19.79
C GLN A 38 23.19 -5.18 19.90
N SER A 39 24.42 -5.50 19.50
CA SER A 39 24.90 -6.88 19.55
C SER A 39 25.35 -7.25 20.96
N GLY A 40 25.67 -8.53 21.16
CA GLY A 40 26.12 -8.98 22.46
C GLY A 40 26.11 -10.50 22.58
#